data_6L49
#
_entry.id   6L49
#
_cell.length_a   1.00
_cell.length_b   1.00
_cell.length_c   1.00
_cell.angle_alpha   90.00
_cell.angle_beta   90.00
_cell.angle_gamma   90.00
#
_symmetry.space_group_name_H-M   'P 1'
#
loop_
_entity.id
_entity.type
_entity.pdbx_description
1 polymer 'Histone H3-like centromeric protein A'
2 polymer 'Histone H4'
3 polymer 'Histone H2A type 1-B/E'
4 polymer 'Histone H2B type 1-J'
5 polymer 'DNA (485-MER)'
6 polymer 'DNA (485-MER)'
7 polymer 'Histone H3.1'
#
loop_
_entity_poly.entity_id
_entity_poly.type
_entity_poly.pdbx_seq_one_letter_code
_entity_poly.pdbx_strand_id
1 'polypeptide(L)'
;GSHMGPRRRSRKPEAPRRRSPSPTPTPGPSRRGPSLGASSHQHSRRRQGWLKEIRKLQKSTHLLIRKLPFSRLAREICVK
FTRGVDFNWQAQALLALQEAAEAFLVHLFEDAYLLTLHAGRVTLFPKDVQLARRIRGLEEGLG
;
A,E
2 'polypeptide(L)'
;GSHMSGRGKGGKGLGKGGAKRHRKVLRDNIQGITKPAIRRLARRGGVKRISGLIYEETRGVLKVFLENVIRDAVTYTEHA
KRKTVTAMDVVYALKRQGRTLYGFGG
;
B,F,L,P,T,X
3 'polypeptide(L)'
;GSHMSGRGKQGGKARAKAKTRSSRAGLQFPVGRVHRLLRKGNYSERVGAGAPVYLAAVLEYLTAEILELAGNAARDNKKT
RIIPRHLQLAIRNDEELNKLLGRVTIAQGGVLPNIQAVLLPKKTESHHKAKGK
;
C,G,M,Q,U,Y
4 'polypeptide(L)'
;GSHMPEPAKSAPAPKKGSKKAVTKAQKKDGKKRKRSRKESYSIYVYKVLKQVHPDTGISSKAMGIMNSFVNDIFERIAGE
ASRLAHYNKRSTITSREIQTAVRLLLPGELAKHAVSEGTKAVTKYTSAK
;
D,H,N,R,V,Z
5 'polydeoxyribonucleotide'
;(DA)(DT)(DC)(DA)(DG)(DA)(DA)(DT)(DC)(DC)(DC)(DG)(DG)(DT)(DG)(DC)(DC)(DG)(DA)(DG)
(DG)(DC)(DC)(DG)(DC)(DT)(DC)(DA)(DA)(DT)(DT)(DG)(DG)(DT)(DC)(DG)(DT)(DA)(DG)(DA)
(DC)(DA)(DG)(DC)(DT)(DC)(DT)(DA)(DG)(DC)(DA)(DC)(DC)(DG)(DC)(DT)(DT)(DA)(DA)(DA)
(DC)(DG)(DC)(DA)(DC)(DG)(DT)(DA)(DC)(DG)(DC)(DG)(DC)(DT)(DG)(DT)(DC)(DC)(DC)(DC)
(DC)(DG)(DC)(DG)(DT)(DT)(DT)(DT)(DA)(DA)(DC)(DC)(DG)(DC)(DC)(DA)(DA)(DG)(DG)(DG)
(DG)(DA)(DT)(DT)(DA)(DC)(DT)(DC)(DC)(DC)(DT)(DA)(DG)(DT)(DC)(DT)(DC)(DC)(DA)(DG)
(DG)(DC)(DA)(DC)(DG)(DT)(DG)(DT)(DC)(DA)(DG)(DA)(DT)(DA)(DT)(DA)(DT)(DA)(DC)(DA)
(DT)(DC)(DG)(DA)(DT)(DT)(DG)(DG)(DA)(DT)(DA)(DG)(DG)(DC)(DC)(DC)(DG)(DG)(DA)(DC)
(DG)(DG)(DC)(DC)(DT)(DG)(DG)(DA)(DT)(DA)(DA)(DT)(DC)(DA)(DG)(DA)(DA)(DT)(DC)(DC)
(DC)(DG)(DG)(DT)(DG)(DC)(DC)(DG)(DA)(DG)(DG)(DC)(DC)(DG)(DC)(DT)(DC)(DA)(DA)(DT)
(DT)(DG)(DG)(DT)(DC)(DG)(DT)(DA)(DG)(DA)(DC)(DA)(DG)(DC)(DT)(DC)(DT)(DA)(DG)(DC)
(DA)(DC)(DC)(DG)(DC)(DT)(DT)(DA)(DA)(DA)(DC)(DG)(DC)(DA)(DC)(DG)(DT)(DA)(DC)(DG)
(DC)(DG)(DC)(DT)(DG)(DT)(DC)(DC)(DC)(DC)(DC)(DG)(DC)(DG)(DT)(DT)(DT)(DT)(DA)(DA)
(DC)(DC)(DG)(DC)(DC)(DA)(DA)(DG)(DG)(DG)(DG)(DA)(DT)(DT)(DA)(DC)(DT)(DC)(DC)(DC)
(DT)(DA)(DG)(DT)(DC)(DT)(DC)(DC)(DA)(DG)(DG)(DC)(DA)(DC)(DG)(DT)(DG)(DT)(DC)(DA)
(DG)(DA)(DT)(DA)(DT)(DA)(DT)(DA)(DC)(DA)(DT)(DC)(DG)(DA)(DT)(DT)(DG)(DG)(DA)(DT)
(DA)(DG)(DG)(DC)(DC)(DC)(DC)(DA)(DA)(DC)(DG)(DG)(DC)(DC)(DT)(DG)(DG)(DA)(DT)(DA)
(DA)(DT)(DC)(DA)(DG)(DA)(DA)(DT)(DC)(DC)(DC)(DG)(DG)(DT)(DG)(DC)(DC)(DG)(DA)(DG)
(DG)(DC)(DC)(DG)(DC)(DT)(DC)(DA)(DA)(DT)(DT)(DG)(DG)(DT)(DC)(DG)(DT)(DA)(DG)(DA)
(DC)(DA)(DG)(DC)(DT)(DC)(DT)(DA)(DG)(DC)(DA)(DC)(DC)(DG)(DC)(DT)(DT)(DA)(DA)(DA)
(DC)(DG)(DC)(DA)(DC)(DG)(DT)(DA)(DC)(DG)(DC)(DG)(DC)(DT)(DG)(DT)(DC)(DC)(DC)(DC)
(DC)(DG)(DC)(DG)(DT)(DT)(DT)(DT)(DA)(DA)(DC)(DC)(DG)(DC)(DC)(DA)(DA)(DG)(DG)(DG)
(DG)(DA)(DT)(DT)(DA)(DC)(DT)(DC)(DC)(DC)(DT)(DA)(DG)(DT)(DC)(DT)(DC)(DC)(DA)(DG)
(DG)(DC)(DA)(DC)(DG)(DT)(DG)(DT)(DC)(DA)(DG)(DA)(DT)(DA)(DT)(DA)(DT)(DA)(DC)(DA)
(DT)(DC)(DG)(DA)(DT)
;
I
6 'polydeoxyribonucleotide'
;(DA)(DT)(DC)(DG)(DA)(DT)(DG)(DT)(DA)(DT)(DA)(DT)(DA)(DT)(DC)(DT)(DG)(DA)(DC)(DA)
(DC)(DG)(DT)(DG)(DC)(DC)(DT)(DG)(DG)(DA)(DG)(DA)(DC)(DT)(DA)(DG)(DG)(DG)(DA)(DG)
(DT)(DA)(DA)(DT)(DC)(DC)(DC)(DC)(DT)(DT)(DG)(DG)(DC)(DG)(DG)(DT)(DT)(DA)(DA)(DA)
(DA)(DC)(DG)(DC)(DG)(DG)(DG)(DG)(DG)(DA)(DC)(DA)(DG)(DC)(DG)(DC)(DG)(DT)(DA)(DC)
(DG)(DT)(DG)(DC)(DG)(DT)(DT)(DT)(DA)(DA)(DG)(DC)(DG)(DG)(DT)(DG)(DC)(DT)(DA)(DG)
(DA)(DG)(DC)(DT)(DG)(DT)(DC)(DT)(DA)(DC)(DG)(DA)(DC)(DC)(DA)(DA)(DT)(DT)(DG)(DA)
(DG)(DC)(DG)(DG)(DC)(DC)(DT)(DC)(DG)(DG)(DC)(DA)(DC)(DC)(DG)(DG)(DG)(DA)(DT)(DT)
(DC)(DT)(DG)(DA)(DT)(DT)(DA)(DT)(DC)(DC)(DA)(DG)(DG)(DC)(DC)(DG)(DT)(DT)(DG)(DG)
(DG)(DG)(DC)(DC)(DT)(DA)(DT)(DC)(DC)(DA)(DA)(DT)(DC)(DG)(DA)(DT)(DG)(DT)(DA)(DT)
(DA)(DT)(DA)(DT)(DC)(DT)(DG)(DA)(DC)(DA)(DC)(DG)(DT)(DG)(DC)(DC)(DT)(DG)(DG)(DA)
(DG)(DA)(DC)(DT)(DA)(DG)(DG)(DG)(DA)(DG)(DT)(DA)(DA)(DT)(DC)(DC)(DC)(DC)(DT)(DT)
(DG)(DG)(DC)(DG)(DG)(DT)(DT)(DA)(DA)(DA)(DA)(DC)(DG)(DC)(DG)(DG)(DG)(DG)(DG)(DA)
(DC)(DA)(DG)(DC)(DG)(DC)(DG)(DT)(DA)(DC)(DG)(DT)(DG)(DC)(DG)(DT)(DT)(DT)(DA)(DA)
(DG)(DC)(DG)(DG)(DT)(DG)(DC)(DT)(DA)(DG)(DA)(DG)(DC)(DT)(DG)(DT)(DC)(DT)(DA)(DC)
(DG)(DA)(DC)(DC)(DA)(DA)(DT)(DT)(DG)(DA)(DG)(DC)(DG)(DG)(DC)(DC)(DT)(DC)(DG)(DG)
(DC)(DA)(DC)(DC)(DG)(DG)(DG)(DA)(DT)(DT)(DC)(DT)(DG)(DA)(DT)(DT)(DA)(DT)(DC)(DC)
(DA)(DG)(DG)(DC)(DC)(DG)(DT)(DC)(DC)(DG)(DG)(DG)(DC)(DC)(DT)(DA)(DT)(DC)(DC)(DA)
(DA)(DT)(DC)(DG)(DA)(DT)(DG)(DT)(DA)(DT)(DA)(DT)(DA)(DT)(DC)(DT)(DG)(DA)(DC)(DA)
(DC)(DG)(DT)(DG)(DC)(DC)(DT)(DG)(DG)(DA)(DG)(DA)(DC)(DT)(DA)(DG)(DG)(DG)(DA)(DG)
(DT)(DA)(DA)(DT)(DC)(DC)(DC)(DC)(DT)(DT)(DG)(DG)(DC)(DG)(DG)(DT)(DT)(DA)(DA)(DA)
(DA)(DC)(DG)(DC)(DG)(DG)(DG)(DG)(DG)(DA)(DC)(DA)(DG)(DC)(DG)(DC)(DG)(DT)(DA)(DC)
(DG)(DT)(DG)(DC)(DG)(DT)(DT)(DT)(DA)(DA)(DG)(DC)(DG)(DG)(DT)(DG)(DC)(DT)(DA)(DG)
(DA)(DG)(DC)(DT)(DG)(DT)(DC)(DT)(DA)(DC)(DG)(DA)(DC)(DC)(DA)(DA)(DT)(DT)(DG)(DA)
(DG)(DC)(DG)(DG)(DC)(DC)(DT)(DC)(DG)(DG)(DC)(DA)(DC)(DC)(DG)(DG)(DG)(DA)(DT)(DT)
(DC)(DT)(DG)(DA)(DT)
;
J
7 'polypeptide(L)'
;GSHMARTKQTARKSTGGKAPRKQLATKAARKSAPATGGVKKPHRYRPGTVALREIRRYQKSTELLIRKLPFQRLVREIAQ
DFKTDLRFQSSAVMALQEACEAYLVGLFEDTNLCAIHAKRVTIMPKDIQLARRIRGERA
;
K,O,S,W
#
# COMPACT_ATOMS: atom_id res chain seq x y z
N GLY A 49 79.73 -9.70 -38.98
CA GLY A 49 80.97 -9.12 -39.46
C GLY A 49 80.76 -8.03 -40.48
N TRP A 50 79.82 -7.12 -40.21
CA TRP A 50 79.55 -5.99 -41.07
C TRP A 50 80.69 -4.97 -40.99
N LEU A 51 81.16 -4.72 -39.77
CA LEU A 51 82.23 -3.75 -39.54
C LEU A 51 83.59 -4.42 -39.51
N LYS A 52 83.63 -5.74 -39.64
CA LYS A 52 84.86 -6.50 -39.54
C LYS A 52 85.40 -6.94 -40.91
N GLU A 53 84.55 -7.50 -41.76
CA GLU A 53 84.97 -8.03 -43.05
C GLU A 53 85.26 -6.94 -44.07
N ILE A 54 84.83 -5.70 -43.81
CA ILE A 54 85.04 -4.60 -44.74
C ILE A 54 86.48 -4.12 -44.60
N ARG A 55 87.03 -4.24 -43.39
CA ARG A 55 88.38 -3.72 -43.15
C ARG A 55 89.47 -4.79 -43.24
N LYS A 56 89.17 -5.97 -43.75
CA LYS A 56 90.16 -7.05 -43.86
C LYS A 56 90.67 -7.28 -45.27
N LEU A 57 89.77 -7.40 -46.25
CA LEU A 57 90.18 -7.66 -47.62
C LEU A 57 90.80 -6.44 -48.28
N GLN A 58 90.44 -5.23 -47.84
CA GLN A 58 91.06 -4.03 -48.38
C GLN A 58 92.49 -3.87 -47.88
N LYS A 59 92.74 -4.27 -46.63
CA LYS A 59 94.11 -4.32 -46.12
C LYS A 59 94.90 -5.47 -46.73
N SER A 60 94.21 -6.57 -47.10
CA SER A 60 94.86 -7.68 -47.78
C SER A 60 95.11 -7.30 -49.24
N THR A 61 96.01 -8.04 -49.89
CA THR A 61 96.41 -7.69 -51.26
C THR A 61 96.39 -8.87 -52.24
N HIS A 62 96.07 -10.08 -51.80
CA HIS A 62 96.14 -11.24 -52.67
C HIS A 62 94.86 -11.37 -53.50
N LEU A 63 94.73 -12.49 -54.20
CA LEU A 63 93.62 -12.73 -55.10
C LEU A 63 92.36 -13.13 -54.33
N LEU A 64 91.21 -12.96 -54.99
CA LEU A 64 89.93 -13.35 -54.45
C LEU A 64 89.23 -14.42 -55.27
N ILE A 65 89.37 -14.40 -56.59
CA ILE A 65 88.86 -15.44 -57.46
C ILE A 65 89.90 -16.55 -57.50
N ARG A 66 89.44 -17.81 -57.47
CA ARG A 66 90.35 -18.94 -57.54
C ARG A 66 90.98 -19.02 -58.93
N LYS A 67 92.19 -19.58 -58.99
CA LYS A 67 92.99 -19.52 -60.21
C LYS A 67 92.49 -20.52 -61.25
N LEU A 68 92.14 -21.74 -60.81
CA LEU A 68 91.81 -22.80 -61.77
C LEU A 68 90.43 -22.66 -62.41
N PRO A 69 89.33 -22.30 -61.70
CA PRO A 69 88.08 -22.04 -62.45
C PRO A 69 88.16 -20.80 -63.34
N PHE A 70 88.94 -19.80 -62.94
CA PHE A 70 89.17 -18.64 -63.82
C PHE A 70 89.95 -19.03 -65.06
N SER A 71 90.92 -19.93 -64.91
CA SER A 71 91.69 -20.42 -66.05
C SER A 71 90.82 -21.27 -66.97
N ARG A 72 89.92 -22.07 -66.39
CA ARG A 72 89.02 -22.87 -67.20
C ARG A 72 88.01 -22.01 -67.95
N LEU A 73 87.54 -20.93 -67.31
CA LEU A 73 86.64 -19.99 -67.98
C LEU A 73 87.37 -19.22 -69.08
N ALA A 74 88.63 -18.86 -68.84
CA ALA A 74 89.43 -18.15 -69.85
C ALA A 74 89.70 -19.05 -71.05
N ARG A 75 89.94 -20.35 -70.81
CA ARG A 75 90.12 -21.28 -71.92
C ARG A 75 88.81 -21.54 -72.66
N GLU A 76 87.69 -21.58 -71.95
CA GLU A 76 86.40 -21.80 -72.59
C GLU A 76 85.98 -20.59 -73.41
N ILE A 77 86.45 -19.40 -73.03
CA ILE A 77 86.27 -18.22 -73.86
C ILE A 77 87.27 -18.20 -75.03
N CYS A 78 88.50 -18.66 -74.79
CA CYS A 78 89.54 -18.65 -75.83
C CYS A 78 89.25 -19.62 -76.97
N VAL A 79 88.58 -20.74 -76.69
CA VAL A 79 88.25 -21.68 -77.76
C VAL A 79 87.15 -21.15 -78.67
N LYS A 80 86.43 -20.10 -78.26
CA LYS A 80 85.44 -19.48 -79.14
C LYS A 80 86.10 -18.71 -80.28
N PHE A 81 87.14 -17.94 -79.97
CA PHE A 81 87.75 -17.06 -80.96
C PHE A 81 88.98 -17.68 -81.60
N THR A 82 89.10 -19.01 -81.53
CA THR A 82 90.19 -19.70 -82.20
C THR A 82 89.70 -20.76 -83.18
N ARG A 83 88.46 -20.64 -83.68
CA ARG A 83 87.81 -21.57 -84.60
C ARG A 83 87.71 -23.00 -84.07
N GLY A 84 87.73 -23.19 -82.76
CA GLY A 84 87.55 -24.51 -82.19
C GLY A 84 88.80 -25.37 -82.14
N VAL A 85 89.87 -24.87 -81.53
CA VAL A 85 91.12 -25.59 -81.37
C VAL A 85 91.60 -25.36 -79.94
N ASP A 86 92.37 -26.31 -79.40
CA ASP A 86 93.01 -26.17 -78.10
C ASP A 86 94.08 -25.08 -78.18
N PHE A 87 94.39 -24.50 -77.02
CA PHE A 87 95.25 -23.31 -77.00
C PHE A 87 96.07 -23.24 -75.72
N ASN A 88 97.36 -22.94 -75.85
CA ASN A 88 98.23 -22.85 -74.69
C ASN A 88 98.14 -21.47 -74.05
N TRP A 89 98.03 -21.44 -72.73
CA TRP A 89 97.92 -20.20 -71.96
C TRP A 89 99.05 -20.17 -70.94
N GLN A 90 99.89 -19.15 -71.01
CA GLN A 90 101.01 -18.98 -70.10
C GLN A 90 100.54 -18.72 -68.68
N ALA A 91 101.39 -19.03 -67.71
CA ALA A 91 101.04 -18.84 -66.31
C ALA A 91 100.96 -17.36 -65.94
N GLN A 92 101.73 -16.52 -66.63
CA GLN A 92 101.65 -15.08 -66.40
C GLN A 92 100.42 -14.48 -67.07
N ALA A 93 100.05 -15.04 -68.24
CA ALA A 93 98.91 -14.53 -69.00
C ALA A 93 97.58 -14.79 -68.32
N LEU A 94 97.45 -15.88 -67.56
CA LEU A 94 96.21 -16.13 -66.84
C LEU A 94 96.11 -15.26 -65.59
N LEU A 95 97.24 -15.08 -64.89
CA LEU A 95 97.25 -14.22 -63.71
C LEU A 95 97.06 -12.75 -64.09
N ALA A 96 97.49 -12.37 -65.30
CA ALA A 96 97.24 -11.02 -65.79
C ALA A 96 95.76 -10.78 -66.01
N LEU A 97 95.08 -11.75 -66.62
CA LEU A 97 93.63 -11.69 -66.81
C LEU A 97 92.90 -11.67 -65.47
N GLN A 98 93.41 -12.43 -64.50
CA GLN A 98 92.80 -12.47 -63.17
C GLN A 98 92.94 -11.14 -62.43
N GLU A 99 94.15 -10.58 -62.46
CA GLU A 99 94.44 -9.30 -61.80
C GLU A 99 93.71 -8.15 -62.49
N ALA A 100 93.48 -8.27 -63.80
CA ALA A 100 92.70 -7.27 -64.50
C ALA A 100 91.22 -7.37 -64.15
N ALA A 101 90.67 -8.59 -64.17
CA ALA A 101 89.24 -8.77 -64.00
C ALA A 101 88.80 -8.51 -62.56
N GLU A 102 89.64 -8.88 -61.59
CA GLU A 102 89.34 -8.64 -60.18
C GLU A 102 89.29 -7.15 -59.87
N ALA A 103 90.28 -6.41 -60.38
CA ALA A 103 90.36 -4.97 -60.21
C ALA A 103 89.22 -4.27 -60.93
N PHE A 104 88.86 -4.74 -62.12
CA PHE A 104 87.72 -4.21 -62.86
C PHE A 104 86.39 -4.46 -62.13
N LEU A 105 86.23 -5.64 -61.52
CA LEU A 105 85.00 -5.93 -60.80
C LEU A 105 84.89 -5.14 -59.51
N VAL A 106 86.00 -4.96 -58.78
CA VAL A 106 85.91 -4.20 -57.53
C VAL A 106 85.77 -2.71 -57.85
N HIS A 107 86.27 -2.27 -59.01
CA HIS A 107 86.05 -0.89 -59.43
C HIS A 107 84.60 -0.67 -59.85
N LEU A 108 84.02 -1.62 -60.57
CA LEU A 108 82.61 -1.55 -60.93
C LEU A 108 81.68 -1.65 -59.72
N PHE A 109 82.11 -2.34 -58.66
CA PHE A 109 81.28 -2.43 -57.46
C PHE A 109 81.41 -1.18 -56.59
N GLU A 110 82.62 -0.60 -56.53
CA GLU A 110 82.79 0.63 -55.76
C GLU A 110 82.25 1.84 -56.51
N ASP A 111 82.05 1.72 -57.82
CA ASP A 111 81.36 2.77 -58.57
C ASP A 111 79.86 2.59 -58.59
N ALA A 112 79.34 1.43 -58.15
CA ALA A 112 77.91 1.19 -58.04
C ALA A 112 77.38 1.31 -56.63
N TYR A 113 78.23 1.16 -55.62
CA TYR A 113 77.76 1.36 -54.24
C TYR A 113 77.51 2.83 -53.94
N LEU A 114 78.11 3.75 -54.69
CA LEU A 114 77.75 5.16 -54.63
C LEU A 114 76.41 5.44 -55.30
N LEU A 115 76.00 4.59 -56.24
CA LEU A 115 74.65 4.64 -56.80
C LEU A 115 73.63 3.95 -55.91
N THR A 116 74.10 3.05 -55.04
CA THR A 116 73.22 2.42 -54.05
C THR A 116 72.74 3.42 -53.01
N LEU A 117 73.65 4.26 -52.51
CA LEU A 117 73.31 5.24 -51.49
C LEU A 117 72.62 6.46 -52.09
N HIS A 118 72.64 6.57 -53.42
CA HIS A 118 71.96 7.66 -54.10
C HIS A 118 70.45 7.51 -54.04
N ALA A 119 69.96 6.27 -54.04
CA ALA A 119 68.53 5.99 -53.95
C ALA A 119 68.07 5.73 -52.52
N GLY A 120 68.93 5.98 -51.54
CA GLY A 120 68.59 5.72 -50.15
C GLY A 120 68.54 4.24 -49.83
N ARG A 121 69.49 3.48 -50.38
CA ARG A 121 69.52 2.04 -50.19
C ARG A 121 70.88 1.66 -49.59
N VAL A 122 70.94 0.48 -48.99
CA VAL A 122 72.20 -0.07 -48.48
C VAL A 122 72.34 -1.44 -49.14
N THR A 123 71.35 -1.80 -49.95
CA THR A 123 71.30 -3.11 -50.61
C THR A 123 71.65 -2.90 -52.08
N LEU A 124 72.74 -3.52 -52.51
CA LEU A 124 73.19 -3.39 -53.90
C LEU A 124 72.22 -4.10 -54.84
N PHE A 125 71.98 -3.49 -56.00
CA PHE A 125 71.04 -4.03 -56.96
C PHE A 125 71.69 -4.08 -58.34
N PRO A 126 71.23 -4.95 -59.24
CA PRO A 126 71.74 -4.95 -60.61
C PRO A 126 71.38 -3.72 -61.43
N LYS A 127 70.45 -2.89 -60.97
CA LYS A 127 70.20 -1.59 -61.57
C LYS A 127 71.37 -0.64 -61.40
N ASP A 128 72.20 -0.84 -60.37
CA ASP A 128 73.39 -0.04 -60.15
C ASP A 128 74.58 -0.52 -60.98
N VAL A 129 74.59 -1.79 -61.38
CA VAL A 129 75.71 -2.36 -62.11
C VAL A 129 75.47 -2.14 -63.60
N GLN A 130 74.21 -1.89 -63.96
CA GLN A 130 73.85 -1.63 -65.35
C GLN A 130 73.83 -0.13 -65.61
N LEU A 131 73.77 0.66 -64.53
CA LEU A 131 73.90 2.11 -64.65
C LEU A 131 75.36 2.52 -64.65
N ALA A 132 76.22 1.73 -63.99
CA ALA A 132 77.64 2.02 -63.98
C ALA A 132 78.29 1.62 -65.30
N ARG A 133 77.61 0.75 -66.07
CA ARG A 133 78.09 0.38 -67.41
C ARG A 133 77.43 1.27 -68.47
N ARG A 134 76.91 2.41 -68.05
CA ARG A 134 76.28 3.35 -68.98
C ARG A 134 76.91 4.74 -68.94
N ILE A 135 77.55 5.13 -67.84
CA ILE A 135 78.17 6.45 -67.72
C ILE A 135 79.68 6.25 -67.86
N ARG A 136 80.08 5.17 -68.54
CA ARG A 136 81.49 4.91 -68.77
C ARG A 136 81.79 4.91 -70.25
N GLY A 137 80.82 4.50 -71.07
CA GLY A 137 80.99 4.45 -72.51
C GLY A 137 81.51 3.11 -72.99
N ASN B 29 80.85 -24.34 -66.31
CA ASN B 29 82.15 -23.68 -66.20
C ASN B 29 81.98 -22.22 -65.77
N ILE B 30 80.79 -21.67 -66.01
CA ILE B 30 80.52 -20.30 -65.59
C ILE B 30 80.16 -20.25 -64.12
N GLN B 31 79.88 -21.40 -63.50
CA GLN B 31 79.57 -21.46 -62.08
C GLN B 31 80.83 -21.71 -61.26
N GLY B 32 82.00 -21.65 -61.92
CA GLY B 32 83.25 -21.73 -61.18
C GLY B 32 83.51 -20.50 -60.34
N ILE B 33 82.96 -19.35 -60.75
CA ILE B 33 82.99 -18.14 -59.94
C ILE B 33 81.95 -18.30 -58.84
N THR B 34 82.41 -18.67 -57.65
CA THR B 34 81.50 -19.09 -56.59
C THR B 34 80.80 -17.92 -55.91
N LYS B 35 79.90 -18.22 -54.98
CA LYS B 35 79.11 -17.21 -54.27
C LYS B 35 79.92 -16.43 -53.22
N PRO B 36 80.78 -17.02 -52.37
CA PRO B 36 81.62 -16.16 -51.52
C PRO B 36 82.75 -15.46 -52.26
N ALA B 37 83.06 -15.86 -53.50
CA ALA B 37 84.07 -15.16 -54.28
C ALA B 37 83.56 -13.80 -54.71
N ILE B 38 82.34 -13.75 -55.24
CA ILE B 38 81.70 -12.48 -55.61
C ILE B 38 81.39 -11.66 -54.36
N ARG B 39 81.06 -12.34 -53.26
CA ARG B 39 80.85 -11.71 -51.96
C ARG B 39 82.11 -11.01 -51.48
N ARG B 40 83.26 -11.68 -51.59
CA ARG B 40 84.55 -11.08 -51.23
C ARG B 40 84.94 -9.97 -52.19
N LEU B 41 84.58 -10.10 -53.47
CA LEU B 41 84.85 -9.08 -54.47
C LEU B 41 84.08 -7.79 -54.17
N ALA B 42 82.80 -7.93 -53.82
CA ALA B 42 81.99 -6.77 -53.46
C ALA B 42 82.38 -6.24 -52.08
N ARG B 43 82.93 -7.12 -51.24
CA ARG B 43 83.42 -6.73 -49.92
C ARG B 43 84.72 -5.92 -50.05
N ARG B 44 85.52 -6.21 -51.07
CA ARG B 44 86.70 -5.41 -51.36
C ARG B 44 86.26 -4.04 -51.87
N GLY B 45 85.20 -4.03 -52.67
CA GLY B 45 84.62 -2.78 -53.14
C GLY B 45 83.81 -2.04 -52.09
N GLY B 46 83.54 -2.68 -50.95
CA GLY B 46 82.83 -2.04 -49.87
C GLY B 46 81.33 -2.08 -50.04
N VAL B 47 80.78 -3.28 -50.19
CA VAL B 47 79.33 -3.47 -50.30
C VAL B 47 78.88 -4.26 -49.09
N LYS B 48 77.91 -3.71 -48.35
CA LYS B 48 77.43 -4.34 -47.13
C LYS B 48 76.50 -5.52 -47.43
N ARG B 49 75.37 -5.25 -48.06
CA ARG B 49 74.40 -6.29 -48.37
C ARG B 49 74.48 -6.64 -49.85
N ILE B 50 75.05 -7.81 -50.17
CA ILE B 50 75.23 -8.26 -51.53
C ILE B 50 74.02 -9.12 -51.89
N SER B 51 73.36 -8.78 -52.99
CA SER B 51 72.07 -9.36 -53.34
C SER B 51 72.19 -10.74 -53.97
N GLY B 52 71.12 -11.17 -54.64
CA GLY B 52 70.94 -12.52 -55.15
C GLY B 52 71.44 -12.61 -56.57
N LEU B 53 70.56 -12.36 -57.55
CA LEU B 53 70.88 -12.31 -58.98
C LEU B 53 72.06 -11.42 -59.39
N ILE B 54 72.48 -10.51 -58.48
CA ILE B 54 73.79 -9.84 -58.51
C ILE B 54 74.92 -10.84 -58.78
N TYR B 55 74.87 -12.00 -58.11
CA TYR B 55 75.83 -13.07 -58.36
C TYR B 55 75.77 -13.57 -59.80
N GLU B 56 74.59 -13.53 -60.43
CA GLU B 56 74.46 -13.80 -61.85
C GLU B 56 74.70 -12.57 -62.71
N GLU B 57 74.64 -11.37 -62.13
CA GLU B 57 74.97 -10.14 -62.83
C GLU B 57 76.47 -9.94 -62.97
N THR B 58 77.25 -10.45 -62.02
CA THR B 58 78.70 -10.33 -62.04
C THR B 58 79.35 -11.23 -63.07
N ARG B 59 79.03 -12.53 -63.05
CA ARG B 59 79.63 -13.48 -63.98
C ARG B 59 79.17 -13.23 -65.42
N GLY B 60 78.02 -12.57 -65.58
CA GLY B 60 77.63 -12.05 -66.87
C GLY B 60 78.58 -10.96 -67.35
N VAL B 61 78.86 -9.99 -66.46
CA VAL B 61 79.80 -8.92 -66.80
C VAL B 61 81.21 -9.48 -66.97
N LEU B 62 81.55 -10.47 -66.14
CA LEU B 62 82.78 -11.24 -66.31
C LEU B 62 82.79 -12.03 -67.61
N LYS B 63 81.61 -12.38 -68.15
CA LYS B 63 81.57 -12.96 -69.48
C LYS B 63 81.71 -11.89 -70.56
N VAL B 64 81.27 -10.66 -70.26
CA VAL B 64 81.39 -9.58 -71.23
C VAL B 64 82.84 -9.08 -71.30
N PHE B 65 83.46 -8.89 -70.14
CA PHE B 65 84.81 -8.35 -70.04
C PHE B 65 85.85 -9.31 -70.61
N LEU B 66 85.90 -10.55 -70.09
CA LEU B 66 86.91 -11.53 -70.43
C LEU B 66 86.87 -11.96 -71.90
N GLU B 67 85.71 -11.82 -72.54
CA GLU B 67 85.62 -12.02 -73.98
C GLU B 67 86.39 -10.92 -74.70
N ASN B 68 86.11 -9.66 -74.33
CA ASN B 68 86.63 -8.49 -75.02
C ASN B 68 88.15 -8.36 -74.88
N VAL B 69 88.72 -8.95 -73.84
CA VAL B 69 90.18 -9.00 -73.74
C VAL B 69 90.73 -10.15 -74.56
N ILE B 70 90.03 -11.29 -74.60
CA ILE B 70 90.59 -12.48 -75.27
C ILE B 70 90.44 -12.36 -76.78
N ARG B 71 89.37 -11.71 -77.26
CA ARG B 71 89.17 -11.48 -78.69
C ARG B 71 90.28 -10.63 -79.31
N ASP B 72 90.92 -9.78 -78.51
CA ASP B 72 92.06 -9.01 -79.01
C ASP B 72 93.37 -9.75 -78.80
N ALA B 73 93.52 -10.41 -77.64
CA ALA B 73 94.80 -10.97 -77.22
C ALA B 73 95.25 -12.15 -78.07
N VAL B 74 94.34 -12.91 -78.65
CA VAL B 74 94.73 -14.00 -79.53
C VAL B 74 94.91 -13.43 -80.93
N THR B 75 94.31 -12.26 -81.17
CA THR B 75 94.52 -11.58 -82.45
C THR B 75 95.95 -11.05 -82.57
N TYR B 76 96.56 -10.71 -81.44
CA TYR B 76 97.96 -10.31 -81.45
C TYR B 76 98.90 -11.49 -81.65
N THR B 77 98.59 -12.65 -81.04
CA THR B 77 99.49 -13.78 -81.11
C THR B 77 99.30 -14.60 -82.39
N GLU B 78 98.22 -14.36 -83.13
CA GLU B 78 98.03 -15.02 -84.42
C GLU B 78 98.72 -14.30 -85.56
N HIS B 79 99.21 -13.09 -85.31
CA HIS B 79 99.96 -12.35 -86.33
C HIS B 79 101.41 -12.84 -86.38
N ALA B 80 101.95 -13.29 -85.25
CA ALA B 80 103.31 -13.78 -85.18
C ALA B 80 103.42 -15.29 -85.39
N LYS B 81 102.32 -15.93 -85.84
CA LYS B 81 102.22 -17.37 -86.09
C LYS B 81 102.55 -18.17 -84.82
N ARG B 82 101.84 -17.83 -83.76
CA ARG B 82 102.04 -18.43 -82.45
C ARG B 82 100.72 -18.96 -81.90
N LYS B 83 100.80 -20.02 -81.12
CA LYS B 83 99.63 -20.66 -80.53
C LYS B 83 99.55 -20.46 -79.02
N THR B 84 100.27 -19.47 -78.47
CA THR B 84 100.29 -19.22 -77.03
C THR B 84 100.19 -17.73 -76.77
N VAL B 85 99.13 -17.32 -76.06
CA VAL B 85 99.04 -15.95 -75.61
C VAL B 85 99.97 -15.75 -74.41
N THR B 86 100.90 -14.83 -74.55
CA THR B 86 101.83 -14.48 -73.49
C THR B 86 101.22 -13.40 -72.62
N ALA B 87 101.98 -12.95 -71.61
CA ALA B 87 101.53 -11.87 -70.74
C ALA B 87 101.43 -10.56 -71.51
N MET B 88 102.37 -10.34 -72.43
CA MET B 88 102.38 -9.13 -73.26
C MET B 88 101.17 -9.04 -74.17
N ASP B 89 100.65 -10.18 -74.66
CA ASP B 89 99.44 -10.16 -75.45
C ASP B 89 98.22 -9.79 -74.61
N VAL B 90 98.27 -10.06 -73.29
CA VAL B 90 97.20 -9.61 -72.41
C VAL B 90 97.32 -8.12 -72.14
N VAL B 91 98.56 -7.63 -71.97
CA VAL B 91 98.82 -6.21 -71.75
C VAL B 91 98.40 -5.38 -72.96
N TYR B 92 98.66 -5.87 -74.17
CA TYR B 92 98.29 -5.14 -75.38
C TYR B 92 96.77 -5.11 -75.55
N ALA B 93 96.09 -6.22 -75.23
CA ALA B 93 94.64 -6.27 -75.32
C ALA B 93 93.99 -5.37 -74.28
N LEU B 94 94.58 -5.29 -73.07
CA LEU B 94 94.05 -4.41 -72.05
C LEU B 94 94.31 -2.94 -72.39
N LYS B 95 95.43 -2.65 -73.03
CA LYS B 95 95.75 -1.30 -73.47
C LYS B 95 94.82 -0.88 -74.60
N ARG B 96 94.35 -1.86 -75.38
CA ARG B 96 93.26 -1.63 -76.32
C ARG B 96 91.92 -1.41 -75.64
N GLN B 97 91.65 -2.11 -74.52
CA GLN B 97 90.40 -1.94 -73.80
C GLN B 97 90.30 -0.59 -73.08
N GLY B 98 91.42 -0.03 -72.64
CA GLY B 98 91.43 1.27 -71.99
C GLY B 98 92.00 1.30 -70.59
N ARG B 99 92.52 0.17 -70.08
CA ARG B 99 93.12 0.12 -68.75
C ARG B 99 94.47 -0.58 -68.86
N THR B 100 95.51 0.06 -68.33
CA THR B 100 96.88 -0.42 -68.50
C THR B 100 97.29 -1.25 -67.28
N LEU B 101 97.50 -2.54 -67.52
CA LEU B 101 98.06 -3.40 -66.48
C LEU B 101 99.57 -3.23 -66.43
N TYR B 102 100.08 -3.07 -65.21
CA TYR B 102 101.51 -2.84 -65.00
C TYR B 102 102.32 -4.12 -64.78
N GLY B 103 102.01 -4.84 -63.71
CA GLY B 103 102.93 -5.85 -63.21
C GLY B 103 102.98 -7.19 -63.91
N PHE B 104 102.92 -7.18 -65.25
CA PHE B 104 103.06 -8.43 -66.00
C PHE B 104 103.90 -8.21 -67.26
N GLY B 105 104.51 -7.03 -67.39
CA GLY B 105 105.37 -6.75 -68.51
C GLY B 105 106.68 -7.51 -68.48
N GLY B 106 106.93 -8.32 -69.49
CA GLY B 106 108.16 -9.10 -69.56
C GLY B 106 109.25 -8.46 -70.40
N THR C 20 97.73 5.38 -112.65
CA THR C 20 97.07 5.45 -111.36
C THR C 20 96.95 4.06 -110.73
N ARG C 21 97.51 3.92 -109.52
CA ARG C 21 97.45 2.63 -108.83
C ARG C 21 96.07 2.36 -108.25
N SER C 22 95.25 3.40 -108.08
CA SER C 22 93.87 3.21 -107.64
C SER C 22 92.99 2.62 -108.71
N SER C 23 93.34 2.78 -109.99
CA SER C 23 92.61 2.13 -111.07
C SER C 23 92.91 0.64 -111.10
N ARG C 24 94.14 0.25 -110.70
CA ARG C 24 94.47 -1.15 -110.60
C ARG C 24 93.78 -1.79 -109.40
N ALA C 25 93.61 -1.02 -108.32
CA ALA C 25 92.91 -1.54 -107.15
C ALA C 25 91.40 -1.46 -107.29
N GLY C 26 90.91 -0.72 -108.28
CA GLY C 26 89.47 -0.56 -108.44
C GLY C 26 88.86 0.34 -107.39
N LEU C 27 89.64 1.28 -106.85
CA LEU C 27 89.18 2.14 -105.77
C LEU C 27 88.91 3.55 -106.28
N GLN C 28 88.44 4.42 -105.38
CA GLN C 28 88.24 5.83 -105.69
C GLN C 28 89.13 6.67 -104.79
N PHE C 29 89.75 6.03 -103.79
CA PHE C 29 90.68 6.70 -102.90
C PHE C 29 92.08 6.60 -103.48
N PRO C 30 92.91 7.65 -103.39
CA PRO C 30 94.25 7.59 -103.99
C PRO C 30 95.20 6.65 -103.26
N VAL C 31 95.73 5.66 -103.99
CA VAL C 31 96.65 4.70 -103.40
C VAL C 31 97.99 5.34 -103.09
N GLY C 32 98.51 6.13 -104.03
CA GLY C 32 99.80 6.80 -103.86
C GLY C 32 99.82 7.84 -102.74
N ARG C 33 98.67 8.45 -102.46
CA ARG C 33 98.59 9.41 -101.36
C ARG C 33 98.55 8.70 -100.01
N VAL C 34 97.84 7.57 -99.94
CA VAL C 34 97.79 6.78 -98.71
C VAL C 34 99.16 6.18 -98.40
N HIS C 35 99.85 5.74 -99.46
CA HIS C 35 101.24 5.27 -99.33
C HIS C 35 102.17 6.40 -98.90
N ARG C 36 101.87 7.62 -99.33
CA ARG C 36 102.68 8.77 -98.96
C ARG C 36 102.50 9.11 -97.48
N LEU C 37 101.26 9.13 -97.00
CA LEU C 37 101.01 9.39 -95.59
C LEU C 37 101.41 8.22 -94.70
N LEU C 38 101.55 7.03 -95.28
CA LEU C 38 102.13 5.89 -94.57
C LEU C 38 103.64 5.90 -94.54
N ARG C 39 104.30 6.53 -95.51
CA ARG C 39 105.75 6.63 -95.51
C ARG C 39 106.28 7.90 -94.87
N LYS C 40 105.68 9.06 -95.14
CA LYS C 40 106.15 10.30 -94.52
C LYS C 40 105.56 10.52 -93.13
N GLY C 41 104.58 9.72 -92.73
CA GLY C 41 103.92 9.87 -91.44
C GLY C 41 104.59 9.21 -90.26
N ASN C 42 105.87 8.81 -90.41
CA ASN C 42 106.70 8.19 -89.38
C ASN C 42 106.09 6.90 -88.81
N TYR C 43 105.34 6.15 -89.62
CA TYR C 43 104.79 4.88 -89.16
C TYR C 43 105.83 3.77 -89.14
N SER C 44 106.64 3.66 -90.20
CA SER C 44 107.70 2.65 -90.29
C SER C 44 108.71 3.14 -91.32
N GLU C 45 109.69 2.30 -91.65
CA GLU C 45 110.69 2.63 -92.65
C GLU C 45 110.57 1.78 -93.91
N ARG C 46 109.75 0.74 -93.91
CA ARG C 46 109.58 -0.13 -95.07
C ARG C 46 108.12 -0.52 -95.16
N VAL C 47 107.34 0.26 -95.90
CA VAL C 47 105.91 0.04 -96.04
C VAL C 47 105.69 -0.85 -97.26
N GLY C 48 104.98 -1.96 -97.05
CA GLY C 48 104.70 -2.89 -98.14
C GLY C 48 103.74 -2.30 -99.15
N ALA C 49 103.72 -2.92 -100.33
CA ALA C 49 102.85 -2.49 -101.41
C ALA C 49 101.40 -2.91 -101.22
N GLY C 50 101.13 -3.82 -100.27
CA GLY C 50 99.78 -4.26 -100.01
C GLY C 50 99.07 -3.44 -98.96
N ALA C 51 99.84 -2.76 -98.13
CA ALA C 51 99.32 -1.90 -97.06
C ALA C 51 98.49 -0.70 -97.53
N PRO C 52 98.95 0.17 -98.48
CA PRO C 52 98.10 1.33 -98.80
C PRO C 52 96.87 1.01 -99.61
N VAL C 53 96.90 -0.06 -100.42
CA VAL C 53 95.71 -0.50 -101.14
C VAL C 53 94.65 -1.00 -100.18
N TYR C 54 95.06 -1.82 -99.21
CA TYR C 54 94.17 -2.29 -98.15
C TYR C 54 93.62 -1.13 -97.33
N LEU C 55 94.49 -0.17 -97.00
CA LEU C 55 94.06 0.96 -96.18
C LEU C 55 93.09 1.87 -96.92
N ALA C 56 93.35 2.13 -98.21
CA ALA C 56 92.45 2.97 -98.99
C ALA C 56 91.13 2.27 -99.25
N ALA C 57 91.15 0.94 -99.40
CA ALA C 57 89.89 0.20 -99.55
C ALA C 57 89.07 0.21 -98.27
N VAL C 58 89.74 0.09 -97.11
CA VAL C 58 89.05 0.16 -95.83
C VAL C 58 88.49 1.56 -95.58
N LEU C 59 89.22 2.61 -95.99
CA LEU C 59 88.71 3.98 -95.90
C LEU C 59 87.50 4.18 -96.80
N GLU C 60 87.58 3.67 -98.05
CA GLU C 60 86.51 3.87 -99.02
C GLU C 60 85.24 3.13 -98.61
N TYR C 61 85.40 1.91 -98.08
CA TYR C 61 84.27 1.12 -97.60
C TYR C 61 83.55 1.80 -96.44
N LEU C 62 84.31 2.33 -95.48
CA LEU C 62 83.68 2.93 -94.31
C LEU C 62 83.07 4.29 -94.62
N THR C 63 83.69 5.04 -95.55
CA THR C 63 83.07 6.29 -95.98
C THR C 63 81.80 6.02 -96.79
N ALA C 64 81.80 4.96 -97.61
CA ALA C 64 80.58 4.59 -98.32
C ALA C 64 79.51 4.09 -97.36
N GLU C 65 79.92 3.39 -96.29
CA GLU C 65 79.00 2.90 -95.27
C GLU C 65 78.35 4.04 -94.50
N ILE C 66 79.13 5.07 -94.16
CA ILE C 66 78.56 6.19 -93.40
C ILE C 66 77.77 7.12 -94.32
N LEU C 67 78.11 7.12 -95.63
CA LEU C 67 77.37 7.98 -96.56
C LEU C 67 76.08 7.32 -97.01
N GLU C 68 76.03 5.99 -96.95
CA GLU C 68 74.80 5.24 -97.26
C GLU C 68 73.77 5.47 -96.18
N LEU C 69 74.19 5.40 -94.91
CA LEU C 69 73.30 5.70 -93.80
C LEU C 69 73.02 7.19 -93.70
N ALA C 70 73.93 8.03 -94.17
CA ALA C 70 73.67 9.46 -94.24
C ALA C 70 72.71 9.79 -95.38
N GLY C 71 72.86 9.10 -96.51
CA GLY C 71 71.97 9.28 -97.63
C GLY C 71 70.59 8.70 -97.48
N ASN C 72 70.43 7.71 -96.59
CA ASN C 72 69.11 7.16 -96.32
C ASN C 72 68.36 8.00 -95.30
N ALA C 73 69.05 8.43 -94.24
CA ALA C 73 68.45 9.28 -93.23
C ALA C 73 68.14 10.68 -93.74
N ALA C 74 68.79 11.12 -94.82
CA ALA C 74 68.43 12.37 -95.46
C ALA C 74 67.08 12.29 -96.14
N ARG C 75 66.82 11.19 -96.86
CA ARG C 75 65.53 11.01 -97.51
C ARG C 75 64.44 10.60 -96.53
N ASP C 76 64.83 9.99 -95.40
CA ASP C 76 63.86 9.69 -94.37
C ASP C 76 63.40 10.96 -93.65
N ASN C 77 64.25 11.97 -93.63
CA ASN C 77 63.89 13.27 -93.05
C ASN C 77 63.43 14.23 -94.12
N LYS C 78 63.16 13.69 -95.33
CA LYS C 78 62.69 14.41 -96.51
C LYS C 78 63.60 15.57 -96.90
N LYS C 79 64.89 15.27 -97.08
CA LYS C 79 65.86 16.28 -97.49
C LYS C 79 66.74 15.68 -98.57
N THR C 80 67.16 16.51 -99.52
CA THR C 80 68.00 16.09 -100.63
C THR C 80 69.47 16.47 -100.43
N ARG C 81 69.81 17.15 -99.34
CA ARG C 81 71.17 17.54 -99.05
C ARG C 81 71.58 16.99 -97.68
N ILE C 82 72.75 16.37 -97.64
CA ILE C 82 73.23 15.75 -96.41
C ILE C 82 73.79 16.84 -95.50
N ILE C 83 73.20 16.95 -94.31
CA ILE C 83 73.60 17.96 -93.32
C ILE C 83 74.38 17.21 -92.23
N PRO C 84 75.07 17.95 -91.33
CA PRO C 84 75.65 17.28 -90.14
C PRO C 84 74.64 16.54 -89.26
N ARG C 85 73.37 16.95 -89.26
CA ARG C 85 72.33 16.18 -88.58
C ARG C 85 72.13 14.83 -89.24
N HIS C 86 72.29 14.75 -90.57
CA HIS C 86 72.18 13.47 -91.25
C HIS C 86 73.38 12.58 -90.96
N LEU C 87 74.57 13.19 -90.78
CA LEU C 87 75.73 12.40 -90.37
C LEU C 87 75.59 11.91 -88.94
N GLN C 88 74.98 12.72 -88.07
CA GLN C 88 74.70 12.28 -86.70
C GLN C 88 73.66 11.18 -86.67
N LEU C 89 72.67 11.23 -87.57
CA LEU C 89 71.70 10.15 -87.68
C LEU C 89 72.30 8.91 -88.30
N ALA C 90 73.33 9.08 -89.14
CA ALA C 90 74.04 7.92 -89.68
C ALA C 90 74.89 7.24 -88.62
N ILE C 91 75.53 8.01 -87.76
CA ILE C 91 76.41 7.46 -86.73
C ILE C 91 75.59 6.86 -85.60
N ARG C 92 74.65 7.64 -85.05
CA ARG C 92 73.98 7.28 -83.80
C ARG C 92 72.88 6.23 -83.98
N ASN C 93 72.53 5.89 -85.21
CA ASN C 93 71.53 4.87 -85.48
C ASN C 93 72.16 3.65 -86.14
N ASP C 94 73.36 3.28 -85.67
CA ASP C 94 74.05 2.11 -86.17
C ASP C 94 74.87 1.55 -85.01
N GLU C 95 74.67 0.26 -84.71
CA GLU C 95 75.34 -0.40 -83.60
C GLU C 95 76.84 -0.51 -83.83
N GLU C 96 77.23 -0.82 -85.07
CA GLU C 96 78.65 -0.99 -85.39
C GLU C 96 79.36 0.34 -85.55
N LEU C 97 78.65 1.40 -85.94
CA LEU C 97 79.27 2.70 -86.07
C LEU C 97 79.39 3.40 -84.71
N ASN C 98 78.44 3.17 -83.81
CA ASN C 98 78.51 3.78 -82.49
C ASN C 98 79.54 3.07 -81.62
N LYS C 99 79.78 1.78 -81.86
CA LYS C 99 80.81 1.06 -81.13
C LYS C 99 82.20 1.48 -81.58
N LEU C 100 82.36 1.72 -82.89
CA LEU C 100 83.63 2.23 -83.41
C LEU C 100 83.85 3.68 -82.99
N LEU C 101 82.85 4.52 -83.22
CA LEU C 101 82.92 5.93 -82.81
C LEU C 101 82.29 6.14 -81.43
N GLY C 102 83.02 5.77 -80.38
CA GLY C 102 82.53 5.92 -79.03
C GLY C 102 82.70 7.32 -78.47
N ARG C 103 83.94 7.79 -78.41
CA ARG C 103 84.26 9.13 -77.92
C ARG C 103 84.26 10.14 -79.06
N VAL C 104 83.08 10.40 -79.62
CA VAL C 104 82.94 11.27 -80.79
C VAL C 104 81.87 12.31 -80.48
N THR C 105 82.04 13.49 -81.07
CA THR C 105 81.02 14.53 -81.01
C THR C 105 80.87 15.13 -82.40
N ILE C 106 79.66 15.63 -82.70
CA ILE C 106 79.38 16.18 -84.03
C ILE C 106 79.03 17.66 -83.89
N ALA C 107 79.74 18.49 -84.64
CA ALA C 107 79.42 19.91 -84.69
C ALA C 107 78.15 20.13 -85.50
N GLN C 108 77.20 20.89 -84.93
CA GLN C 108 75.89 21.17 -85.50
C GLN C 108 75.12 19.90 -85.81
N GLY C 109 75.14 18.94 -84.90
CA GLY C 109 74.46 17.67 -85.12
C GLY C 109 73.46 17.32 -84.04
N GLY C 110 73.54 18.02 -82.91
CA GLY C 110 72.60 17.82 -81.81
C GLY C 110 72.71 16.47 -81.14
N VAL C 111 71.59 16.00 -80.58
CA VAL C 111 71.53 14.70 -79.91
C VAL C 111 70.34 13.92 -80.46
N LEU C 112 70.21 12.66 -80.04
CA LEU C 112 69.07 11.84 -80.43
C LEU C 112 67.87 12.18 -79.55
N PRO C 113 66.70 12.42 -80.13
CA PRO C 113 65.49 12.64 -79.31
C PRO C 113 65.00 11.36 -78.66
N ASN C 114 64.98 11.32 -77.33
CA ASN C 114 64.54 10.14 -76.59
C ASN C 114 64.00 10.58 -75.23
N ILE C 115 62.91 9.95 -74.79
CA ILE C 115 62.32 10.23 -73.50
C ILE C 115 62.45 9.00 -72.61
N GLN C 116 63.22 9.13 -71.53
CA GLN C 116 63.42 8.02 -70.60
C GLN C 116 62.85 8.36 -69.23
N GLU D 39 95.61 20.13 -100.61
CA GLU D 39 95.29 18.72 -100.81
C GLU D 39 94.43 18.19 -99.67
N SER D 40 93.28 17.60 -100.02
CA SER D 40 92.36 17.05 -99.03
C SER D 40 91.59 15.91 -99.67
N TYR D 41 90.76 15.25 -98.85
CA TYR D 41 89.94 14.14 -99.32
C TYR D 41 88.59 14.60 -99.85
N SER D 42 88.38 15.91 -100.05
CA SER D 42 87.06 16.45 -100.36
C SER D 42 86.64 16.16 -101.80
N ILE D 43 87.56 15.68 -102.63
CA ILE D 43 87.23 15.28 -103.99
C ILE D 43 87.01 13.78 -104.11
N TYR D 44 87.78 12.96 -103.39
CA TYR D 44 87.63 11.51 -103.43
C TYR D 44 86.46 11.00 -102.60
N VAL D 45 86.16 11.65 -101.47
CA VAL D 45 84.94 11.33 -100.72
C VAL D 45 83.71 11.78 -101.51
N TYR D 46 83.84 12.86 -102.26
CA TYR D 46 82.75 13.32 -103.11
C TYR D 46 82.50 12.34 -104.27
N LYS D 47 83.55 11.68 -104.74
CA LYS D 47 83.36 10.65 -105.77
C LYS D 47 82.65 9.43 -105.21
N VAL D 48 82.84 9.14 -103.92
CA VAL D 48 82.08 8.08 -103.27
C VAL D 48 80.63 8.52 -103.05
N LEU D 49 80.42 9.79 -102.69
CA LEU D 49 79.10 10.37 -102.49
C LEU D 49 78.29 10.37 -103.79
N LYS D 50 78.96 10.57 -104.91
CA LYS D 50 78.30 10.54 -106.21
C LYS D 50 78.32 9.14 -106.80
N GLN D 51 78.73 8.15 -106.01
CA GLN D 51 78.68 6.74 -106.41
C GLN D 51 77.54 6.01 -105.72
N VAL D 52 77.48 6.05 -104.39
CA VAL D 52 76.35 5.54 -103.64
C VAL D 52 75.48 6.73 -103.21
N HIS D 53 74.18 6.66 -103.52
CA HIS D 53 73.20 7.75 -103.48
C HIS D 53 73.71 8.94 -104.27
N PRO D 54 73.73 8.88 -105.62
CA PRO D 54 74.35 9.96 -106.40
C PRO D 54 73.45 11.19 -106.53
N ASP D 55 72.15 11.02 -106.31
CA ASP D 55 71.19 12.10 -106.49
C ASP D 55 71.27 13.14 -105.38
N THR D 56 71.57 12.73 -104.17
CA THR D 56 71.65 13.67 -103.05
C THR D 56 73.00 14.38 -103.04
N GLY D 57 73.02 15.53 -102.36
CA GLY D 57 74.21 16.33 -102.22
C GLY D 57 74.71 16.36 -100.79
N ILE D 58 75.50 17.39 -100.49
CA ILE D 58 76.07 17.58 -99.16
C ILE D 58 76.34 19.07 -98.98
N SER D 59 76.48 19.48 -97.71
CA SER D 59 76.81 20.86 -97.40
C SER D 59 78.32 21.00 -97.20
N SER D 60 78.77 22.25 -97.15
CA SER D 60 80.19 22.53 -96.95
C SER D 60 80.63 22.25 -95.51
N LYS D 61 79.71 22.28 -94.55
CA LYS D 61 80.07 21.97 -93.17
C LYS D 61 80.22 20.47 -92.94
N ALA D 62 79.32 19.67 -93.51
CA ALA D 62 79.40 18.21 -93.38
C ALA D 62 80.63 17.64 -94.06
N MET D 63 81.08 18.27 -95.14
CA MET D 63 82.34 17.90 -95.79
C MET D 63 83.53 18.20 -94.90
N GLY D 64 83.37 19.15 -93.97
CA GLY D 64 84.37 19.38 -92.96
C GLY D 64 84.42 18.24 -91.95
N ILE D 65 83.26 17.59 -91.76
CA ILE D 65 83.20 16.45 -90.83
C ILE D 65 83.78 15.21 -91.47
N MET D 66 83.31 14.86 -92.67
CA MET D 66 83.72 13.68 -93.44
C MET D 66 85.23 13.63 -93.69
N ASN D 67 85.77 14.77 -94.12
CA ASN D 67 87.22 14.89 -94.33
C ASN D 67 87.98 14.71 -93.03
N SER D 68 87.37 15.09 -91.91
CA SER D 68 87.98 14.77 -90.62
C SER D 68 87.83 13.28 -90.31
N PHE D 69 86.64 12.73 -90.61
CA PHE D 69 86.23 11.38 -90.20
C PHE D 69 87.14 10.30 -90.77
N VAL D 70 87.50 10.45 -92.04
CA VAL D 70 88.39 9.51 -92.73
C VAL D 70 89.75 9.50 -92.05
N ASN D 71 90.20 10.66 -91.56
CA ASN D 71 91.46 10.70 -90.82
C ASN D 71 91.32 9.98 -89.48
N ASP D 72 90.12 10.04 -88.88
CA ASP D 72 89.85 9.26 -87.69
C ASP D 72 89.86 7.76 -87.98
N ILE D 73 89.59 7.37 -89.22
CA ILE D 73 89.78 5.98 -89.62
C ILE D 73 91.23 5.75 -90.05
N PHE D 74 91.93 6.79 -90.49
CA PHE D 74 93.25 6.61 -91.07
C PHE D 74 94.31 6.36 -90.01
N GLU D 75 94.22 7.08 -88.88
CA GLU D 75 95.23 6.97 -87.84
C GLU D 75 95.15 5.65 -87.07
N ARG D 76 94.00 5.42 -86.44
CA ARG D 76 93.80 4.33 -85.47
C ARG D 76 94.02 2.94 -86.06
N ILE D 77 93.84 2.81 -87.37
CA ILE D 77 94.16 1.55 -88.05
C ILE D 77 95.64 1.48 -88.40
N ALA D 78 96.20 2.58 -88.93
CA ALA D 78 97.60 2.54 -89.33
C ALA D 78 98.55 2.71 -88.15
N GLY D 79 98.09 3.35 -87.08
CA GLY D 79 98.90 3.47 -85.88
C GLY D 79 99.07 2.16 -85.16
N GLU D 80 97.94 1.50 -84.85
CA GLU D 80 97.89 0.19 -84.21
C GLU D 80 98.56 -0.90 -85.03
N ALA D 81 98.55 -0.79 -86.37
CA ALA D 81 99.35 -1.66 -87.21
C ALA D 81 100.84 -1.39 -87.07
N SER D 82 101.22 -0.12 -86.95
CA SER D 82 102.64 0.23 -86.75
C SER D 82 103.14 -0.29 -85.40
N ARG D 83 102.31 -0.16 -84.37
CA ARG D 83 102.59 -0.83 -83.10
C ARG D 83 102.59 -2.34 -83.26
N LEU D 84 101.80 -2.87 -84.19
CA LEU D 84 101.89 -4.29 -84.54
C LEU D 84 103.22 -4.64 -85.18
N ALA D 85 103.86 -3.69 -85.87
CA ALA D 85 105.19 -3.92 -86.38
C ALA D 85 106.24 -3.81 -85.28
N HIS D 86 105.95 -3.04 -84.23
CA HIS D 86 106.90 -2.85 -83.15
C HIS D 86 106.86 -4.00 -82.16
N TYR D 87 105.74 -4.72 -82.10
CA TYR D 87 105.58 -5.76 -81.09
C TYR D 87 106.33 -7.02 -81.47
N ASN D 88 105.98 -7.63 -82.60
CA ASN D 88 106.52 -8.94 -82.95
C ASN D 88 107.77 -8.83 -83.83
N LYS D 89 108.72 -8.00 -83.39
CA LYS D 89 110.06 -7.81 -83.95
C LYS D 89 110.09 -7.61 -85.47
N ARG D 90 109.42 -6.58 -85.96
CA ARG D 90 109.27 -6.41 -87.41
C ARG D 90 109.63 -4.98 -87.79
N SER D 91 109.85 -4.79 -89.10
CA SER D 91 110.10 -3.47 -89.66
C SER D 91 109.39 -3.31 -91.00
N THR D 92 108.45 -4.20 -91.30
CA THR D 92 107.72 -4.19 -92.56
C THR D 92 106.22 -4.26 -92.28
N ILE D 93 105.48 -3.36 -92.91
CA ILE D 93 104.02 -3.32 -92.75
C ILE D 93 103.43 -3.75 -94.09
N THR D 94 103.05 -5.02 -94.18
CA THR D 94 102.43 -5.56 -95.39
C THR D 94 100.91 -5.45 -95.26
N SER D 95 100.20 -6.13 -96.17
CA SER D 95 98.75 -6.12 -96.13
C SER D 95 98.18 -6.97 -95.01
N ARG D 96 98.99 -7.87 -94.44
CA ARG D 96 98.53 -8.69 -93.32
C ARG D 96 98.43 -7.88 -92.04
N GLU D 97 99.24 -6.82 -91.91
CA GLU D 97 99.24 -6.00 -90.70
C GLU D 97 97.99 -5.14 -90.61
N ILE D 98 97.57 -4.56 -91.75
CA ILE D 98 96.41 -3.68 -91.80
C ILE D 98 95.14 -4.50 -91.63
N GLN D 99 95.18 -5.76 -92.06
CA GLN D 99 94.08 -6.69 -91.92
C GLN D 99 93.76 -7.02 -90.47
N THR D 100 94.76 -7.44 -89.69
CA THR D 100 94.55 -7.63 -88.26
C THR D 100 94.41 -6.31 -87.51
N ALA D 101 94.86 -5.19 -88.09
CA ALA D 101 94.59 -3.90 -87.48
C ALA D 101 93.13 -3.50 -87.63
N VAL D 102 92.50 -3.83 -88.76
CA VAL D 102 91.07 -3.65 -88.91
C VAL D 102 90.32 -4.64 -88.02
N ARG D 103 90.84 -5.86 -87.93
CA ARG D 103 90.25 -6.88 -87.07
C ARG D 103 90.33 -6.52 -85.59
N LEU D 104 91.35 -5.76 -85.20
CA LEU D 104 91.51 -5.36 -83.81
C LEU D 104 90.73 -4.10 -83.47
N LEU D 105 90.37 -3.28 -84.47
CA LEU D 105 89.72 -2.00 -84.24
C LEU D 105 88.25 -1.98 -84.57
N LEU D 106 87.87 -2.47 -85.75
CA LEU D 106 86.47 -2.44 -86.18
C LEU D 106 85.69 -3.53 -85.46
N PRO D 107 84.48 -3.27 -84.99
CA PRO D 107 83.74 -4.30 -84.27
C PRO D 107 82.85 -5.14 -85.19
N GLY D 108 82.97 -6.46 -85.01
CA GLY D 108 82.06 -7.43 -85.62
C GLY D 108 82.01 -7.48 -87.13
N GLU D 109 80.80 -7.32 -87.68
CA GLU D 109 80.60 -7.36 -89.12
C GLU D 109 81.19 -6.15 -89.83
N LEU D 110 81.38 -5.03 -89.14
CA LEU D 110 82.12 -3.91 -89.71
C LEU D 110 83.59 -4.22 -89.91
N ALA D 111 84.14 -5.21 -89.19
CA ALA D 111 85.45 -5.76 -89.48
C ALA D 111 85.37 -6.88 -90.51
N LYS D 112 84.30 -7.69 -90.43
CA LYS D 112 84.16 -8.87 -91.27
C LYS D 112 83.84 -8.52 -92.73
N HIS D 113 83.34 -7.31 -92.95
CA HIS D 113 83.13 -6.81 -94.31
C HIS D 113 84.24 -5.91 -94.79
N ALA D 114 84.98 -5.27 -93.88
CA ALA D 114 86.15 -4.51 -94.28
C ALA D 114 87.35 -5.42 -94.54
N VAL D 115 87.31 -6.64 -94.00
CA VAL D 115 88.38 -7.59 -94.29
C VAL D 115 88.17 -8.23 -95.67
N SER D 116 86.95 -8.15 -96.21
CA SER D 116 86.67 -8.63 -97.55
C SER D 116 86.72 -7.51 -98.59
N GLU D 117 86.92 -6.27 -98.18
CA GLU D 117 87.06 -5.15 -99.10
C GLU D 117 88.51 -4.85 -99.45
N GLY D 118 89.42 -4.95 -98.48
CA GLY D 118 90.81 -4.70 -98.73
C GLY D 118 91.53 -5.89 -99.32
N THR D 119 91.11 -7.11 -98.92
CA THR D 119 91.70 -8.32 -99.47
C THR D 119 91.29 -8.51 -100.92
N LYS D 120 90.09 -8.07 -101.28
CA LYS D 120 89.66 -8.04 -102.68
C LYS D 120 90.45 -7.01 -103.47
N ALA D 121 90.76 -5.86 -102.87
CA ALA D 121 91.49 -4.80 -103.56
C ALA D 121 92.98 -5.09 -103.71
N VAL D 122 93.60 -5.79 -102.76
CA VAL D 122 95.03 -6.07 -102.85
C VAL D 122 95.30 -7.17 -103.87
N THR D 123 94.35 -8.08 -104.09
CA THR D 123 94.52 -9.10 -105.12
C THR D 123 94.32 -8.51 -106.50
N LYS D 124 93.45 -7.49 -106.60
CA LYS D 124 93.29 -6.75 -107.85
C LYS D 124 94.48 -5.86 -108.13
N TYR D 125 95.16 -5.38 -107.08
CA TYR D 125 96.35 -4.54 -107.26
C TYR D 125 97.57 -5.39 -107.62
N THR D 126 97.67 -6.59 -107.05
CA THR D 126 98.79 -7.47 -107.34
C THR D 126 98.69 -8.04 -108.76
N SER D 127 97.49 -8.44 -109.15
CA SER D 127 97.24 -8.95 -110.50
C SER D 127 96.80 -7.85 -111.45
N ALA D 128 97.59 -6.79 -111.58
CA ALA D 128 97.25 -5.67 -112.44
C ALA D 128 97.51 -6.00 -113.90
N LEU E 51 58.78 19.43 -70.66
CA LEU E 51 58.21 18.43 -71.56
C LEU E 51 57.80 19.06 -72.89
N LYS E 52 57.82 20.39 -72.93
CA LYS E 52 57.39 21.10 -74.14
C LYS E 52 58.56 21.31 -75.09
N GLU E 53 59.63 21.95 -74.64
CA GLU E 53 60.73 22.27 -75.53
C GLU E 53 61.78 21.17 -75.58
N ILE E 54 61.58 20.06 -74.85
CA ILE E 54 62.49 18.92 -74.84
C ILE E 54 62.54 18.31 -76.24
N ARG E 55 61.37 18.18 -76.87
CA ARG E 55 61.26 17.73 -78.24
C ARG E 55 61.51 18.85 -79.27
N LYS E 56 61.93 20.04 -78.82
CA LYS E 56 62.24 21.14 -79.72
C LYS E 56 63.74 21.30 -79.95
N LEU E 57 64.55 21.17 -78.89
CA LEU E 57 65.99 21.33 -79.03
C LEU E 57 66.67 20.04 -79.46
N GLN E 58 66.05 18.89 -79.20
CA GLN E 58 66.62 17.62 -79.64
C GLN E 58 66.51 17.45 -81.15
N LYS E 59 65.47 18.04 -81.75
CA LYS E 59 65.33 18.05 -83.19
C LYS E 59 66.10 19.17 -83.86
N SER E 60 66.56 20.16 -83.09
CA SER E 60 67.28 21.30 -83.63
C SER E 60 68.79 21.05 -83.50
N THR E 61 69.57 21.94 -84.13
CA THR E 61 71.03 21.82 -84.12
C THR E 61 71.76 23.11 -83.79
N HIS E 62 71.06 24.22 -83.54
CA HIS E 62 71.72 25.50 -83.33
C HIS E 62 72.36 25.58 -81.95
N LEU E 63 73.24 26.57 -81.78
CA LEU E 63 73.96 26.72 -80.51
C LEU E 63 73.05 27.35 -79.46
N LEU E 64 73.03 26.74 -78.27
CA LEU E 64 72.20 27.25 -77.19
C LEU E 64 72.89 28.43 -76.50
N ILE E 65 74.17 28.28 -76.18
CA ILE E 65 74.92 29.38 -75.58
C ILE E 65 75.30 30.37 -76.66
N ARG E 66 75.20 31.67 -76.34
CA ARG E 66 75.58 32.71 -77.27
C ARG E 66 77.11 32.75 -77.44
N LYS E 67 77.56 33.44 -78.49
CA LYS E 67 78.97 33.42 -78.89
C LYS E 67 79.82 34.31 -77.99
N LEU E 68 79.48 35.61 -77.94
CA LEU E 68 80.27 36.63 -77.25
C LEU E 68 80.42 36.44 -75.73
N PRO E 69 79.37 36.00 -74.95
CA PRO E 69 79.65 35.65 -73.55
C PRO E 69 80.58 34.45 -73.42
N PHE E 70 80.41 33.46 -74.30
CA PHE E 70 81.31 32.30 -74.31
C PHE E 70 82.70 32.71 -74.77
N SER E 71 82.79 33.65 -75.70
CA SER E 71 84.09 34.16 -76.16
C SER E 71 84.81 34.90 -75.04
N ARG E 72 84.08 35.73 -74.28
CA ARG E 72 84.68 36.43 -73.16
C ARG E 72 85.07 35.48 -72.04
N LEU E 73 84.27 34.42 -71.82
CA LEU E 73 84.60 33.42 -70.82
C LEU E 73 85.84 32.61 -71.21
N ALA E 74 86.01 32.32 -72.49
CA ALA E 74 87.20 31.61 -72.95
C ALA E 74 88.43 32.50 -72.89
N ARG E 75 88.28 33.78 -73.26
CA ARG E 75 89.41 34.70 -73.23
C ARG E 75 89.77 35.12 -71.81
N GLU E 76 88.87 34.91 -70.85
CA GLU E 76 89.23 35.12 -69.44
C GLU E 76 90.17 34.01 -68.96
N ILE E 77 89.97 32.78 -69.43
CA ILE E 77 90.91 31.70 -69.14
C ILE E 77 92.17 31.80 -70.00
N CYS E 78 92.10 32.46 -71.15
CA CYS E 78 93.24 32.56 -72.06
C CYS E 78 94.36 33.41 -71.48
N VAL E 79 94.01 34.43 -70.70
CA VAL E 79 95.03 35.34 -70.15
C VAL E 79 95.66 34.72 -68.92
N LYS E 80 95.05 33.66 -68.37
CA LYS E 80 95.62 32.95 -67.23
C LYS E 80 96.87 32.17 -67.59
N PHE E 81 97.12 31.90 -68.87
CA PHE E 81 98.30 31.15 -69.28
C PHE E 81 99.09 31.92 -70.34
N PHE E 87 96.23 37.05 -76.12
CA PHE E 87 96.52 36.28 -77.33
C PHE E 87 95.63 36.73 -78.49
N ASN E 88 95.36 35.81 -79.41
CA ASN E 88 94.51 36.07 -80.55
C ASN E 88 93.71 34.82 -80.86
N TRP E 89 92.38 34.95 -80.88
CA TRP E 89 91.47 33.83 -81.05
C TRP E 89 90.74 33.97 -82.38
N GLN E 90 90.88 32.98 -83.25
CA GLN E 90 90.14 32.94 -84.50
C GLN E 90 88.67 32.69 -84.23
N ALA E 91 87.82 33.12 -85.16
CA ALA E 91 86.38 32.85 -85.04
C ALA E 91 86.07 31.38 -85.23
N GLN E 92 86.94 30.65 -85.94
CA GLN E 92 86.77 29.21 -86.06
C GLN E 92 87.16 28.50 -84.77
N ALA E 93 88.11 29.07 -84.02
CA ALA E 93 88.54 28.46 -82.76
C ALA E 93 87.51 28.64 -81.65
N LEU E 94 86.77 29.75 -81.67
CA LEU E 94 85.71 29.94 -80.68
C LEU E 94 84.55 28.97 -80.88
N LEU E 95 84.18 28.67 -82.12
CA LEU E 95 83.20 27.63 -82.39
C LEU E 95 83.72 26.25 -82.00
N ALA E 96 85.03 26.02 -82.17
CA ALA E 96 85.61 24.74 -81.76
C ALA E 96 85.66 24.61 -80.25
N LEU E 97 85.73 25.73 -79.54
CA LEU E 97 85.61 25.74 -78.08
C LEU E 97 84.18 25.61 -77.60
N GLN E 98 83.21 26.10 -78.37
CA GLN E 98 81.82 26.17 -77.93
C GLN E 98 81.03 24.91 -78.25
N GLU E 99 81.26 24.31 -79.42
CA GLU E 99 80.51 23.11 -79.83
C GLU E 99 80.77 21.92 -78.92
N ALA E 100 82.05 21.63 -78.66
CA ALA E 100 82.42 20.52 -77.79
C ALA E 100 81.95 20.75 -76.36
N ALA E 101 81.97 21.99 -75.88
CA ALA E 101 81.54 22.28 -74.51
C ALA E 101 80.03 22.17 -74.37
N GLU E 102 79.28 22.62 -75.39
CA GLU E 102 77.83 22.47 -75.37
C GLU E 102 77.42 21.01 -75.47
N ALA E 103 78.08 20.24 -76.36
CA ALA E 103 77.77 18.82 -76.49
C ALA E 103 78.23 18.04 -75.29
N PHE E 104 79.22 18.54 -74.55
CA PHE E 104 79.61 17.91 -73.29
C PHE E 104 78.58 18.20 -72.21
N LEU E 105 78.03 19.43 -72.20
CA LEU E 105 77.05 19.80 -71.18
C LEU E 105 75.74 19.04 -71.36
N VAL E 106 75.26 18.92 -72.61
CA VAL E 106 74.02 18.20 -72.90
C VAL E 106 74.19 16.72 -72.59
N HIS E 107 75.34 16.14 -72.94
CA HIS E 107 75.59 14.74 -72.63
C HIS E 107 75.77 14.48 -71.14
N LEU E 108 76.37 15.42 -70.41
CA LEU E 108 76.50 15.29 -68.96
C LEU E 108 75.14 15.38 -68.28
N PHE E 109 74.26 16.26 -68.79
CA PHE E 109 72.91 16.35 -68.23
C PHE E 109 72.09 15.09 -68.56
N GLU E 110 72.28 14.54 -69.77
CA GLU E 110 71.62 13.30 -70.16
C GLU E 110 72.07 12.11 -69.32
N ASP E 111 73.37 12.06 -69.01
CA ASP E 111 73.88 10.97 -68.19
C ASP E 111 73.57 11.17 -66.71
N ALA E 112 73.37 12.43 -66.28
CA ALA E 112 72.99 12.67 -64.90
C ALA E 112 71.50 12.48 -64.69
N TYR E 113 70.71 12.55 -65.77
CA TYR E 113 69.28 12.28 -65.64
C TYR E 113 69.00 10.79 -65.45
N LEU E 114 69.97 9.94 -65.80
CA LEU E 114 69.85 8.52 -65.47
C LEU E 114 70.10 8.26 -63.99
N LEU E 115 70.86 9.14 -63.33
CA LEU E 115 70.96 9.11 -61.88
C LEU E 115 69.71 9.64 -61.20
N THR E 116 68.93 10.46 -61.91
CA THR E 116 67.70 11.03 -61.38
C THR E 116 66.57 10.01 -61.28
N LEU E 117 66.32 9.25 -62.35
CA LEU E 117 65.25 8.25 -62.37
C LEU E 117 65.69 6.92 -61.76
N HIS E 118 66.86 6.87 -61.15
CA HIS E 118 67.30 5.72 -60.37
C HIS E 118 66.81 5.76 -58.93
N ALA E 119 66.62 6.95 -58.37
CA ALA E 119 66.07 7.12 -57.03
C ALA E 119 64.58 7.37 -57.04
N GLY E 120 63.95 7.41 -58.22
CA GLY E 120 62.53 7.72 -58.33
C GLY E 120 62.24 9.17 -58.63
N ARG E 121 63.24 10.04 -58.49
CA ARG E 121 63.07 11.47 -58.69
C ARG E 121 62.96 11.81 -60.18
N VAL E 122 62.51 13.03 -60.48
CA VAL E 122 62.39 13.49 -61.86
C VAL E 122 63.09 14.84 -61.94
N THR E 123 63.50 15.36 -60.78
CA THR E 123 64.14 16.67 -60.66
C THR E 123 65.64 16.47 -60.47
N LEU E 124 66.43 17.29 -61.17
CA LEU E 124 67.88 17.26 -60.99
C LEU E 124 68.30 17.75 -59.62
N PHE E 125 69.57 17.57 -59.29
CA PHE E 125 70.07 17.86 -57.96
C PHE E 125 71.56 18.18 -58.04
N PRO E 126 72.14 18.85 -57.03
CA PRO E 126 73.61 19.02 -57.04
C PRO E 126 74.38 17.72 -56.91
N LYS E 127 73.77 16.68 -56.34
CA LYS E 127 74.44 15.39 -56.24
C LYS E 127 74.39 14.62 -57.56
N ASP E 128 73.60 15.09 -58.52
CA ASP E 128 73.50 14.44 -59.83
C ASP E 128 74.69 14.76 -60.75
N VAL E 129 75.28 15.94 -60.61
CA VAL E 129 76.35 16.37 -61.51
C VAL E 129 77.69 16.03 -60.85
N GLN E 130 77.64 15.59 -59.60
CA GLN E 130 78.86 15.27 -58.86
C GLN E 130 79.04 13.76 -58.78
N LEU E 131 77.99 13.00 -59.09
CA LEU E 131 78.07 11.55 -59.13
C LEU E 131 78.31 11.02 -60.54
N ALA E 132 77.91 11.79 -61.56
CA ALA E 132 78.13 11.36 -62.93
C ALA E 132 79.60 11.49 -63.32
N ARG E 133 80.24 12.58 -62.89
CA ARG E 133 81.66 12.77 -63.19
C ARG E 133 82.56 11.93 -62.28
N ARG E 134 82.02 11.35 -61.21
CA ARG E 134 82.78 10.44 -60.36
C ARG E 134 83.09 9.12 -61.06
N ILE E 135 82.10 8.52 -61.74
CA ILE E 135 82.31 7.30 -62.51
C ILE E 135 83.12 7.56 -63.77
N ARG E 136 83.03 8.76 -64.35
CA ARG E 136 83.79 9.11 -65.54
C ARG E 136 85.27 9.33 -65.28
N GLY E 137 85.63 9.77 -64.08
CA GLY E 137 87.02 10.05 -63.76
C GLY E 137 87.53 11.34 -64.37
N LEU E 138 86.77 12.42 -64.20
CA LEU E 138 87.14 13.72 -64.74
C LEU E 138 87.29 14.75 -63.62
N ASP F 28 84.02 39.53 -64.17
CA ASP F 28 83.37 38.28 -63.80
C ASP F 28 82.49 37.81 -64.96
N ASN F 29 83.06 37.02 -65.86
CA ASN F 29 82.37 36.54 -67.05
C ASN F 29 81.79 35.13 -66.87
N ILE F 30 81.65 34.67 -65.63
CA ILE F 30 80.97 33.40 -65.37
C ILE F 30 79.45 33.55 -65.40
N GLN F 31 78.94 34.79 -65.35
CA GLN F 31 77.52 35.05 -65.47
C GLN F 31 77.06 35.22 -66.92
N GLY F 32 77.99 35.11 -67.88
CA GLY F 32 77.61 35.09 -69.28
C GLY F 32 76.85 33.84 -69.67
N ILE F 33 77.11 32.72 -68.99
CA ILE F 33 76.31 31.52 -69.12
C ILE F 33 75.07 31.70 -68.27
N THR F 34 73.96 32.06 -68.92
CA THR F 34 72.77 32.52 -68.22
C THR F 34 71.83 31.35 -67.95
N LYS F 35 70.84 31.62 -67.10
CA LYS F 35 69.80 30.64 -66.76
C LYS F 35 68.96 30.13 -67.94
N PRO F 36 68.56 30.94 -68.94
CA PRO F 36 67.92 30.32 -70.11
C PRO F 36 68.86 29.47 -70.95
N ALA F 37 70.15 29.81 -70.99
CA ALA F 37 71.11 29.00 -71.76
C ALA F 37 71.31 27.64 -71.09
N ILE F 38 71.47 27.62 -69.77
CA ILE F 38 71.53 26.38 -69.01
C ILE F 38 70.21 25.63 -69.07
N ARG F 39 69.09 26.35 -69.15
CA ARG F 39 67.79 25.72 -69.37
C ARG F 39 67.69 25.02 -70.72
N ARG F 40 68.19 25.65 -71.79
CA ARG F 40 68.23 24.99 -73.10
C ARG F 40 69.16 23.79 -73.09
N LEU F 41 70.29 23.90 -72.38
CA LEU F 41 71.23 22.78 -72.28
C LEU F 41 70.64 21.61 -71.50
N ALA F 42 69.76 21.89 -70.54
CA ALA F 42 69.13 20.82 -69.78
C ALA F 42 67.95 20.23 -70.54
N ARG F 43 67.17 21.07 -71.21
CA ARG F 43 66.01 20.57 -71.95
C ARG F 43 66.43 19.81 -73.20
N ARG F 44 67.62 20.11 -73.72
CA ARG F 44 68.17 19.29 -74.80
C ARG F 44 68.65 17.93 -74.28
N GLY F 45 69.01 17.84 -73.00
CA GLY F 45 69.45 16.59 -72.42
C GLY F 45 68.33 15.76 -71.81
N GLY F 46 67.09 16.18 -72.06
CA GLY F 46 65.94 15.43 -71.58
C GLY F 46 65.55 15.68 -70.14
N VAL F 47 65.89 16.85 -69.59
CA VAL F 47 65.55 17.20 -68.21
C VAL F 47 64.18 17.85 -68.19
N LYS F 48 63.26 17.30 -67.38
CA LYS F 48 61.95 17.89 -67.22
C LYS F 48 61.98 19.10 -66.29
N ARG F 49 62.46 18.90 -65.06
CA ARG F 49 62.44 19.94 -64.04
C ARG F 49 63.86 20.23 -63.56
N ILE F 50 64.36 21.42 -63.89
CA ILE F 50 65.70 21.81 -63.47
C ILE F 50 65.63 22.38 -62.05
N SER F 51 66.67 22.11 -61.27
CA SER F 51 66.75 22.63 -59.92
C SER F 51 67.42 23.99 -59.92
N GLY F 52 67.65 24.55 -58.73
CA GLY F 52 68.16 25.90 -58.60
C GLY F 52 69.66 26.04 -58.79
N LEU F 53 70.44 25.11 -58.20
CA LEU F 53 71.89 25.21 -58.24
C LEU F 53 72.47 24.77 -59.59
N ILE F 54 71.66 24.12 -60.44
CA ILE F 54 72.08 23.65 -61.76
C ILE F 54 72.39 24.84 -62.66
N TYR F 55 71.77 25.99 -62.38
CA TYR F 55 72.06 27.23 -63.08
C TYR F 55 73.35 27.89 -62.61
N GLU F 56 74.05 27.28 -61.65
CA GLU F 56 75.36 27.73 -61.23
C GLU F 56 76.37 26.61 -61.39
N GLU F 57 75.91 25.36 -61.22
CA GLU F 57 76.73 24.17 -61.34
C GLU F 57 77.34 24.03 -62.73
N THR F 58 76.55 24.37 -63.75
CA THR F 58 77.02 24.49 -65.12
C THR F 58 78.15 25.49 -65.19
N ARG F 59 77.94 26.66 -64.58
CA ARG F 59 78.97 27.70 -64.43
C ARG F 59 80.14 27.20 -63.58
N GLY F 60 79.90 26.20 -62.75
CA GLY F 60 80.98 25.49 -62.11
C GLY F 60 81.75 24.63 -63.09
N VAL F 61 81.07 23.72 -63.80
CA VAL F 61 81.78 22.70 -64.56
C VAL F 61 82.38 23.30 -65.83
N LEU F 62 81.71 24.30 -66.41
CA LEU F 62 82.29 25.03 -67.53
C LEU F 62 83.45 25.92 -67.11
N LYS F 63 83.65 26.11 -65.81
CA LYS F 63 84.87 26.73 -65.31
C LYS F 63 86.01 25.74 -65.12
N VAL F 64 85.72 24.45 -64.97
CA VAL F 64 86.76 23.45 -64.71
C VAL F 64 87.01 22.56 -65.92
N PHE F 65 86.04 22.40 -66.82
CA PHE F 65 86.25 21.66 -68.05
C PHE F 65 87.03 22.51 -69.05
N LEU F 66 86.50 23.70 -69.35
CA LEU F 66 87.04 24.57 -70.40
C LEU F 66 88.48 25.00 -70.12
N GLU F 67 88.82 25.17 -68.84
CA GLU F 67 90.19 25.51 -68.46
C GLU F 67 91.15 24.40 -68.86
N ASN F 68 90.73 23.14 -68.68
CA ASN F 68 91.54 22.01 -69.15
C ASN F 68 91.58 21.94 -70.68
N VAL F 69 90.65 22.61 -71.35
CA VAL F 69 90.75 22.76 -72.80
C VAL F 69 91.63 23.95 -73.16
N ILE F 70 91.68 24.99 -72.32
CA ILE F 70 92.37 26.22 -72.69
C ILE F 70 93.89 26.04 -72.64
N ARG F 71 94.42 25.58 -71.50
CA ARG F 71 95.87 25.49 -71.32
C ARG F 71 96.47 24.46 -72.27
N ASP F 72 95.78 23.33 -72.47
CA ASP F 72 96.21 22.33 -73.42
C ASP F 72 96.09 22.80 -74.87
N ALA F 73 95.33 23.88 -75.11
CA ALA F 73 95.35 24.52 -76.43
C ALA F 73 96.34 25.65 -76.54
N VAL F 74 96.83 26.20 -75.41
CA VAL F 74 97.74 27.33 -75.52
C VAL F 74 99.19 26.86 -75.50
N THR F 75 99.43 25.65 -74.98
CA THR F 75 100.78 25.12 -74.91
C THR F 75 101.29 24.76 -76.29
N TYR F 76 100.40 24.26 -77.16
CA TYR F 76 100.70 24.16 -78.58
C TYR F 76 101.02 25.54 -79.17
N THR F 77 100.26 26.55 -78.75
CA THR F 77 100.60 27.93 -79.11
C THR F 77 101.91 28.34 -78.45
N GLU F 78 102.19 27.80 -77.27
CA GLU F 78 103.50 28.00 -76.67
C GLU F 78 104.55 27.05 -77.24
N HIS F 79 104.16 26.09 -78.07
CA HIS F 79 105.13 25.23 -78.72
C HIS F 79 105.67 25.86 -80.01
N ALA F 80 104.79 26.48 -80.80
CA ALA F 80 105.22 27.19 -81.99
C ALA F 80 105.50 28.64 -81.65
N LYS F 81 105.97 29.41 -82.63
CA LYS F 81 106.24 30.82 -82.46
C LYS F 81 105.07 31.63 -83.00
N ARG F 82 104.02 31.75 -82.20
CA ARG F 82 102.80 32.40 -82.65
C ARG F 82 101.97 32.91 -81.47
N LYS F 83 101.00 33.77 -81.77
CA LYS F 83 100.04 34.26 -80.78
C LYS F 83 98.60 34.04 -81.22
N THR F 84 98.40 33.46 -82.40
CA THR F 84 97.07 33.19 -82.95
C THR F 84 96.74 31.74 -82.64
N VAL F 85 95.86 31.53 -81.66
CA VAL F 85 95.45 30.18 -81.26
C VAL F 85 94.38 29.71 -82.25
N THR F 86 94.76 28.83 -83.16
CA THR F 86 93.86 28.33 -84.18
C THR F 86 92.92 27.28 -83.60
N ALA F 87 91.95 26.87 -84.43
CA ALA F 87 91.06 25.77 -84.06
C ALA F 87 91.78 24.43 -84.03
N MET F 88 92.92 24.32 -84.73
CA MET F 88 93.75 23.12 -84.69
C MET F 88 94.31 22.83 -83.30
N ASP F 89 94.74 23.87 -82.57
CA ASP F 89 95.17 23.69 -81.19
C ASP F 89 94.03 23.22 -80.29
N VAL F 90 92.81 23.70 -80.57
CA VAL F 90 91.62 23.34 -79.81
C VAL F 90 91.29 21.87 -80.03
N VAL F 91 91.29 21.41 -81.29
CA VAL F 91 90.92 20.02 -81.56
C VAL F 91 92.04 19.09 -81.14
N TYR F 92 93.29 19.56 -81.14
CA TYR F 92 94.37 18.72 -80.62
C TYR F 92 94.31 18.61 -79.09
N ALA F 93 93.90 19.69 -78.41
CA ALA F 93 93.69 19.62 -76.97
C ALA F 93 92.52 18.70 -76.63
N LEU F 94 91.45 18.75 -77.42
CA LEU F 94 90.31 17.87 -77.20
C LEU F 94 90.64 16.43 -77.57
N LYS F 95 91.61 16.22 -78.47
CA LYS F 95 92.13 14.87 -78.72
C LYS F 95 92.97 14.39 -77.54
N ARG F 96 93.72 15.30 -76.91
CA ARG F 96 94.52 14.94 -75.75
C ARG F 96 93.64 14.59 -74.56
N GLN F 97 92.52 15.30 -74.38
CA GLN F 97 91.64 15.01 -73.25
C GLN F 97 90.84 13.74 -73.48
N GLY F 98 90.53 13.42 -74.73
CA GLY F 98 89.87 12.20 -75.08
C GLY F 98 88.50 12.33 -75.74
N ARG F 99 88.14 13.50 -76.25
CA ARG F 99 86.86 13.73 -76.95
C ARG F 99 87.18 14.48 -78.25
N THR F 100 87.37 13.72 -79.33
CA THR F 100 87.74 14.32 -80.60
C THR F 100 86.57 15.10 -81.21
N LEU F 101 86.91 16.12 -82.00
CA LEU F 101 85.93 17.03 -82.57
C LEU F 101 85.99 16.97 -84.09
N TYR F 102 84.82 16.94 -84.73
CA TYR F 102 84.70 16.85 -86.17
C TYR F 102 84.29 18.21 -86.74
N GLY F 103 84.75 18.49 -87.95
CA GLY F 103 84.38 19.69 -88.65
C GLY F 103 85.37 20.85 -88.56
N PHE F 104 86.58 20.62 -88.08
CA PHE F 104 87.56 21.71 -87.93
C PHE F 104 88.96 21.35 -88.38
N GLY F 105 89.18 20.23 -89.07
CA GLY F 105 90.50 19.85 -89.52
C GLY F 105 91.06 20.71 -90.63
N GLY F 106 90.44 20.66 -91.80
CA GLY F 106 90.91 21.42 -92.94
C GLY F 106 89.81 22.19 -93.65
N LYS G 19 133.81 7.37 -70.12
CA LYS G 19 133.23 8.21 -71.16
C LYS G 19 131.72 8.01 -71.24
N THR G 20 131.10 7.69 -70.11
CA THR G 20 129.66 7.42 -70.09
C THR G 20 128.87 8.70 -70.28
N ARG G 21 127.98 8.71 -71.28
CA ARG G 21 127.14 9.87 -71.54
C ARG G 21 126.09 10.07 -70.46
N SER G 22 125.73 9.00 -69.74
CA SER G 22 124.85 9.15 -68.59
C SER G 22 125.57 9.81 -67.43
N SER G 23 126.84 9.46 -67.22
CA SER G 23 127.67 10.10 -66.21
C SER G 23 128.17 11.48 -66.65
N ARG G 24 128.06 11.81 -67.95
CA ARG G 24 128.40 13.15 -68.43
C ARG G 24 127.43 14.20 -67.90
N ALA G 25 126.15 13.87 -67.80
CA ALA G 25 125.15 14.78 -67.25
C ALA G 25 124.66 14.35 -65.87
N GLY G 26 125.36 13.42 -65.22
CA GLY G 26 125.00 13.01 -63.88
C GLY G 26 123.76 12.16 -63.75
N LEU G 27 123.24 11.64 -64.86
CA LEU G 27 122.03 10.84 -64.82
C LEU G 27 122.36 9.36 -64.60
N GLN G 28 121.54 8.71 -63.79
CA GLN G 28 121.67 7.27 -63.57
C GLN G 28 120.92 6.48 -64.63
N PHE G 29 119.89 7.08 -65.21
CA PHE G 29 119.17 6.44 -66.32
C PHE G 29 120.02 6.57 -67.58
N PRO G 30 120.05 5.53 -68.44
CA PRO G 30 120.94 5.56 -69.60
C PRO G 30 120.48 6.51 -70.70
N VAL G 31 121.33 7.48 -71.04
CA VAL G 31 121.02 8.41 -72.11
C VAL G 31 121.12 7.73 -73.47
N GLY G 32 122.12 6.86 -73.63
CA GLY G 32 122.32 6.13 -74.87
C GLY G 32 121.21 5.15 -75.21
N ARG G 33 120.67 4.48 -74.20
CA ARG G 33 119.56 3.54 -74.41
C ARG G 33 118.29 4.28 -74.78
N VAL G 34 118.05 5.43 -74.16
CA VAL G 34 116.88 6.26 -74.44
C VAL G 34 117.00 6.81 -75.86
N HIS G 35 118.21 7.21 -76.25
CA HIS G 35 118.47 7.70 -77.60
C HIS G 35 118.30 6.59 -78.66
N ARG G 36 118.73 5.38 -78.31
CA ARG G 36 118.61 4.25 -79.23
C ARG G 36 117.14 3.83 -79.39
N LEU G 37 116.37 3.89 -78.31
CA LEU G 37 114.94 3.61 -78.41
C LEU G 37 114.18 4.73 -79.09
N LEU G 38 114.68 5.97 -79.02
CA LEU G 38 114.09 7.07 -79.76
C LEU G 38 114.35 6.98 -81.25
N ARG G 39 115.54 6.51 -81.64
CA ARG G 39 115.82 6.27 -83.06
C ARG G 39 115.20 4.99 -83.58
N LYS G 40 114.95 4.01 -82.69
CA LYS G 40 114.46 2.71 -83.15
C LYS G 40 112.94 2.68 -83.20
N GLY G 41 112.29 3.36 -82.25
CA GLY G 41 110.84 3.36 -82.17
C GLY G 41 110.15 4.23 -83.20
N ASN G 42 110.96 4.99 -83.95
CA ASN G 42 110.52 5.87 -85.04
C ASN G 42 109.54 6.93 -84.52
N TYR G 43 110.04 7.74 -83.59
CA TYR G 43 109.30 8.90 -83.11
C TYR G 43 109.56 10.14 -83.96
N SER G 44 110.69 10.19 -84.66
CA SER G 44 111.04 11.28 -85.56
C SER G 44 112.09 10.82 -86.55
N GLU G 45 112.50 11.70 -87.47
CA GLU G 45 113.57 11.39 -88.40
C GLU G 45 114.95 11.65 -87.81
N ARG G 46 115.09 12.65 -86.94
CA ARG G 46 116.34 12.93 -86.25
C ARG G 46 116.04 13.17 -84.78
N VAL G 47 116.97 12.75 -83.92
CA VAL G 47 116.85 12.98 -82.48
C VAL G 47 117.98 13.91 -82.06
N GLY G 48 117.63 15.00 -81.39
CA GLY G 48 118.62 15.99 -81.00
C GLY G 48 119.52 15.49 -79.88
N ALA G 49 120.49 16.35 -79.53
CA ALA G 49 121.40 16.04 -78.43
C ALA G 49 120.81 16.35 -77.07
N GLY G 50 119.69 17.06 -77.01
CA GLY G 50 119.08 17.43 -75.75
C GLY G 50 117.85 16.63 -75.40
N ALA G 51 117.26 15.96 -76.39
CA ALA G 51 116.06 15.16 -76.15
C ALA G 51 116.30 13.92 -75.28
N PRO G 52 117.32 13.02 -75.54
CA PRO G 52 117.43 11.84 -74.67
C PRO G 52 118.13 12.13 -73.34
N VAL G 53 118.52 13.38 -73.12
CA VAL G 53 119.01 13.80 -71.81
C VAL G 53 117.99 14.63 -71.04
N TYR G 54 117.00 15.24 -71.70
CA TYR G 54 115.82 15.79 -71.04
C TYR G 54 114.88 14.67 -70.61
N LEU G 55 114.61 13.74 -71.52
CA LEU G 55 113.62 12.68 -71.30
C LEU G 55 114.10 11.68 -70.24
N ALA G 56 115.38 11.32 -70.28
CA ALA G 56 115.95 10.44 -69.27
C ALA G 56 115.96 11.10 -67.89
N ALA G 57 116.21 12.40 -67.82
CA ALA G 57 116.15 13.12 -66.55
C ALA G 57 114.73 13.23 -66.01
N VAL G 58 113.74 13.47 -66.87
CA VAL G 58 112.34 13.51 -66.44
C VAL G 58 111.89 12.13 -65.95
N LEU G 59 112.28 11.06 -66.66
CA LEU G 59 111.94 9.71 -66.24
C LEU G 59 112.67 9.32 -64.95
N GLU G 60 113.90 9.79 -64.76
CA GLU G 60 114.63 9.51 -63.53
C GLU G 60 114.01 10.26 -62.35
N TYR G 61 113.54 11.49 -62.58
CA TYR G 61 112.86 12.24 -61.54
C TYR G 61 111.54 11.57 -61.15
N LEU G 62 110.80 11.07 -62.15
CA LEU G 62 109.54 10.38 -61.86
C LEU G 62 109.79 9.06 -61.15
N THR G 63 110.88 8.37 -61.52
CA THR G 63 111.30 7.15 -60.83
C THR G 63 111.64 7.41 -59.38
N ALA G 64 112.41 8.47 -59.10
CA ALA G 64 112.72 8.87 -57.73
C ALA G 64 111.49 9.33 -56.95
N GLU G 65 110.57 10.06 -57.59
CA GLU G 65 109.38 10.56 -56.92
C GLU G 65 108.42 9.43 -56.56
N ILE G 66 108.32 8.41 -57.42
CA ILE G 66 107.48 7.24 -57.14
C ILE G 66 108.10 6.44 -56.00
N LEU G 67 109.40 6.18 -56.10
CA LEU G 67 110.09 5.30 -55.14
C LEU G 67 110.25 5.93 -53.77
N GLU G 68 110.31 7.27 -53.70
CA GLU G 68 110.38 7.97 -52.43
C GLU G 68 109.10 7.78 -51.62
N LEU G 69 107.96 7.98 -52.28
CA LEU G 69 106.67 7.76 -51.62
C LEU G 69 106.43 6.28 -51.37
N ALA G 70 106.98 5.42 -52.22
CA ALA G 70 106.88 3.98 -51.99
C ALA G 70 107.70 3.53 -50.79
N GLY G 71 108.83 4.17 -50.52
CA GLY G 71 109.61 3.89 -49.34
C GLY G 71 108.97 4.49 -48.11
N ASN G 72 108.32 5.65 -48.28
CA ASN G 72 107.60 6.27 -47.17
C ASN G 72 106.41 5.44 -46.72
N ALA G 73 105.67 4.89 -47.70
CA ALA G 73 104.54 4.01 -47.37
C ALA G 73 105.03 2.67 -46.82
N ALA G 74 106.24 2.25 -47.18
CA ALA G 74 106.81 1.05 -46.59
C ALA G 74 107.22 1.28 -45.15
N ARG G 75 107.78 2.47 -44.87
CA ARG G 75 108.19 2.80 -43.50
C ARG G 75 106.97 3.06 -42.62
N ASP G 76 105.86 3.52 -43.21
CA ASP G 76 104.65 3.74 -42.44
C ASP G 76 103.99 2.43 -42.01
N ASN G 77 104.18 1.37 -42.79
CA ASN G 77 103.60 0.07 -42.48
C ASN G 77 104.58 -0.86 -41.76
N LYS G 78 105.61 -0.30 -41.14
CA LYS G 78 106.62 -1.01 -40.35
C LYS G 78 107.34 -2.07 -41.18
N LYS G 79 107.90 -1.64 -42.30
CA LYS G 79 108.62 -2.54 -43.19
C LYS G 79 109.77 -1.80 -43.84
N THR G 80 110.76 -2.56 -44.30
CA THR G 80 111.89 -1.99 -45.02
C THR G 80 111.96 -2.57 -46.42
N ARG G 81 110.82 -3.01 -46.94
CA ARG G 81 110.77 -3.64 -48.26
C ARG G 81 109.57 -3.08 -49.01
N ILE G 82 109.81 -2.50 -50.19
CA ILE G 82 108.74 -1.92 -50.97
C ILE G 82 107.95 -3.04 -51.63
N ILE G 83 106.68 -3.17 -51.27
CA ILE G 83 105.79 -4.15 -51.88
C ILE G 83 104.82 -3.38 -52.78
N PRO G 84 104.15 -4.04 -53.73
CA PRO G 84 103.16 -3.32 -54.55
C PRO G 84 101.96 -2.75 -53.78
N ARG G 85 101.68 -3.26 -52.57
CA ARG G 85 100.69 -2.61 -51.72
C ARG G 85 101.18 -1.24 -51.24
N HIS G 86 102.47 -1.15 -50.90
CA HIS G 86 103.06 0.15 -50.57
C HIS G 86 103.10 1.06 -51.79
N LEU G 87 103.25 0.49 -52.98
CA LEU G 87 103.23 1.29 -54.20
C LEU G 87 101.83 1.82 -54.50
N GLN G 88 100.79 1.02 -54.24
CA GLN G 88 99.41 1.48 -54.39
C GLN G 88 99.09 2.56 -53.36
N LEU G 89 99.59 2.40 -52.12
CA LEU G 89 99.42 3.43 -51.11
C LEU G 89 100.21 4.69 -51.44
N ALA G 90 101.31 4.56 -52.18
CA ALA G 90 102.08 5.73 -52.58
C ALA G 90 101.41 6.48 -53.72
N ILE G 91 100.93 5.76 -54.73
CA ILE G 91 100.36 6.39 -55.91
C ILE G 91 98.96 6.94 -55.61
N ARG G 92 98.13 6.16 -54.92
CA ARG G 92 96.76 6.56 -54.64
C ARG G 92 96.65 7.60 -53.51
N ASN G 93 97.73 8.06 -52.88
CA ASN G 93 97.65 9.09 -51.84
C ASN G 93 98.50 10.30 -52.24
N ASP G 94 98.38 10.69 -53.50
CA ASP G 94 99.12 11.83 -54.02
C ASP G 94 98.24 12.54 -55.04
N GLU G 95 98.26 13.87 -55.04
CA GLU G 95 97.41 14.64 -55.93
C GLU G 95 97.88 14.54 -57.38
N GLU G 96 99.19 14.64 -57.60
CA GLU G 96 99.73 14.67 -58.96
C GLU G 96 99.80 13.27 -59.55
N LEU G 97 100.08 12.26 -58.72
CA LEU G 97 100.21 10.89 -59.18
C LEU G 97 98.85 10.31 -59.58
N ASN G 98 97.81 10.63 -58.81
CA ASN G 98 96.47 10.13 -59.14
C ASN G 98 95.90 10.85 -60.36
N LYS G 99 96.31 12.11 -60.56
CA LYS G 99 95.90 12.86 -61.73
C LYS G 99 96.59 12.33 -62.98
N LEU G 100 97.88 12.01 -62.87
CA LEU G 100 98.64 11.48 -63.99
C LEU G 100 98.22 10.04 -64.31
N LEU G 101 98.22 9.18 -63.29
CA LEU G 101 97.83 7.78 -63.46
C LEU G 101 96.35 7.61 -63.17
N GLY G 102 95.49 8.12 -64.05
CA GLY G 102 94.06 8.12 -63.83
C GLY G 102 93.40 6.77 -63.94
N ARG G 103 93.49 6.15 -65.11
CA ARG G 103 92.83 4.86 -65.38
C ARG G 103 93.78 3.70 -65.16
N VAL G 104 94.84 3.95 -64.48
CA VAL G 104 95.86 2.95 -64.19
C VAL G 104 95.39 2.00 -63.11
N THR G 105 95.50 0.70 -63.38
CA THR G 105 95.32 -0.34 -62.36
C THR G 105 96.69 -0.92 -62.04
N ILE G 106 96.90 -1.32 -60.78
CA ILE G 106 98.15 -1.93 -60.37
C ILE G 106 97.92 -3.42 -60.06
N ALA G 107 98.74 -4.28 -60.66
CA ALA G 107 98.75 -5.70 -60.35
C ALA G 107 99.24 -5.92 -58.93
N GLN G 108 98.44 -6.66 -58.15
CA GLN G 108 98.63 -6.87 -56.71
C GLN G 108 98.77 -5.55 -55.95
N GLY G 109 97.98 -4.55 -56.34
CA GLY G 109 98.05 -3.25 -55.70
C GLY G 109 97.07 -3.09 -54.55
N GLY G 110 95.79 -3.24 -54.85
CA GLY G 110 94.75 -3.12 -53.84
C GLY G 110 93.89 -1.88 -53.95
N VAL G 111 92.92 -1.75 -53.04
CA VAL G 111 91.98 -0.63 -53.03
C VAL G 111 92.18 0.13 -51.72
N LEU G 112 92.05 1.47 -51.77
CA LEU G 112 92.20 2.31 -50.58
C LEU G 112 91.05 2.09 -49.60
N PRO G 113 91.31 2.05 -48.29
CA PRO G 113 90.23 1.84 -47.32
C PRO G 113 89.47 3.10 -46.94
N ASN G 114 88.70 3.66 -47.86
CA ASN G 114 87.84 4.82 -47.57
C ASN G 114 86.40 4.34 -47.49
N ILE G 115 85.81 4.43 -46.30
CA ILE G 115 84.51 3.85 -46.01
C ILE G 115 83.50 4.98 -45.78
N GLN G 116 82.28 4.78 -46.27
CA GLN G 116 81.21 5.72 -46.06
C GLN G 116 80.00 4.99 -45.49
N ALA G 117 79.20 5.71 -44.71
CA ALA G 117 78.00 5.16 -44.10
C ALA G 117 76.75 5.70 -44.78
N VAL G 118 75.59 5.38 -44.21
CA VAL G 118 74.31 5.86 -44.72
C VAL G 118 74.11 7.32 -44.36
N GLU H 39 117.36 -7.16 -71.96
CA GLU H 39 117.71 -5.94 -71.25
C GLU H 39 116.45 -5.21 -70.76
N SER H 40 116.61 -4.40 -69.71
CA SER H 40 115.50 -3.68 -69.11
C SER H 40 115.98 -2.46 -68.34
N TYR H 41 115.04 -1.65 -67.84
CA TYR H 41 115.37 -0.45 -67.08
C TYR H 41 115.68 -0.74 -65.62
N SER H 42 115.45 -1.97 -65.16
CA SER H 42 115.33 -2.40 -63.75
C SER H 42 116.44 -1.92 -62.82
N ILE H 43 117.70 -2.25 -63.15
CA ILE H 43 118.82 -1.85 -62.29
C ILE H 43 119.04 -0.35 -62.36
N TYR H 44 118.69 0.27 -63.49
CA TYR H 44 118.66 1.74 -63.56
C TYR H 44 117.62 2.32 -62.62
N VAL H 45 116.51 1.59 -62.41
CA VAL H 45 115.58 1.93 -61.34
C VAL H 45 116.18 1.68 -59.96
N TYR H 46 117.04 0.67 -59.82
CA TYR H 46 117.52 0.25 -58.52
C TYR H 46 118.51 1.25 -57.91
N LYS H 47 119.42 1.78 -58.73
CA LYS H 47 120.42 2.73 -58.25
C LYS H 47 119.78 4.03 -57.79
N VAL H 48 118.78 4.50 -58.55
CA VAL H 48 117.96 5.62 -58.09
C VAL H 48 117.17 5.23 -56.84
N LEU H 49 116.77 3.95 -56.75
CA LEU H 49 116.19 3.42 -55.52
C LEU H 49 117.21 3.44 -54.38
N LYS H 50 118.49 3.26 -54.72
CA LYS H 50 119.54 3.41 -53.71
C LYS H 50 119.79 4.88 -53.41
N GLN H 51 119.34 5.78 -54.28
CA GLN H 51 119.50 7.22 -54.07
C GLN H 51 118.51 7.74 -53.03
N VAL H 52 117.23 7.44 -53.21
CA VAL H 52 116.19 8.01 -52.36
C VAL H 52 115.97 7.16 -51.11
N HIS H 53 116.31 5.87 -51.18
CA HIS H 53 116.06 4.98 -50.05
C HIS H 53 117.11 3.88 -49.98
N PRO H 54 118.28 4.13 -49.39
CA PRO H 54 119.32 3.09 -49.32
C PRO H 54 118.99 1.99 -48.32
N ASP H 55 118.28 2.35 -47.25
CA ASP H 55 117.94 1.38 -46.21
C ASP H 55 116.75 0.51 -46.58
N THR H 56 115.93 0.92 -47.54
CA THR H 56 114.72 0.21 -47.90
C THR H 56 114.99 -0.76 -49.04
N GLY H 57 114.59 -2.02 -48.84
CA GLY H 57 114.71 -3.03 -49.87
C GLY H 57 113.47 -3.09 -50.74
N ILE H 58 113.37 -4.13 -51.57
CA ILE H 58 112.28 -4.23 -52.55
C ILE H 58 112.16 -5.70 -53.00
N SER H 59 110.97 -6.08 -53.46
CA SER H 59 110.77 -7.39 -54.07
C SER H 59 110.98 -7.29 -55.57
N SER H 60 110.72 -8.36 -56.31
CA SER H 60 110.92 -8.33 -57.76
C SER H 60 109.65 -7.92 -58.48
N LYS H 61 108.50 -8.04 -57.81
CA LYS H 61 107.25 -7.60 -58.41
C LYS H 61 107.19 -6.08 -58.51
N ALA H 62 107.47 -5.38 -57.41
CA ALA H 62 107.46 -3.92 -57.38
C ALA H 62 108.53 -3.30 -58.24
N MET H 63 109.63 -4.02 -58.51
CA MET H 63 110.61 -3.59 -59.49
C MET H 63 110.02 -3.70 -60.88
N GLY H 64 109.31 -4.81 -61.13
CA GLY H 64 108.76 -5.06 -62.45
C GLY H 64 107.69 -4.06 -62.84
N ILE H 65 106.84 -3.68 -61.87
CA ILE H 65 105.93 -2.56 -62.06
C ILE H 65 106.71 -1.29 -62.35
N MET H 66 107.81 -1.10 -61.62
CA MET H 66 108.77 -0.03 -61.89
C MET H 66 109.37 -0.20 -63.27
N ASN H 67 109.67 -1.45 -63.63
CA ASN H 67 110.14 -1.75 -64.98
C ASN H 67 109.03 -1.57 -66.01
N SER H 68 107.78 -1.61 -65.56
CA SER H 68 106.66 -1.25 -66.41
C SER H 68 106.19 0.18 -66.19
N PHE H 69 106.87 0.94 -65.34
CA PHE H 69 106.45 2.32 -65.11
C PHE H 69 107.08 3.27 -66.11
N VAL H 70 108.42 3.18 -66.26
CA VAL H 70 109.20 4.17 -67.00
C VAL H 70 108.80 4.16 -68.48
N ASN H 71 108.75 2.96 -69.08
CA ASN H 71 108.31 2.84 -70.46
C ASN H 71 106.81 3.13 -70.61
N ASP H 72 106.06 3.14 -69.51
CA ASP H 72 104.69 3.64 -69.56
C ASP H 72 104.66 5.15 -69.76
N ILE H 73 105.62 5.86 -69.16
CA ILE H 73 105.64 7.31 -69.30
C ILE H 73 106.43 7.72 -70.54
N PHE H 74 107.48 6.94 -70.86
CA PHE H 74 108.30 7.15 -72.06
C PHE H 74 107.45 7.19 -73.32
N GLU H 75 106.63 6.15 -73.51
CA GLU H 75 105.64 6.05 -74.59
C GLU H 75 104.67 7.22 -74.57
N ARG H 76 104.41 7.79 -73.40
CA ARG H 76 103.68 9.05 -73.34
C ARG H 76 104.52 10.21 -73.86
N ILE H 77 105.69 10.45 -73.25
CA ILE H 77 106.39 11.71 -73.48
C ILE H 77 107.08 11.72 -74.83
N ALA H 78 107.64 10.58 -75.24
CA ALA H 78 108.13 10.45 -76.61
C ALA H 78 106.98 10.35 -77.60
N GLY H 79 105.79 9.98 -77.13
CA GLY H 79 104.62 9.92 -78.00
C GLY H 79 104.08 11.29 -78.34
N GLU H 80 103.84 12.10 -77.30
CA GLU H 80 103.32 13.46 -77.46
C GLU H 80 104.29 14.34 -78.22
N ALA H 81 105.59 14.14 -77.98
CA ALA H 81 106.62 14.83 -78.76
C ALA H 81 106.68 14.35 -80.21
N SER H 82 106.17 13.15 -80.49
CA SER H 82 106.05 12.71 -81.88
C SER H 82 104.97 13.49 -82.62
N ARG H 83 103.95 13.97 -81.90
CA ARG H 83 102.93 14.80 -82.51
C ARG H 83 103.31 16.28 -82.49
N LEU H 84 104.09 16.72 -81.51
CA LEU H 84 104.43 18.14 -81.35
C LEU H 84 105.29 18.65 -82.50
N ALA H 85 106.36 17.91 -82.83
CA ALA H 85 107.18 18.28 -83.98
C ALA H 85 106.44 18.12 -85.30
N HIS H 86 105.46 17.22 -85.38
CA HIS H 86 104.67 17.02 -86.58
C HIS H 86 103.71 18.18 -86.85
N TYR H 87 103.30 18.89 -85.80
CA TYR H 87 102.35 19.99 -85.97
C TYR H 87 103.02 21.25 -86.50
N ASN H 88 104.30 21.45 -86.19
CA ASN H 88 105.06 22.62 -86.63
C ASN H 88 105.99 22.27 -87.78
N LYS H 89 105.68 21.17 -88.48
CA LYS H 89 106.36 20.67 -89.68
C LYS H 89 107.85 20.37 -89.43
N ARG H 90 108.20 20.01 -88.20
CA ARG H 90 109.57 19.65 -87.90
C ARG H 90 109.76 18.14 -87.98
N SER H 91 110.91 17.73 -88.52
CA SER H 91 111.27 16.32 -88.61
C SER H 91 112.37 15.95 -87.63
N THR H 92 112.53 16.76 -86.59
CA THR H 92 113.50 16.47 -85.53
C THR H 92 112.86 16.81 -84.19
N ILE H 93 113.43 16.24 -83.12
CA ILE H 93 112.95 16.48 -81.77
C ILE H 93 114.10 17.07 -80.97
N THR H 94 113.98 18.33 -80.60
CA THR H 94 114.93 18.98 -79.69
C THR H 94 114.43 18.85 -78.25
N SER H 95 115.06 19.60 -77.35
CA SER H 95 114.62 19.63 -75.96
C SER H 95 113.27 20.31 -75.78
N ARG H 96 112.90 21.20 -76.70
CA ARG H 96 111.64 21.93 -76.58
C ARG H 96 110.42 21.05 -76.79
N GLU H 97 110.54 20.04 -77.67
CA GLU H 97 109.42 19.12 -77.91
C GLU H 97 109.17 18.23 -76.70
N ILE H 98 110.25 17.71 -76.10
CA ILE H 98 110.12 16.90 -74.89
C ILE H 98 109.63 17.74 -73.72
N GLN H 99 110.09 19.00 -73.64
CA GLN H 99 109.65 19.94 -72.61
C GLN H 99 108.16 20.24 -72.73
N THR H 100 107.69 20.47 -73.96
CA THR H 100 106.28 20.72 -74.20
C THR H 100 105.44 19.47 -73.94
N ALA H 101 105.96 18.28 -74.24
CA ALA H 101 105.25 17.04 -73.92
C ALA H 101 105.14 16.82 -72.41
N VAL H 102 106.19 17.18 -71.67
CA VAL H 102 106.15 17.09 -70.21
C VAL H 102 105.15 18.10 -69.65
N ARG H 103 105.15 19.32 -70.18
CA ARG H 103 104.25 20.37 -69.73
C ARG H 103 102.79 20.08 -70.08
N LEU H 104 102.58 19.32 -71.15
CA LEU H 104 101.22 18.96 -71.58
C LEU H 104 100.71 17.70 -70.90
N LEU H 105 101.56 16.74 -70.59
CA LEU H 105 101.13 15.45 -70.04
C LEU H 105 101.10 15.42 -68.52
N LEU H 106 102.14 15.91 -67.87
CA LEU H 106 102.21 15.85 -66.41
C LEU H 106 101.34 16.94 -65.80
N PRO H 107 100.77 16.72 -64.62
CA PRO H 107 100.00 17.79 -63.95
C PRO H 107 100.92 18.90 -63.46
N GLY H 108 100.28 20.01 -63.08
CA GLY H 108 100.89 21.29 -62.78
C GLY H 108 102.10 21.33 -61.86
N GLU H 109 102.00 20.68 -60.70
CA GLU H 109 103.15 20.60 -59.80
C GLU H 109 104.16 19.56 -60.28
N LEU H 110 103.71 18.54 -61.00
CA LEU H 110 104.64 17.52 -61.50
C LEU H 110 105.36 18.00 -62.74
N ALA H 111 104.67 18.75 -63.62
CA ALA H 111 105.24 19.24 -64.86
C ALA H 111 106.34 20.26 -64.61
N LYS H 112 106.11 21.19 -63.68
CA LYS H 112 107.12 22.18 -63.33
C LYS H 112 108.33 21.53 -62.67
N HIS H 113 108.08 20.51 -61.84
CA HIS H 113 109.17 19.82 -61.16
C HIS H 113 109.99 18.97 -62.12
N ALA H 114 109.37 18.42 -63.16
CA ALA H 114 110.12 17.70 -64.17
C ALA H 114 110.79 18.63 -65.18
N VAL H 115 110.25 19.84 -65.37
CA VAL H 115 110.93 20.86 -66.17
C VAL H 115 112.20 21.32 -65.46
N SER H 116 112.10 21.60 -64.15
CA SER H 116 113.27 22.01 -63.39
C SER H 116 114.26 20.87 -63.21
N GLU H 117 113.81 19.61 -63.29
CA GLU H 117 114.71 18.47 -63.32
C GLU H 117 115.17 18.12 -64.74
N GLY H 118 114.53 18.67 -65.76
CA GLY H 118 114.90 18.40 -67.13
C GLY H 118 115.72 19.47 -67.78
N THR H 119 115.48 20.74 -67.43
CA THR H 119 116.18 21.87 -68.03
C THR H 119 117.56 22.06 -67.42
N LYS H 120 117.91 21.26 -66.41
CA LYS H 120 119.26 21.28 -65.86
C LYS H 120 120.16 20.20 -66.48
N ALA H 121 119.59 19.15 -67.05
CA ALA H 121 120.38 18.10 -67.69
C ALA H 121 120.75 18.40 -69.12
N VAL H 122 120.04 19.34 -69.77
CA VAL H 122 120.43 19.76 -71.11
C VAL H 122 121.59 20.75 -71.05
N THR H 123 121.77 21.39 -69.90
CA THR H 123 122.85 22.37 -69.74
C THR H 123 124.16 21.69 -69.35
N LYS H 124 124.09 20.72 -68.43
CA LYS H 124 125.29 20.08 -67.92
C LYS H 124 125.78 18.97 -68.85
N TYR H 125 125.04 18.69 -69.92
CA TYR H 125 125.49 17.76 -70.95
C TYR H 125 126.19 18.46 -72.11
N THR H 126 125.68 19.64 -72.51
CA THR H 126 126.29 20.38 -73.61
C THR H 126 127.55 21.11 -73.15
N SER H 127 127.47 21.81 -72.03
CA SER H 127 128.65 22.53 -71.52
C SER H 127 129.65 21.61 -70.85
N ALA H 128 129.21 20.44 -70.38
CA ALA H 128 130.11 19.50 -69.73
C ALA H 128 129.85 18.07 -70.21
N PRO K 42 -46.63 -24.28 -29.05
CA PRO K 42 -47.93 -24.08 -28.40
C PRO K 42 -48.31 -22.61 -28.29
N HIS K 43 -48.93 -22.23 -27.18
CA HIS K 43 -49.35 -20.85 -26.94
C HIS K 43 -49.14 -20.51 -25.48
N ARG K 44 -48.42 -19.44 -25.21
CA ARG K 44 -48.12 -19.00 -23.86
C ARG K 44 -48.40 -17.51 -23.75
N TYR K 45 -49.16 -17.13 -22.73
CA TYR K 45 -49.49 -15.72 -22.52
C TYR K 45 -48.27 -14.95 -22.03
N ARG K 46 -48.19 -13.68 -22.44
CA ARG K 46 -47.12 -12.82 -22.00
C ARG K 46 -47.31 -12.43 -20.53
N PRO K 47 -46.21 -12.17 -19.81
CA PRO K 47 -46.34 -11.72 -18.41
C PRO K 47 -46.96 -10.34 -18.30
N GLY K 48 -48.19 -10.27 -17.82
CA GLY K 48 -48.87 -8.99 -17.65
C GLY K 48 -50.33 -8.99 -18.03
N THR K 49 -50.73 -9.81 -19.00
CA THR K 49 -52.11 -9.82 -19.46
C THR K 49 -53.00 -10.79 -18.69
N VAL K 50 -52.42 -11.87 -18.14
CA VAL K 50 -53.18 -12.74 -17.25
C VAL K 50 -53.46 -12.01 -15.94
N ALA K 51 -52.52 -11.15 -15.51
CA ALA K 51 -52.74 -10.30 -14.35
C ALA K 51 -53.89 -9.32 -14.57
N LEU K 52 -53.94 -8.70 -15.76
CA LEU K 52 -55.03 -7.78 -16.06
C LEU K 52 -56.36 -8.51 -16.24
N ARG K 53 -56.32 -9.73 -16.77
CA ARG K 53 -57.55 -10.53 -16.87
C ARG K 53 -58.07 -10.91 -15.49
N GLU K 54 -57.16 -11.22 -14.56
CA GLU K 54 -57.57 -11.48 -13.18
C GLU K 54 -58.07 -10.22 -12.50
N ILE K 55 -57.51 -9.06 -12.85
CA ILE K 55 -57.99 -7.77 -12.33
C ILE K 55 -59.43 -7.53 -12.79
N ARG K 56 -59.69 -7.73 -14.09
CA ARG K 56 -61.05 -7.58 -14.62
C ARG K 56 -62.00 -8.62 -14.05
N ARG K 57 -61.51 -9.83 -13.77
CA ARG K 57 -62.34 -10.88 -13.19
C ARG K 57 -62.76 -10.56 -11.76
N TYR K 58 -61.80 -10.16 -10.94
CA TYR K 58 -62.11 -9.87 -9.54
C TYR K 58 -62.66 -8.47 -9.33
N GLN K 59 -62.70 -7.64 -10.37
CA GLN K 59 -63.43 -6.38 -10.30
C GLN K 59 -64.82 -6.45 -10.92
N LYS K 60 -65.07 -7.41 -11.81
CA LYS K 60 -66.40 -7.58 -12.37
C LYS K 60 -67.32 -8.32 -11.41
N SER K 61 -66.79 -9.31 -10.69
CA SER K 61 -67.56 -10.10 -9.74
C SER K 61 -67.36 -9.58 -8.33
N THR K 62 -68.10 -10.15 -7.38
CA THR K 62 -68.04 -9.75 -5.99
C THR K 62 -67.76 -10.92 -5.05
N GLU K 63 -67.29 -12.06 -5.58
CA GLU K 63 -67.03 -13.23 -4.76
C GLU K 63 -65.74 -13.06 -3.97
N LEU K 64 -65.66 -13.78 -2.84
CA LEU K 64 -64.55 -13.65 -1.91
C LEU K 64 -63.29 -14.33 -2.45
N LEU K 65 -62.14 -13.83 -1.99
CA LEU K 65 -60.85 -14.34 -2.40
C LEU K 65 -60.13 -15.14 -1.32
N ILE K 66 -60.18 -14.68 -0.07
CA ILE K 66 -59.59 -15.39 1.04
C ILE K 66 -60.40 -16.66 1.31
N ARG K 67 -59.70 -17.77 1.54
CA ARG K 67 -60.35 -19.04 1.84
C ARG K 67 -61.07 -18.97 3.19
N LYS K 68 -62.19 -19.69 3.28
CA LYS K 68 -63.11 -19.52 4.40
C LYS K 68 -62.57 -20.17 5.68
N LEU K 69 -62.32 -21.47 5.63
CA LEU K 69 -61.91 -22.21 6.83
C LEU K 69 -60.47 -21.93 7.28
N PRO K 70 -59.47 -21.70 6.41
CA PRO K 70 -58.18 -21.19 6.94
C PRO K 70 -58.27 -19.83 7.61
N PHE K 71 -59.08 -18.91 7.08
CA PHE K 71 -59.26 -17.63 7.75
C PHE K 71 -60.05 -17.78 9.05
N GLN K 72 -60.98 -18.73 9.10
CA GLN K 72 -61.70 -19.00 10.34
C GLN K 72 -60.78 -19.58 11.40
N ARG K 73 -59.87 -20.48 11.00
CA ARG K 73 -58.88 -21.01 11.94
C ARG K 73 -57.88 -19.93 12.37
N LEU K 74 -57.56 -18.99 11.47
CA LEU K 74 -56.70 -17.88 11.84
C LEU K 74 -57.37 -16.95 12.84
N VAL K 75 -58.67 -16.68 12.64
CA VAL K 75 -59.44 -15.88 13.59
C VAL K 75 -59.53 -16.59 14.94
N ARG K 76 -59.72 -17.91 14.92
CA ARG K 76 -59.78 -18.70 16.16
C ARG K 76 -58.45 -18.66 16.91
N GLU K 77 -57.33 -18.79 16.18
CA GLU K 77 -56.01 -18.75 16.81
C GLU K 77 -55.68 -17.37 17.37
N ILE K 78 -56.01 -16.32 16.61
CA ILE K 78 -55.70 -14.96 17.04
C ILE K 78 -56.54 -14.56 18.25
N ALA K 79 -57.82 -14.94 18.25
CA ALA K 79 -58.66 -14.69 19.40
C ALA K 79 -58.32 -15.58 20.59
N GLN K 80 -57.82 -16.79 20.35
CA GLN K 80 -57.37 -17.64 21.44
C GLN K 80 -56.05 -17.17 22.03
N ASP K 81 -55.30 -16.35 21.29
CA ASP K 81 -54.17 -15.63 21.88
C ASP K 81 -54.63 -14.54 22.86
N PHE K 82 -55.89 -14.13 22.81
CA PHE K 82 -56.45 -13.15 23.74
C PHE K 82 -57.36 -13.79 24.79
N LYS K 83 -58.27 -14.68 24.37
CA LYS K 83 -59.19 -15.33 25.30
C LYS K 83 -59.61 -16.67 24.74
N THR K 84 -59.51 -17.71 25.56
CA THR K 84 -59.85 -19.07 25.15
C THR K 84 -61.35 -19.31 25.32
N ASP K 85 -61.81 -20.42 24.70
CA ASP K 85 -63.18 -20.93 24.78
C ASP K 85 -64.21 -19.90 24.29
N LEU K 86 -64.12 -19.56 23.01
CA LEU K 86 -65.01 -18.60 22.37
C LEU K 86 -65.55 -19.20 21.08
N ARG K 87 -66.86 -19.40 21.03
CA ARG K 87 -67.51 -19.84 19.80
C ARG K 87 -67.71 -18.67 18.86
N PHE K 88 -67.72 -18.97 17.56
CA PHE K 88 -67.79 -17.95 16.52
C PHE K 88 -68.95 -18.25 15.58
N GLN K 89 -69.90 -17.34 15.50
CA GLN K 89 -70.93 -17.44 14.48
C GLN K 89 -70.33 -17.18 13.11
N SER K 90 -70.97 -17.73 12.07
CA SER K 90 -70.41 -17.63 10.72
C SER K 90 -70.51 -16.20 10.17
N SER K 91 -71.49 -15.42 10.65
CA SER K 91 -71.61 -14.03 10.22
C SER K 91 -70.45 -13.18 10.72
N ALA K 92 -69.94 -13.48 11.93
CA ALA K 92 -68.79 -12.76 12.46
C ALA K 92 -67.53 -13.04 11.65
N VAL K 93 -67.32 -14.31 11.27
CA VAL K 93 -66.16 -14.67 10.47
C VAL K 93 -66.28 -14.10 9.06
N MET K 94 -67.50 -14.05 8.52
CA MET K 94 -67.70 -13.47 7.19
C MET K 94 -67.49 -11.97 7.19
N ALA K 95 -67.93 -11.28 8.25
CA ALA K 95 -67.70 -9.84 8.36
C ALA K 95 -66.23 -9.53 8.58
N LEU K 96 -65.53 -10.37 9.35
CA LEU K 96 -64.09 -10.22 9.53
C LEU K 96 -63.34 -10.44 8.22
N GLN K 97 -63.77 -11.42 7.43
CA GLN K 97 -63.16 -11.68 6.13
C GLN K 97 -63.41 -10.54 5.15
N GLU K 98 -64.63 -9.98 5.17
CA GLU K 98 -64.95 -8.86 4.28
C GLU K 98 -64.16 -7.60 4.65
N ALA K 99 -64.06 -7.31 5.95
CA ALA K 99 -63.31 -6.15 6.40
C ALA K 99 -61.82 -6.31 6.13
N CYS K 100 -61.29 -7.53 6.34
CA CYS K 100 -59.89 -7.78 6.06
C CYS K 100 -59.58 -7.69 4.57
N GLU K 101 -60.51 -8.18 3.72
CA GLU K 101 -60.34 -8.08 2.28
C GLU K 101 -60.37 -6.63 1.80
N ALA K 102 -61.30 -5.82 2.35
CA ALA K 102 -61.39 -4.42 1.95
C ALA K 102 -60.17 -3.63 2.41
N TYR K 103 -59.70 -3.89 3.63
CA TYR K 103 -58.51 -3.21 4.14
C TYR K 103 -57.26 -3.62 3.38
N LEU K 104 -57.18 -4.89 2.97
CA LEU K 104 -56.00 -5.35 2.25
C LEU K 104 -55.99 -4.84 0.81
N VAL K 105 -57.15 -4.74 0.16
CA VAL K 105 -57.14 -4.18 -1.19
C VAL K 105 -56.95 -2.67 -1.16
N GLY K 106 -57.35 -2.00 -0.07
CA GLY K 106 -57.04 -0.58 0.06
C GLY K 106 -55.55 -0.36 0.30
N LEU K 107 -54.94 -1.23 1.12
CA LEU K 107 -53.50 -1.19 1.33
C LEU K 107 -52.74 -1.49 0.04
N PHE K 108 -53.26 -2.42 -0.77
CA PHE K 108 -52.62 -2.74 -2.05
C PHE K 108 -52.78 -1.61 -3.06
N GLU K 109 -53.92 -0.90 -3.01
CA GLU K 109 -54.11 0.28 -3.85
C GLU K 109 -53.10 1.37 -3.51
N ASP K 110 -52.94 1.66 -2.21
CA ASP K 110 -51.95 2.67 -1.81
C ASP K 110 -50.52 2.18 -2.04
N THR K 111 -50.29 0.87 -1.96
CA THR K 111 -48.97 0.30 -2.23
C THR K 111 -48.60 0.44 -3.69
N ASN K 112 -49.54 0.15 -4.60
CA ASN K 112 -49.29 0.33 -6.02
C ASN K 112 -49.17 1.80 -6.39
N LEU K 113 -49.90 2.68 -5.69
CA LEU K 113 -49.74 4.12 -5.90
C LEU K 113 -48.35 4.59 -5.47
N CYS K 114 -47.84 4.04 -4.36
CA CYS K 114 -46.48 4.35 -3.92
C CYS K 114 -45.45 3.78 -4.88
N ALA K 115 -45.73 2.62 -5.48
CA ALA K 115 -44.78 2.00 -6.42
C ALA K 115 -44.71 2.79 -7.72
N ILE K 116 -45.86 3.22 -8.24
CA ILE K 116 -45.88 4.10 -9.41
C ILE K 116 -45.24 5.45 -9.08
N HIS K 117 -45.43 5.92 -7.84
CA HIS K 117 -44.83 7.19 -7.42
C HIS K 117 -43.31 7.11 -7.34
N ALA K 118 -42.75 5.94 -7.06
CA ALA K 118 -41.31 5.76 -6.96
C ALA K 118 -40.67 5.30 -8.26
N LYS K 119 -41.29 5.63 -9.41
CA LYS K 119 -40.81 5.30 -10.75
C LYS K 119 -40.65 3.80 -10.95
N ARG K 120 -41.58 3.03 -10.40
CA ARG K 120 -41.55 1.57 -10.51
C ARG K 120 -42.90 1.07 -10.99
N VAL K 121 -42.90 -0.17 -11.46
CA VAL K 121 -44.14 -0.92 -11.64
C VAL K 121 -44.24 -2.14 -10.74
N THR K 122 -43.14 -2.57 -10.13
CA THR K 122 -43.16 -3.64 -9.15
C THR K 122 -43.25 -3.05 -7.75
N ILE K 123 -44.21 -3.52 -6.97
CA ILE K 123 -44.34 -3.01 -5.61
C ILE K 123 -43.24 -3.59 -4.73
N MET K 124 -42.90 -2.86 -3.68
CA MET K 124 -41.84 -3.22 -2.74
C MET K 124 -42.40 -3.05 -1.33
N PRO K 125 -41.75 -3.64 -0.32
CA PRO K 125 -42.21 -3.41 1.07
C PRO K 125 -42.12 -1.97 1.53
N LYS K 126 -41.22 -1.16 0.96
CA LYS K 126 -41.18 0.25 1.33
C LYS K 126 -42.38 1.03 0.81
N ASP K 127 -43.05 0.53 -0.23
CA ASP K 127 -44.33 1.11 -0.64
C ASP K 127 -45.38 0.93 0.45
N ILE K 128 -45.46 -0.27 1.04
CA ILE K 128 -46.39 -0.52 2.14
C ILE K 128 -46.00 0.28 3.37
N GLN K 129 -44.69 0.43 3.61
CA GLN K 129 -44.21 1.22 4.73
C GLN K 129 -44.57 2.69 4.57
N LEU K 130 -44.43 3.23 3.35
CA LEU K 130 -44.79 4.63 3.11
C LEU K 130 -46.30 4.83 3.16
N ALA K 131 -47.07 3.84 2.70
CA ALA K 131 -48.53 3.94 2.75
C ALA K 131 -49.04 3.92 4.18
N ARG K 132 -48.49 3.05 5.03
CA ARG K 132 -48.85 3.05 6.44
C ARG K 132 -48.25 4.21 7.20
N ARG K 133 -47.20 4.85 6.67
CA ARG K 133 -46.67 6.04 7.31
C ARG K 133 -47.53 7.27 7.02
N ILE K 134 -48.03 7.39 5.78
CA ILE K 134 -48.97 8.47 5.47
C ILE K 134 -50.30 8.24 6.16
N ARG K 135 -50.79 6.99 6.17
CA ARG K 135 -52.02 6.66 6.87
C ARG K 135 -51.87 6.75 8.38
N GLY K 136 -50.67 6.58 8.90
CA GLY K 136 -50.48 6.54 10.35
C GLY K 136 -50.81 5.21 10.98
N GLU K 137 -50.99 4.16 10.17
CA GLU K 137 -51.29 2.84 10.70
C GLU K 137 -50.03 2.19 11.25
N ARG K 138 -50.08 1.83 12.53
CA ARG K 138 -48.92 1.23 13.19
C ARG K 138 -49.27 -0.16 13.73
N LYS L 24 -58.95 -29.42 19.03
CA LYS L 24 -57.96 -29.35 17.96
C LYS L 24 -57.08 -28.11 18.11
N VAL L 25 -55.78 -28.33 18.24
CA VAL L 25 -54.83 -27.22 18.34
C VAL L 25 -54.65 -26.61 16.96
N LEU L 26 -54.63 -25.28 16.91
CA LEU L 26 -54.51 -24.53 15.66
C LEU L 26 -53.19 -23.78 15.63
N ARG L 27 -52.39 -24.03 14.60
CA ARG L 27 -51.07 -23.42 14.48
C ARG L 27 -50.74 -23.25 13.01
N ASP L 28 -49.99 -22.17 12.71
CA ASP L 28 -49.55 -21.80 11.37
C ASP L 28 -50.72 -21.60 10.41
N ASN L 29 -51.77 -20.94 10.90
CA ASN L 29 -52.92 -20.61 10.07
C ASN L 29 -52.71 -19.34 9.25
N ILE L 30 -51.63 -18.60 9.50
CA ILE L 30 -51.31 -17.47 8.64
C ILE L 30 -50.77 -17.96 7.29
N GLN L 31 -50.21 -19.18 7.26
CA GLN L 31 -49.86 -19.82 6.00
C GLN L 31 -51.08 -20.34 5.26
N GLY L 32 -52.23 -20.45 5.93
CA GLY L 32 -53.48 -20.70 5.23
C GLY L 32 -53.92 -19.54 4.35
N ILE L 33 -53.48 -18.33 4.67
CA ILE L 33 -53.60 -17.19 3.77
C ILE L 33 -52.43 -17.29 2.80
N THR L 34 -52.63 -18.01 1.70
CA THR L 34 -51.53 -18.47 0.87
C THR L 34 -51.06 -17.36 -0.08
N LYS L 35 -49.99 -17.67 -0.80
CA LYS L 35 -49.44 -16.72 -1.77
C LYS L 35 -50.36 -16.44 -2.96
N PRO L 36 -51.06 -17.40 -3.59
CA PRO L 36 -52.07 -16.99 -4.58
C PRO L 36 -53.28 -16.28 -3.99
N ALA L 37 -53.56 -16.46 -2.69
CA ALA L 37 -54.64 -15.67 -2.07
C ALA L 37 -54.24 -14.20 -1.96
N ILE L 38 -52.99 -13.93 -1.56
CA ILE L 38 -52.49 -12.57 -1.56
C ILE L 38 -52.35 -12.03 -2.99
N ARG L 39 -52.09 -12.93 -3.95
CA ARG L 39 -52.06 -12.51 -5.36
C ARG L 39 -53.45 -12.10 -5.84
N ARG L 40 -54.48 -12.83 -5.44
CA ARG L 40 -55.86 -12.44 -5.78
C ARG L 40 -56.26 -11.14 -5.09
N LEU L 41 -55.84 -10.96 -3.83
CA LEU L 41 -56.11 -9.71 -3.12
C LEU L 41 -55.40 -8.53 -3.76
N ALA L 42 -54.20 -8.74 -4.30
CA ALA L 42 -53.50 -7.67 -5.00
C ALA L 42 -54.07 -7.42 -6.39
N ARG L 43 -54.64 -8.45 -7.03
CA ARG L 43 -55.36 -8.24 -8.28
C ARG L 43 -56.62 -7.41 -8.04
N ARG L 44 -57.32 -7.66 -6.93
CA ARG L 44 -58.44 -6.81 -6.57
C ARG L 44 -57.97 -5.41 -6.17
N GLY L 45 -56.77 -5.31 -5.61
CA GLY L 45 -56.16 -4.04 -5.27
C GLY L 45 -55.44 -3.33 -6.40
N GLY L 46 -55.39 -3.92 -7.59
CA GLY L 46 -54.79 -3.26 -8.74
C GLY L 46 -53.28 -3.33 -8.82
N VAL L 47 -52.67 -4.45 -8.41
CA VAL L 47 -51.22 -4.62 -8.43
C VAL L 47 -50.86 -5.63 -9.52
N LYS L 48 -49.96 -5.23 -10.41
CA LYS L 48 -49.52 -6.13 -11.48
C LYS L 48 -48.40 -7.05 -11.01
N ARG L 49 -47.29 -6.47 -10.55
CA ARG L 49 -46.12 -7.23 -10.14
C ARG L 49 -46.02 -7.20 -8.62
N ILE L 50 -45.90 -8.38 -8.01
CA ILE L 50 -45.93 -8.56 -6.57
C ILE L 50 -44.58 -9.12 -6.14
N SER L 51 -43.86 -8.38 -5.30
CA SER L 51 -42.57 -8.85 -4.82
C SER L 51 -42.72 -10.01 -3.83
N GLY L 52 -41.62 -10.74 -3.64
CA GLY L 52 -41.64 -11.93 -2.81
C GLY L 52 -41.84 -11.68 -1.34
N LEU L 53 -41.41 -10.52 -0.85
CA LEU L 53 -41.59 -10.17 0.55
C LEU L 53 -43.00 -9.63 0.84
N ILE L 54 -43.77 -9.31 -0.20
CA ILE L 54 -45.13 -8.84 -0.01
C ILE L 54 -46.03 -9.96 0.51
N TYR L 55 -45.71 -11.21 0.17
CA TYR L 55 -46.49 -12.35 0.63
C TYR L 55 -46.33 -12.59 2.13
N GLU L 56 -45.29 -12.02 2.75
CA GLU L 56 -45.18 -12.06 4.20
C GLU L 56 -45.61 -10.74 4.83
N GLU L 57 -45.40 -9.63 4.12
CA GLU L 57 -45.74 -8.32 4.67
C GLU L 57 -47.25 -8.13 4.73
N THR L 58 -47.97 -8.58 3.70
CA THR L 58 -49.43 -8.52 3.71
C THR L 58 -50.01 -9.44 4.77
N ARG L 59 -49.38 -10.59 5.01
CA ARG L 59 -49.80 -11.49 6.08
C ARG L 59 -49.59 -10.84 7.44
N GLY L 60 -48.49 -10.11 7.62
CA GLY L 60 -48.25 -9.42 8.88
C GLY L 60 -49.21 -8.26 9.11
N VAL L 61 -49.52 -7.51 8.05
CA VAL L 61 -50.49 -6.42 8.16
C VAL L 61 -51.89 -6.96 8.44
N LEU L 62 -52.25 -8.09 7.81
CA LEU L 62 -53.52 -8.74 8.10
C LEU L 62 -53.56 -9.26 9.54
N LYS L 63 -52.44 -9.75 10.05
CA LYS L 63 -52.39 -10.26 11.42
C LYS L 63 -52.52 -9.13 12.44
N VAL L 64 -51.86 -7.99 12.20
CA VAL L 64 -51.99 -6.89 13.14
C VAL L 64 -53.31 -6.14 12.96
N PHE L 65 -53.99 -6.33 11.83
CA PHE L 65 -55.35 -5.82 11.70
C PHE L 65 -56.34 -6.68 12.48
N LEU L 66 -56.18 -8.01 12.38
CA LEU L 66 -57.04 -8.92 13.14
C LEU L 66 -56.78 -8.82 14.63
N GLU L 67 -55.53 -8.57 15.03
CA GLU L 67 -55.22 -8.33 16.43
C GLU L 67 -55.77 -7.01 16.94
N ASN L 68 -56.13 -6.09 16.06
CA ASN L 68 -56.79 -4.86 16.48
C ASN L 68 -58.31 -5.00 16.52
N VAL L 69 -58.88 -5.82 15.63
CA VAL L 69 -60.34 -5.93 15.55
C VAL L 69 -60.87 -6.99 16.51
N ILE L 70 -60.34 -8.21 16.42
CA ILE L 70 -60.89 -9.32 17.19
C ILE L 70 -60.59 -9.18 18.68
N ARG L 71 -59.53 -8.44 19.05
CA ARG L 71 -59.30 -8.16 20.46
C ARG L 71 -60.37 -7.25 21.04
N ASP L 72 -60.80 -6.24 20.27
CA ASP L 72 -61.91 -5.40 20.69
C ASP L 72 -63.22 -6.20 20.73
N ALA L 73 -63.39 -7.13 19.78
CA ALA L 73 -64.58 -7.98 19.80
C ALA L 73 -64.58 -8.92 21.01
N VAL L 74 -63.40 -9.38 21.43
CA VAL L 74 -63.26 -10.15 22.66
C VAL L 74 -63.62 -9.30 23.88
N THR L 75 -63.23 -8.01 23.85
CA THR L 75 -63.61 -7.10 24.94
C THR L 75 -65.11 -6.87 24.98
N TYR L 76 -65.77 -6.76 23.81
CA TYR L 76 -67.22 -6.62 23.77
C TYR L 76 -67.93 -7.87 24.26
N THR L 77 -67.39 -9.05 23.94
CA THR L 77 -67.99 -10.29 24.39
C THR L 77 -67.77 -10.48 25.90
N GLU L 78 -66.64 -10.01 26.42
CA GLU L 78 -66.38 -10.07 27.86
C GLU L 78 -67.28 -9.11 28.63
N HIS L 79 -67.55 -7.93 28.07
CA HIS L 79 -68.43 -6.97 28.73
C HIS L 79 -69.90 -7.40 28.70
N ALA L 80 -70.31 -8.19 27.71
CA ALA L 80 -71.70 -8.60 27.58
C ALA L 80 -72.03 -9.88 28.34
N LYS L 81 -71.09 -10.36 29.17
CA LYS L 81 -71.22 -11.60 29.97
C LYS L 81 -71.52 -12.80 29.07
N ARG L 82 -70.80 -12.89 27.97
CA ARG L 82 -71.03 -13.90 26.94
C ARG L 82 -69.76 -14.68 26.65
N LYS L 83 -69.93 -15.93 26.23
CA LYS L 83 -68.82 -16.80 25.87
C LYS L 83 -68.78 -17.10 24.38
N THR L 84 -69.70 -16.56 23.60
CA THR L 84 -69.71 -16.72 22.15
C THR L 84 -69.65 -15.35 21.50
N VAL L 85 -68.59 -15.10 20.73
CA VAL L 85 -68.40 -13.80 20.10
C VAL L 85 -69.36 -13.71 18.91
N THR L 86 -70.38 -12.87 19.03
CA THR L 86 -71.36 -12.68 17.97
C THR L 86 -70.82 -11.72 16.92
N ALA L 87 -71.64 -11.49 15.88
CA ALA L 87 -71.22 -10.59 14.80
C ALA L 87 -71.33 -9.13 15.20
N MET L 88 -72.20 -8.81 16.16
CA MET L 88 -72.38 -7.43 16.59
C MET L 88 -71.14 -6.87 17.28
N ASP L 89 -70.38 -7.73 17.97
CA ASP L 89 -69.09 -7.32 18.51
C ASP L 89 -68.11 -6.97 17.40
N VAL L 90 -68.17 -7.69 16.28
CA VAL L 90 -67.29 -7.41 15.15
C VAL L 90 -67.69 -6.10 14.48
N VAL L 91 -68.99 -5.84 14.35
CA VAL L 91 -69.45 -4.58 13.77
C VAL L 91 -69.11 -3.40 14.68
N TYR L 92 -69.22 -3.57 15.99
CA TYR L 92 -68.87 -2.49 16.90
C TYR L 92 -67.36 -2.25 16.97
N ALA L 93 -66.56 -3.32 16.84
CA ALA L 93 -65.12 -3.15 16.77
C ALA L 93 -64.70 -2.48 15.48
N LEU L 94 -65.41 -2.75 14.38
CA LEU L 94 -65.15 -2.04 13.13
C LEU L 94 -65.61 -0.59 13.22
N LYS L 95 -66.65 -0.33 14.01
CA LYS L 95 -67.09 1.05 14.24
C LYS L 95 -66.06 1.84 15.04
N ARG L 96 -65.46 1.21 16.05
CA ARG L 96 -64.45 1.90 16.86
C ARG L 96 -63.15 2.14 16.09
N GLN L 97 -62.85 1.30 15.11
CA GLN L 97 -61.62 1.43 14.32
C GLN L 97 -61.79 2.35 13.11
N GLY L 98 -62.96 2.97 12.96
CA GLY L 98 -63.18 3.85 11.82
C GLY L 98 -63.35 3.14 10.50
N ARG L 99 -63.69 1.85 10.53
CA ARG L 99 -63.85 1.01 9.35
C ARG L 99 -65.16 0.24 9.43
N THR L 100 -66.25 0.97 9.72
CA THR L 100 -67.54 0.35 9.97
C THR L 100 -68.11 -0.29 8.71
N LEU L 101 -68.73 -1.45 8.87
CA LEU L 101 -69.21 -2.27 7.76
C LEU L 101 -70.72 -2.25 7.71
N TYR L 102 -71.28 -2.03 6.53
CA TYR L 102 -72.72 -2.02 6.33
C TYR L 102 -73.19 -3.41 5.90
N GLY L 103 -74.26 -3.89 6.53
CA GLY L 103 -74.88 -5.15 6.18
C GLY L 103 -74.92 -6.18 7.28
N PHE L 104 -74.36 -5.90 8.45
CA PHE L 104 -74.38 -6.84 9.57
C PHE L 104 -74.86 -6.15 10.85
N GLY L 105 -75.70 -5.13 10.72
CA GLY L 105 -76.22 -4.41 11.86
C GLY L 105 -75.60 -3.02 12.00
N GLY L 106 -75.86 -2.41 13.15
CA GLY L 106 -75.35 -1.09 13.44
C GLY L 106 -76.28 0.02 13.00
N THR M 20 -65.75 17.15 51.76
CA THR M 20 -66.01 16.80 50.37
C THR M 20 -65.77 15.32 50.10
N ARG M 21 -66.03 14.88 48.87
CA ARG M 21 -65.79 13.50 48.49
C ARG M 21 -64.45 13.30 47.79
N SER M 22 -63.66 14.35 47.58
CA SER M 22 -62.34 14.20 46.99
C SER M 22 -61.38 13.52 47.98
N SER M 23 -61.49 13.85 49.26
CA SER M 23 -60.71 13.16 50.28
C SER M 23 -61.28 11.78 50.59
N ARG M 24 -62.55 11.53 50.25
CA ARG M 24 -63.16 10.23 50.46
C ARG M 24 -62.81 9.23 49.37
N ALA M 25 -62.12 9.64 48.32
CA ALA M 25 -61.76 8.76 47.23
C ALA M 25 -60.25 8.69 46.97
N GLY M 26 -59.46 9.51 47.66
CA GLY M 26 -58.02 9.49 47.44
C GLY M 26 -57.56 10.12 46.16
N LEU M 27 -58.37 10.99 45.56
CA LEU M 27 -58.06 11.63 44.29
C LEU M 27 -58.03 13.14 44.46
N GLN M 28 -57.17 13.80 43.69
CA GLN M 28 -57.09 15.26 43.73
C GLN M 28 -58.18 15.92 42.90
N PHE M 29 -58.65 15.26 41.83
CA PHE M 29 -59.76 15.76 41.03
C PHE M 29 -61.05 15.66 41.83
N PRO M 30 -61.93 16.67 41.72
CA PRO M 30 -63.16 16.67 42.54
C PRO M 30 -64.15 15.64 42.04
N VAL M 31 -64.64 14.80 42.97
CA VAL M 31 -65.59 13.75 42.61
C VAL M 31 -66.96 14.36 42.33
N GLY M 32 -67.32 15.43 43.06
CA GLY M 32 -68.63 16.02 42.90
C GLY M 32 -68.80 16.74 41.58
N ARG M 33 -67.74 17.39 41.10
CA ARG M 33 -67.82 18.10 39.81
C ARG M 33 -67.92 17.12 38.65
N VAL M 34 -67.16 16.02 38.71
CA VAL M 34 -67.23 15.00 37.67
C VAL M 34 -68.58 14.28 37.71
N HIS M 35 -69.11 14.07 38.92
CA HIS M 35 -70.44 13.46 39.06
C HIS M 35 -71.54 14.38 38.54
N ARG M 36 -71.41 15.70 38.76
CA ARG M 36 -72.37 16.65 38.22
C ARG M 36 -72.29 16.74 36.70
N LEU M 37 -71.07 16.68 36.15
CA LEU M 37 -70.92 16.70 34.69
C LEU M 37 -71.39 15.39 34.05
N LEU M 38 -71.34 14.28 34.80
CA LEU M 38 -71.88 13.03 34.28
C LEU M 38 -73.40 12.98 34.39
N ARG M 39 -73.96 13.60 35.44
CA ARG M 39 -75.41 13.61 35.58
C ARG M 39 -76.08 14.59 34.62
N LYS M 40 -75.46 15.75 34.39
CA LYS M 40 -76.02 16.77 33.53
C LYS M 40 -75.55 16.69 32.08
N GLY M 41 -74.65 15.75 31.77
CA GLY M 41 -74.12 15.62 30.43
C GLY M 41 -74.99 14.89 29.44
N ASN M 42 -76.17 14.42 29.87
CA ASN M 42 -77.13 13.67 29.05
C ASN M 42 -76.50 12.42 28.44
N TYR M 43 -75.92 11.58 29.30
CA TYR M 43 -75.27 10.35 28.89
C TYR M 43 -76.18 9.13 29.00
N SER M 44 -76.80 8.93 30.16
CA SER M 44 -77.72 7.82 30.35
C SER M 44 -78.79 8.24 31.35
N GLU M 45 -79.64 7.29 31.73
CA GLU M 45 -80.68 7.58 32.71
C GLU M 45 -80.08 7.69 34.12
N ARG M 46 -79.31 6.68 34.52
CA ARG M 46 -78.67 6.66 35.82
C ARG M 46 -77.18 6.42 35.67
N VAL M 47 -76.37 7.22 36.39
CA VAL M 47 -74.93 7.11 36.38
C VAL M 47 -74.48 6.80 37.80
N GLY M 48 -73.73 5.71 37.97
CA GLY M 48 -73.36 5.20 39.28
C GLY M 48 -72.50 6.10 40.14
N ALA M 49 -72.27 5.69 41.38
CA ALA M 49 -71.44 6.45 42.30
C ALA M 49 -69.95 6.20 42.11
N GLY M 50 -69.58 5.00 41.63
CA GLY M 50 -68.19 4.67 41.40
C GLY M 50 -67.66 5.03 40.03
N ALA M 51 -68.54 5.34 39.08
CA ALA M 51 -68.14 5.72 37.74
C ALA M 51 -67.43 7.08 37.65
N PRO M 52 -67.86 8.16 38.33
CA PRO M 52 -67.02 9.36 38.33
C PRO M 52 -65.73 9.19 39.10
N VAL M 53 -65.70 8.31 40.11
CA VAL M 53 -64.45 8.02 40.81
C VAL M 53 -63.47 7.30 39.88
N TYR M 54 -63.98 6.35 39.08
CA TYR M 54 -63.16 5.65 38.10
C TYR M 54 -62.65 6.60 37.03
N LEU M 55 -63.53 7.49 36.55
CA LEU M 55 -63.16 8.44 35.51
C LEU M 55 -62.14 9.45 36.02
N ALA M 56 -62.32 9.93 37.25
CA ALA M 56 -61.35 10.85 37.86
C ALA M 56 -60.04 10.16 38.18
N ALA M 57 -60.07 8.86 38.48
CA ALA M 57 -58.83 8.12 38.71
C ALA M 57 -58.04 7.94 37.42
N VAL M 58 -58.72 7.62 36.32
CA VAL M 58 -58.05 7.50 35.03
C VAL M 58 -57.51 8.84 34.57
N LEU M 59 -58.30 9.91 34.77
CA LEU M 59 -57.83 11.27 34.46
C LEU M 59 -56.64 11.67 35.33
N GLU M 60 -56.64 11.26 36.60
CA GLU M 60 -55.56 11.61 37.51
C GLU M 60 -54.28 10.87 37.16
N TYR M 61 -54.39 9.59 36.78
CA TYR M 61 -53.22 8.84 36.36
C TYR M 61 -52.66 9.39 35.05
N LEU M 62 -53.53 9.76 34.11
CA LEU M 62 -53.07 10.30 32.83
C LEU M 62 -52.42 11.67 33.01
N THR M 63 -53.02 12.53 33.84
CA THR M 63 -52.41 13.83 34.08
C THR M 63 -51.16 13.71 34.95
N ALA M 64 -51.05 12.66 35.76
CA ALA M 64 -49.83 12.44 36.53
C ALA M 64 -48.68 12.01 35.63
N GLU M 65 -48.97 11.12 34.67
CA GLU M 65 -47.95 10.73 33.70
C GLU M 65 -47.55 11.90 32.80
N ILE M 66 -48.53 12.72 32.38
CA ILE M 66 -48.25 13.86 31.51
C ILE M 66 -47.43 14.92 32.25
N LEU M 67 -47.81 15.22 33.49
CA LEU M 67 -47.05 16.21 34.27
C LEU M 67 -45.69 15.68 34.69
N GLU M 68 -45.55 14.36 34.87
CA GLU M 68 -44.24 13.77 35.17
C GLU M 68 -43.31 13.89 33.97
N LEU M 69 -43.82 13.59 32.77
CA LEU M 69 -43.00 13.74 31.57
C LEU M 69 -42.71 15.21 31.26
N ALA M 70 -43.65 16.10 31.58
CA ALA M 70 -43.42 17.53 31.36
C ALA M 70 -42.39 18.08 32.35
N GLY M 71 -42.43 17.63 33.60
CA GLY M 71 -41.41 18.03 34.55
C GLY M 71 -40.05 17.47 34.22
N ASN M 72 -40.02 16.26 33.65
CA ASN M 72 -38.75 15.68 33.20
C ASN M 72 -38.18 16.47 32.02
N ALA M 73 -39.05 16.84 31.06
CA ALA M 73 -38.60 17.62 29.91
C ALA M 73 -38.20 19.04 30.30
N ALA M 74 -38.81 19.58 31.37
CA ALA M 74 -38.37 20.86 31.91
C ALA M 74 -37.03 20.72 32.61
N ARG M 75 -36.78 19.58 33.26
CA ARG M 75 -35.47 19.34 33.87
C ARG M 75 -34.38 19.13 32.82
N ASP M 76 -34.73 18.61 31.64
CA ASP M 76 -33.74 18.53 30.57
C ASP M 76 -33.45 19.89 29.96
N ASN M 77 -34.44 20.80 29.97
CA ASN M 77 -34.28 22.12 29.38
C ASN M 77 -33.83 23.16 30.41
N LYS M 78 -33.48 22.73 31.62
CA LYS M 78 -33.08 23.59 32.74
C LYS M 78 -34.15 24.62 33.08
N LYS M 79 -35.40 24.17 33.08
CA LYS M 79 -36.54 25.03 33.38
C LYS M 79 -37.32 24.47 34.56
N THR M 80 -37.96 25.36 35.31
CA THR M 80 -38.82 24.99 36.43
C THR M 80 -40.29 25.26 36.14
N ARG M 81 -40.61 25.90 35.03
CA ARG M 81 -41.99 26.18 34.65
C ARG M 81 -42.31 25.43 33.36
N ILE M 82 -43.44 24.73 33.36
CA ILE M 82 -43.83 23.94 32.19
C ILE M 82 -44.37 24.86 31.11
N ILE M 83 -43.72 24.84 29.95
CA ILE M 83 -44.11 25.62 28.79
C ILE M 83 -44.82 24.67 27.83
N PRO M 84 -45.56 25.16 26.82
CA PRO M 84 -46.17 24.24 25.84
C PRO M 84 -45.19 23.39 25.05
N ARG M 85 -43.92 23.81 24.92
CA ARG M 85 -42.92 22.95 24.30
C ARG M 85 -42.63 21.73 25.16
N HIS M 86 -42.67 21.88 26.49
CA HIS M 86 -42.48 20.75 27.39
C HIS M 86 -43.67 19.80 27.31
N LEU M 87 -44.89 20.33 27.16
CA LEU M 87 -46.06 19.48 26.99
C LEU M 87 -46.02 18.76 25.64
N GLN M 88 -45.48 19.42 24.61
CA GLN M 88 -45.34 18.78 23.30
C GLN M 88 -44.31 17.65 23.35
N LEU M 89 -43.19 17.86 24.03
CA LEU M 89 -42.21 16.79 24.21
C LEU M 89 -42.78 15.66 25.07
N ALA M 90 -43.60 16.02 26.07
CA ALA M 90 -44.24 15.04 26.95
C ALA M 90 -45.26 14.17 26.21
N ILE M 91 -45.97 14.73 25.23
CA ILE M 91 -46.91 13.91 24.47
C ILE M 91 -46.25 13.25 23.26
N ARG M 92 -45.05 13.68 22.87
CA ARG M 92 -44.39 13.07 21.73
C ARG M 92 -43.34 12.02 22.11
N ASN M 93 -42.93 11.91 23.37
CA ASN M 93 -41.91 10.91 23.68
C ASN M 93 -42.50 9.50 23.75
N ASP M 94 -43.58 9.30 24.50
CA ASP M 94 -44.16 7.98 24.67
C ASP M 94 -44.96 7.56 23.45
N GLU M 95 -45.09 6.25 23.26
CA GLU M 95 -45.84 5.70 22.14
C GLU M 95 -47.34 5.60 22.46
N GLU M 96 -47.68 5.28 23.71
CA GLU M 96 -49.09 5.13 24.08
C GLU M 96 -49.79 6.49 24.11
N LEU M 97 -49.12 7.52 24.60
CA LEU M 97 -49.70 8.86 24.59
C LEU M 97 -49.72 9.46 23.20
N ASN M 98 -48.83 9.00 22.31
CA ASN M 98 -48.92 9.40 20.90
C ASN M 98 -50.05 8.68 20.19
N LYS M 99 -50.33 7.45 20.58
CA LYS M 99 -51.48 6.72 20.01
C LYS M 99 -52.79 7.28 20.53
N LEU M 100 -52.81 7.76 21.78
CA LEU M 100 -54.00 8.40 22.31
C LEU M 100 -54.25 9.75 21.64
N LEU M 101 -53.23 10.59 21.58
CA LEU M 101 -53.31 11.88 20.88
C LEU M 101 -52.71 11.74 19.48
N GLY M 102 -53.38 10.95 18.65
CA GLY M 102 -52.94 10.70 17.30
C GLY M 102 -53.19 11.87 16.37
N ARG M 103 -54.46 12.24 16.21
CA ARG M 103 -54.87 13.38 15.39
C ARG M 103 -55.14 14.61 16.23
N VAL M 104 -54.41 14.78 17.33
CA VAL M 104 -54.62 15.87 18.28
C VAL M 104 -53.43 16.81 18.16
N THR M 105 -53.71 18.09 17.92
CA THR M 105 -52.67 19.11 17.77
C THR M 105 -52.57 19.92 19.07
N ILE M 106 -51.35 20.28 19.45
CA ILE M 106 -51.09 21.11 20.61
C ILE M 106 -50.42 22.40 20.14
N ALA M 107 -51.01 23.53 20.49
CA ALA M 107 -50.53 24.82 20.00
C ALA M 107 -49.25 25.23 20.72
N GLN M 108 -48.41 25.99 19.99
CA GLN M 108 -47.12 26.52 20.47
C GLN M 108 -46.18 25.40 20.93
N GLY M 109 -46.24 24.26 20.26
CA GLY M 109 -45.40 23.13 20.60
C GLY M 109 -44.46 22.72 19.49
N GLY M 110 -44.89 22.93 18.24
CA GLY M 110 -44.08 22.51 17.12
C GLY M 110 -44.20 21.02 16.87
N VAL M 111 -43.24 20.50 16.11
CA VAL M 111 -43.16 19.08 15.79
C VAL M 111 -41.80 18.55 16.22
N LEU M 112 -41.61 17.25 16.01
CA LEU M 112 -40.32 16.64 16.31
C LEU M 112 -39.34 16.92 15.17
N PRO M 113 -38.05 17.01 15.48
CA PRO M 113 -37.05 17.18 14.42
C PRO M 113 -36.90 15.90 13.60
N ASN M 114 -37.03 16.04 12.28
CA ASN M 114 -37.00 14.91 11.36
C ASN M 114 -35.98 15.22 10.26
N ILE M 115 -34.79 14.65 10.38
CA ILE M 115 -33.74 14.77 9.37
C ILE M 115 -33.53 13.37 8.79
N GLN M 116 -33.74 13.23 7.49
CA GLN M 116 -33.75 11.92 6.86
C GLN M 116 -32.33 11.54 6.38
N ALA M 117 -32.26 10.47 5.59
CA ALA M 117 -30.97 9.88 5.27
C ALA M 117 -30.30 10.58 4.09
N VAL M 118 -30.95 10.56 2.92
CA VAL M 118 -30.28 10.98 1.68
C VAL M 118 -30.21 12.49 1.52
N LEU M 119 -30.77 13.27 2.45
CA LEU M 119 -30.75 14.72 2.33
C LEU M 119 -29.38 15.32 2.60
N LEU M 120 -28.47 14.55 3.20
CA LEU M 120 -27.10 15.03 3.38
C LEU M 120 -26.38 15.07 2.03
N PRO M 121 -25.57 16.09 1.78
CA PRO M 121 -24.87 16.18 0.49
C PRO M 121 -23.71 15.20 0.42
N LYS M 122 -23.29 14.94 -0.82
CA LYS M 122 -22.19 14.00 -1.06
C LYS M 122 -20.83 14.67 -0.85
N ARG N 35 -70.04 39.01 36.39
CA ARG N 35 -68.81 38.28 36.12
C ARG N 35 -69.06 36.77 36.05
N SER N 36 -68.51 36.13 35.03
CA SER N 36 -68.69 34.70 34.85
C SER N 36 -67.77 33.93 35.80
N ARG N 37 -68.37 33.10 36.67
CA ARG N 37 -67.61 32.28 37.61
C ARG N 37 -67.44 30.90 36.99
N LYS N 38 -66.54 30.81 36.02
CA LYS N 38 -66.30 29.56 35.32
C LYS N 38 -65.39 28.65 36.14
N GLU N 39 -65.66 27.35 36.08
CA GLU N 39 -64.86 26.36 36.78
C GLU N 39 -63.85 25.74 35.82
N SER N 40 -62.73 25.28 36.38
CA SER N 40 -61.67 24.69 35.58
C SER N 40 -60.90 23.69 36.46
N TYR N 41 -59.87 23.10 35.87
CA TYR N 41 -59.00 22.14 36.55
C TYR N 41 -57.61 22.70 36.78
N SER N 42 -57.52 23.99 37.13
CA SER N 42 -56.23 24.64 37.26
C SER N 42 -55.51 24.19 38.53
N ILE N 43 -56.13 24.40 39.69
CA ILE N 43 -55.47 24.10 40.95
C ILE N 43 -55.39 22.60 41.19
N TYR N 44 -56.28 21.81 40.59
CA TYR N 44 -56.23 20.36 40.76
C TYR N 44 -55.03 19.76 40.01
N VAL N 45 -54.84 20.19 38.76
CA VAL N 45 -53.67 19.76 37.99
C VAL N 45 -52.40 20.35 38.60
N TYR N 46 -52.48 21.54 39.19
CA TYR N 46 -51.34 22.12 39.91
C TYR N 46 -50.98 21.29 41.14
N LYS N 47 -51.99 20.77 41.85
CA LYS N 47 -51.73 19.93 43.02
C LYS N 47 -51.18 18.57 42.61
N VAL N 48 -51.65 18.03 41.49
CA VAL N 48 -51.10 16.77 40.96
C VAL N 48 -49.64 16.96 40.55
N LEU N 49 -49.34 18.11 39.91
CA LEU N 49 -47.97 18.42 39.51
C LEU N 49 -47.06 18.61 40.73
N LYS N 50 -47.57 19.27 41.77
CA LYS N 50 -46.78 19.44 42.99
C LYS N 50 -46.63 18.13 43.75
N GLN N 51 -47.57 17.20 43.56
CA GLN N 51 -47.43 15.87 44.14
C GLN N 51 -46.39 15.03 43.40
N VAL N 52 -46.29 15.20 42.08
CA VAL N 52 -45.29 14.44 41.32
C VAL N 52 -43.98 15.19 41.14
N HIS N 53 -43.95 16.51 41.33
CA HIS N 53 -42.74 17.30 41.17
C HIS N 53 -42.82 18.49 42.11
N PRO N 54 -41.99 18.53 43.17
CA PRO N 54 -42.02 19.66 44.10
C PRO N 54 -41.51 20.96 43.50
N ASP N 55 -40.32 20.94 42.92
CA ASP N 55 -39.71 22.14 42.34
C ASP N 55 -40.00 22.28 40.85
N THR N 56 -41.28 22.22 40.47
CA THR N 56 -41.68 22.38 39.09
C THR N 56 -43.10 22.93 39.03
N GLY N 57 -43.26 24.07 38.37
CA GLY N 57 -44.54 24.69 38.18
C GLY N 57 -45.05 24.58 36.76
N ILE N 58 -46.14 25.29 36.49
CA ILE N 58 -46.80 25.26 35.19
C ILE N 58 -47.13 26.69 34.78
N SER N 59 -47.30 26.90 33.49
CA SER N 59 -47.69 28.19 32.94
C SER N 59 -49.16 28.19 32.54
N SER N 60 -49.70 29.39 32.34
CA SER N 60 -51.12 29.51 32.00
C SER N 60 -51.40 29.03 30.58
N LYS N 61 -50.48 29.28 29.64
CA LYS N 61 -50.62 28.73 28.30
C LYS N 61 -50.50 27.20 28.31
N ALA N 62 -49.69 26.66 29.22
CA ALA N 62 -49.68 25.21 29.44
C ALA N 62 -50.92 24.76 30.20
N MET N 63 -51.48 25.63 31.05
CA MET N 63 -52.64 25.26 31.83
C MET N 63 -53.88 25.13 30.96
N GLY N 64 -54.00 25.97 29.93
CA GLY N 64 -55.11 25.84 28.99
C GLY N 64 -55.03 24.53 28.21
N ILE N 65 -53.81 24.13 27.82
CA ILE N 65 -53.61 22.87 27.11
C ILE N 65 -53.90 21.68 28.02
N MET N 66 -53.51 21.78 29.30
CA MET N 66 -53.78 20.70 30.25
C MET N 66 -55.27 20.57 30.54
N ASN N 67 -55.98 21.70 30.65
CA ASN N 67 -57.43 21.66 30.88
C ASN N 67 -58.17 21.13 29.66
N SER N 68 -57.70 21.50 28.46
CA SER N 68 -58.30 20.96 27.24
C SER N 68 -58.04 19.46 27.10
N PHE N 69 -56.85 19.01 27.54
CA PHE N 69 -56.53 17.58 27.50
C PHE N 69 -57.40 16.80 28.48
N VAL N 70 -57.59 17.32 29.69
CA VAL N 70 -58.42 16.67 30.70
C VAL N 70 -59.88 16.62 30.24
N ASN N 71 -60.38 17.73 29.67
CA ASN N 71 -61.76 17.75 29.19
C ASN N 71 -61.96 16.86 27.97
N ASP N 72 -60.96 16.75 27.09
CA ASP N 72 -61.08 15.89 25.92
C ASP N 72 -61.07 14.42 26.30
N ILE N 73 -60.21 14.03 27.25
CA ILE N 73 -60.19 12.64 27.69
C ILE N 73 -61.47 12.32 28.48
N PHE N 74 -61.99 13.28 29.25
CA PHE N 74 -63.25 13.10 29.96
C PHE N 74 -64.41 12.91 28.99
N GLU N 75 -64.46 13.72 27.92
CA GLU N 75 -65.53 13.60 26.93
C GLU N 75 -65.42 12.31 26.15
N ARG N 76 -64.19 11.87 25.83
CA ARG N 76 -64.00 10.62 25.09
C ARG N 76 -64.40 9.41 25.93
N ILE N 77 -64.01 9.39 27.21
CA ILE N 77 -64.36 8.28 28.10
C ILE N 77 -65.87 8.26 28.37
N ALA N 78 -66.48 9.44 28.52
CA ALA N 78 -67.92 9.53 28.73
C ALA N 78 -68.70 9.08 27.49
N GLY N 79 -68.22 9.44 26.30
CA GLY N 79 -68.87 8.99 25.08
C GLY N 79 -68.72 7.50 24.84
N GLU N 80 -67.54 6.95 25.17
CA GLU N 80 -67.35 5.51 25.04
C GLU N 80 -68.20 4.74 26.03
N ALA N 81 -68.35 5.26 27.25
CA ALA N 81 -69.21 4.63 28.24
C ALA N 81 -70.68 4.74 27.85
N SER N 82 -71.08 5.85 27.22
CA SER N 82 -72.45 5.99 26.74
C SER N 82 -72.73 5.02 25.59
N ARG N 83 -71.76 4.84 24.68
CA ARG N 83 -71.94 3.90 23.59
C ARG N 83 -71.96 2.46 24.08
N LEU N 84 -71.14 2.14 25.10
CA LEU N 84 -71.14 0.80 25.66
C LEU N 84 -72.39 0.52 26.47
N ALA N 85 -72.98 1.56 27.08
CA ALA N 85 -74.25 1.37 27.78
C ALA N 85 -75.40 1.22 26.79
N HIS N 86 -75.34 1.92 25.67
CA HIS N 86 -76.37 1.78 24.65
C HIS N 86 -76.26 0.46 23.90
N TYR N 87 -75.05 -0.11 23.81
CA TYR N 87 -74.87 -1.36 23.09
C TYR N 87 -75.25 -2.57 23.95
N ASN N 88 -75.04 -2.49 25.26
CA ASN N 88 -75.27 -3.61 26.16
C ASN N 88 -76.68 -3.64 26.73
N LYS N 89 -77.56 -2.74 26.28
CA LYS N 89 -78.95 -2.61 26.72
C LYS N 89 -79.06 -2.40 28.23
N ARG N 90 -78.14 -1.60 28.78
CA ARG N 90 -78.09 -1.31 30.21
C ARG N 90 -78.09 0.19 30.41
N SER N 91 -78.98 0.68 31.27
CA SER N 91 -79.09 2.10 31.58
C SER N 91 -78.29 2.49 32.80
N THR N 92 -77.73 1.52 33.53
CA THR N 92 -76.96 1.78 34.75
C THR N 92 -75.49 1.74 34.39
N ILE N 93 -74.82 2.89 34.50
CA ILE N 93 -73.39 3.00 34.23
C ILE N 93 -72.66 2.76 35.55
N THR N 94 -72.07 1.57 35.68
CA THR N 94 -71.27 1.21 36.83
C THR N 94 -69.79 1.44 36.50
N SER N 95 -68.91 0.97 37.39
CA SER N 95 -67.48 1.08 37.14
C SER N 95 -67.00 0.09 36.09
N ARG N 96 -67.78 -0.95 35.81
CA ARG N 96 -67.40 -1.94 34.80
C ARG N 96 -67.44 -1.36 33.39
N GLU N 97 -68.40 -0.46 33.15
CA GLU N 97 -68.49 0.19 31.83
C GLU N 97 -67.32 1.14 31.61
N ILE N 98 -66.94 1.89 32.65
CA ILE N 98 -65.76 2.76 32.55
C ILE N 98 -64.50 1.93 32.42
N GLN N 99 -64.46 0.76 33.06
CA GLN N 99 -63.30 -0.13 32.98
C GLN N 99 -63.13 -0.69 31.57
N THR N 100 -64.22 -1.17 30.96
CA THR N 100 -64.11 -1.69 29.60
C THR N 100 -63.94 -0.56 28.57
N ALA N 101 -64.40 0.65 28.87
CA ALA N 101 -64.14 1.78 27.98
C ALA N 101 -62.66 2.18 28.02
N VAL N 102 -62.05 2.10 29.22
CA VAL N 102 -60.63 2.37 29.34
C VAL N 102 -59.81 1.27 28.66
N ARG N 103 -60.23 0.01 28.82
CA ARG N 103 -59.53 -1.10 28.18
C ARG N 103 -59.70 -1.09 26.66
N LEU N 104 -60.80 -0.50 26.17
CA LEU N 104 -60.98 -0.38 24.72
C LEU N 104 -60.25 0.83 24.15
N LEU N 105 -60.13 1.90 24.94
CA LEU N 105 -59.54 3.14 24.44
C LEU N 105 -58.03 3.18 24.63
N LEU N 106 -57.55 2.92 25.85
CA LEU N 106 -56.13 3.07 26.17
C LEU N 106 -55.34 1.84 25.76
N PRO N 107 -54.08 2.02 25.35
CA PRO N 107 -53.24 0.86 25.02
C PRO N 107 -52.88 0.06 26.26
N GLY N 108 -52.47 -1.19 26.02
CA GLY N 108 -52.35 -2.28 26.99
C GLY N 108 -51.76 -2.02 28.36
N GLU N 109 -50.50 -1.57 28.42
CA GLU N 109 -49.88 -1.29 29.71
C GLU N 109 -50.48 -0.04 30.35
N LEU N 110 -50.76 0.98 29.54
CA LEU N 110 -51.43 2.17 30.05
C LEU N 110 -52.84 1.87 30.53
N ALA N 111 -53.56 1.00 29.80
CA ALA N 111 -54.90 0.61 30.22
C ALA N 111 -54.84 -0.24 31.49
N LYS N 112 -53.80 -1.06 31.65
CA LYS N 112 -53.66 -1.88 32.85
C LYS N 112 -53.37 -1.02 34.08
N HIS N 113 -52.47 -0.05 33.94
CA HIS N 113 -52.20 0.88 35.03
C HIS N 113 -53.43 1.73 35.36
N ALA N 114 -54.19 2.11 34.33
CA ALA N 114 -55.39 2.91 34.54
C ALA N 114 -56.49 2.11 35.23
N VAL N 115 -56.65 0.83 34.88
CA VAL N 115 -57.72 0.07 35.53
C VAL N 115 -57.31 -0.33 36.94
N SER N 116 -56.00 -0.48 37.21
CA SER N 116 -55.58 -0.73 38.59
C SER N 116 -55.81 0.49 39.47
N GLU N 117 -55.43 1.69 38.97
CA GLU N 117 -55.69 2.92 39.72
C GLU N 117 -57.18 3.19 39.86
N GLY N 118 -57.96 2.85 38.83
CA GLY N 118 -59.40 3.06 38.89
C GLY N 118 -60.08 2.15 39.89
N THR N 119 -59.68 0.87 39.91
CA THR N 119 -60.24 -0.07 40.88
C THR N 119 -59.81 0.30 42.31
N LYS N 120 -58.58 0.80 42.46
CA LYS N 120 -58.11 1.26 43.76
C LYS N 120 -58.94 2.45 44.26
N ALA N 121 -59.25 3.39 43.37
CA ALA N 121 -60.05 4.54 43.78
C ALA N 121 -61.52 4.19 44.02
N VAL N 122 -62.08 3.24 43.26
CA VAL N 122 -63.45 2.80 43.51
C VAL N 122 -63.56 2.05 44.83
N THR N 123 -62.58 1.21 45.17
CA THR N 123 -62.58 0.61 46.51
C THR N 123 -62.36 1.64 47.61
N LYS N 124 -61.54 2.67 47.35
CA LYS N 124 -61.36 3.72 48.35
C LYS N 124 -62.62 4.57 48.54
N TYR N 125 -63.43 4.72 47.48
CA TYR N 125 -64.68 5.46 47.60
C TYR N 125 -65.78 4.61 48.20
N THR N 126 -65.77 3.30 47.92
CA THR N 126 -66.80 2.41 48.46
C THR N 126 -66.54 2.11 49.94
N SER N 127 -65.28 2.17 50.38
CA SER N 127 -65.00 2.04 51.80
C SER N 127 -65.53 3.24 52.58
N ALA N 128 -65.54 4.42 51.95
CA ALA N 128 -66.12 5.60 52.56
C ALA N 128 -67.57 5.77 52.12
N LYS N 129 -68.20 6.87 52.53
CA LYS N 129 -69.57 7.16 52.14
C LYS N 129 -69.83 8.65 52.09
N HIS O 43 -18.17 32.65 3.76
CA HIS O 43 -17.97 32.60 2.32
C HIS O 43 -19.16 31.95 1.62
N ARG O 44 -18.88 31.16 0.59
CA ARG O 44 -19.91 30.52 -0.22
C ARG O 44 -19.98 29.04 0.15
N TYR O 45 -21.18 28.58 0.50
CA TYR O 45 -21.40 27.19 0.84
C TYR O 45 -21.99 26.42 -0.33
N ARG O 46 -21.88 25.09 -0.26
CA ARG O 46 -22.45 24.23 -1.29
C ARG O 46 -23.98 24.23 -1.18
N PRO O 47 -24.68 24.00 -2.30
CA PRO O 47 -26.15 23.92 -2.25
C PRO O 47 -26.61 22.69 -1.50
N GLY O 48 -27.20 22.91 -0.32
CA GLY O 48 -27.68 21.83 0.52
C GLY O 48 -27.19 21.85 1.96
N THR O 49 -26.42 22.86 2.37
CA THR O 49 -25.91 22.94 3.74
C THR O 49 -26.74 23.86 4.63
N VAL O 50 -26.97 25.09 4.18
CA VAL O 50 -27.81 26.02 4.94
C VAL O 50 -29.28 25.60 4.86
N ALA O 51 -29.66 24.80 3.87
CA ALA O 51 -30.99 24.21 3.85
C ALA O 51 -31.17 23.23 5.01
N LEU O 52 -30.16 22.39 5.27
CA LEU O 52 -30.22 21.49 6.42
C LEU O 52 -30.06 22.26 7.73
N ARG O 53 -29.30 23.36 7.73
CA ARG O 53 -29.22 24.22 8.91
C ARG O 53 -30.56 24.87 9.21
N GLU O 54 -31.30 25.26 8.17
CA GLU O 54 -32.64 25.81 8.37
C GLU O 54 -33.63 24.73 8.79
N ILE O 55 -33.42 23.48 8.34
CA ILE O 55 -34.21 22.36 8.84
C ILE O 55 -34.01 22.20 10.35
N ARG O 56 -32.75 22.18 10.79
CA ARG O 56 -32.47 22.02 12.21
C ARG O 56 -32.85 23.25 13.03
N ARG O 57 -32.92 24.42 12.39
CA ARG O 57 -33.32 25.64 13.10
C ARG O 57 -34.83 25.73 13.24
N TYR O 58 -35.57 25.62 12.14
CA TYR O 58 -37.01 25.78 12.16
C TYR O 58 -37.75 24.55 12.65
N GLN O 59 -37.07 23.40 12.76
CA GLN O 59 -37.69 22.25 13.40
C GLN O 59 -37.68 22.38 14.92
N LYS O 60 -36.70 23.11 15.46
CA LYS O 60 -36.63 23.36 16.89
C LYS O 60 -37.31 24.65 17.31
N SER O 61 -37.87 25.40 16.36
CA SER O 61 -38.50 26.68 16.64
C SER O 61 -39.93 26.49 17.15
N THR O 62 -40.47 27.56 17.71
CA THR O 62 -41.82 27.54 18.29
C THR O 62 -42.72 28.63 17.70
N GLU O 63 -42.18 29.81 17.43
CA GLU O 63 -42.94 30.93 16.89
C GLU O 63 -43.49 30.60 15.49
N LEU O 64 -44.63 31.20 15.17
CA LEU O 64 -45.36 30.85 13.96
C LEU O 64 -44.63 31.34 12.72
N LEU O 65 -44.51 30.45 11.74
CA LEU O 65 -43.77 30.73 10.52
C LEU O 65 -44.53 31.61 9.56
N ILE O 66 -45.85 31.73 9.72
CA ILE O 66 -46.67 32.67 8.96
C ILE O 66 -47.03 33.83 9.89
N ARG O 67 -46.96 35.05 9.37
CA ARG O 67 -47.24 36.23 10.18
C ARG O 67 -48.72 36.33 10.52
N LYS O 68 -49.02 37.12 11.55
CA LYS O 68 -50.36 37.12 12.15
C LYS O 68 -51.38 37.87 11.31
N LEU O 69 -51.03 39.09 10.88
CA LEU O 69 -51.99 39.94 10.17
C LEU O 69 -52.33 39.50 8.73
N PRO O 70 -51.40 39.01 7.89
CA PRO O 70 -51.86 38.46 6.60
C PRO O 70 -52.68 37.20 6.73
N PHE O 71 -52.37 36.33 7.70
CA PHE O 71 -53.20 35.16 7.95
C PHE O 71 -54.57 35.57 8.50
N GLN O 72 -54.62 36.63 9.30
CA GLN O 72 -55.89 37.13 9.80
C GLN O 72 -56.74 37.72 8.67
N ARG O 73 -56.11 38.45 7.75
CA ARG O 73 -56.83 38.97 6.60
C ARG O 73 -57.28 37.85 5.66
N LEU O 74 -56.49 36.77 5.54
CA LEU O 74 -56.91 35.62 4.75
C LEU O 74 -58.09 34.89 5.38
N VAL O 75 -58.08 34.75 6.72
CA VAL O 75 -59.18 34.13 7.43
C VAL O 75 -60.45 34.98 7.30
N ARG O 76 -60.31 36.30 7.38
CA ARG O 76 -61.45 37.19 7.19
C ARG O 76 -61.99 37.14 5.76
N GLU O 77 -61.08 37.04 4.77
CA GLU O 77 -61.52 36.99 3.37
C GLU O 77 -62.20 35.66 3.06
N ILE O 78 -61.78 34.57 3.70
CA ILE O 78 -62.45 33.30 3.52
C ILE O 78 -63.81 33.31 4.23
N ALA O 79 -63.86 33.88 5.45
CA ALA O 79 -65.10 33.91 6.23
C ALA O 79 -66.15 34.85 5.66
N GLN O 80 -65.75 35.88 4.91
CA GLN O 80 -66.72 36.77 4.28
C GLN O 80 -67.47 36.09 3.15
N ASP O 81 -66.93 34.99 2.60
CA ASP O 81 -67.65 34.26 1.56
C ASP O 81 -68.78 33.42 2.15
N PHE O 82 -68.71 33.11 3.45
CA PHE O 82 -69.71 32.29 4.12
C PHE O 82 -70.70 33.11 4.93
N LYS O 83 -70.24 34.16 5.61
CA LYS O 83 -71.12 34.98 6.44
C LYS O 83 -70.52 36.38 6.55
N THR O 84 -71.33 37.39 6.26
CA THR O 84 -70.86 38.77 6.30
C THR O 84 -70.91 39.33 7.72
N ASP O 85 -70.07 40.34 7.96
CA ASP O 85 -69.97 41.08 9.22
C ASP O 85 -69.65 40.15 10.40
N LEU O 86 -68.47 39.55 10.34
CA LEU O 86 -68.01 38.63 11.37
C LEU O 86 -66.85 39.24 12.14
N ARG O 87 -66.86 39.06 13.46
CA ARG O 87 -65.77 39.46 14.33
C ARG O 87 -64.98 38.22 14.74
N PHE O 88 -63.66 38.39 14.81
CA PHE O 88 -62.75 37.28 15.07
C PHE O 88 -61.93 37.56 16.31
N GLN O 89 -61.94 36.62 17.24
CA GLN O 89 -61.05 36.71 18.40
C GLN O 89 -59.61 36.48 17.96
N SER O 90 -58.67 37.13 18.66
CA SER O 90 -57.26 36.94 18.34
C SER O 90 -56.79 35.53 18.66
N SER O 91 -57.35 34.93 19.73
CA SER O 91 -57.05 33.53 20.04
C SER O 91 -57.61 32.59 18.98
N ALA O 92 -58.74 32.96 18.35
CA ALA O 92 -59.29 32.15 17.27
C ALA O 92 -58.39 32.18 16.03
N VAL O 93 -57.86 33.37 15.70
CA VAL O 93 -56.95 33.49 14.56
C VAL O 93 -55.64 32.77 14.83
N MET O 94 -55.12 32.88 16.06
CA MET O 94 -53.91 32.17 16.43
C MET O 94 -54.12 30.65 16.45
N ALA O 95 -55.31 30.20 16.83
CA ALA O 95 -55.62 28.77 16.82
C ALA O 95 -55.71 28.24 15.40
N LEU O 96 -56.37 28.99 14.51
CA LEU O 96 -56.44 28.62 13.10
C LEU O 96 -55.05 28.59 12.47
N GLN O 97 -54.21 29.57 12.81
CA GLN O 97 -52.85 29.63 12.28
C GLN O 97 -52.00 28.46 12.79
N GLU O 98 -52.14 28.11 14.06
CA GLU O 98 -51.34 27.02 14.63
C GLU O 98 -51.76 25.68 14.06
N ALA O 99 -53.09 25.43 13.95
CA ALA O 99 -53.57 24.18 13.40
C ALA O 99 -53.23 24.05 11.92
N CYS O 100 -53.35 25.15 11.17
CA CYS O 100 -53.01 25.12 9.75
C CYS O 100 -51.52 24.93 9.54
N GLU O 101 -50.69 25.54 10.38
CA GLU O 101 -49.24 25.38 10.26
C GLU O 101 -48.81 23.97 10.61
N ALA O 102 -49.42 23.37 11.64
CA ALA O 102 -49.08 21.99 11.99
C ALA O 102 -49.54 21.00 10.92
N TYR O 103 -50.71 21.26 10.31
CA TYR O 103 -51.17 20.42 9.22
C TYR O 103 -50.28 20.55 7.99
N LEU O 104 -49.81 21.76 7.69
CA LEU O 104 -48.90 21.95 6.56
C LEU O 104 -47.52 21.35 6.83
N VAL O 105 -47.06 21.36 8.08
CA VAL O 105 -45.78 20.74 8.41
C VAL O 105 -45.87 19.22 8.34
N GLY O 106 -47.00 18.64 8.78
CA GLY O 106 -47.20 17.21 8.62
C GLY O 106 -47.32 16.80 7.15
N LEU O 107 -47.97 17.66 6.34
CA LEU O 107 -48.04 17.42 4.91
C LEU O 107 -46.66 17.52 4.27
N PHE O 108 -45.82 18.45 4.74
CA PHE O 108 -44.45 18.56 4.24
C PHE O 108 -43.60 17.37 4.66
N GLU O 109 -43.84 16.81 5.84
CA GLU O 109 -43.13 15.62 6.29
C GLU O 109 -43.47 14.42 5.43
N ASP O 110 -44.78 14.22 5.16
CA ASP O 110 -45.17 13.13 4.26
C ASP O 110 -44.71 13.38 2.83
N THR O 111 -44.64 14.65 2.41
CA THR O 111 -44.14 15.00 1.09
C THR O 111 -42.67 14.65 0.94
N ASN O 112 -41.86 14.99 1.94
CA ASN O 112 -40.46 14.60 1.93
C ASN O 112 -40.28 13.09 2.03
N LEU O 113 -41.20 12.41 2.72
CA LEU O 113 -41.15 10.95 2.80
C LEU O 113 -41.40 10.31 1.43
N CYS O 114 -42.40 10.79 0.69
CA CYS O 114 -42.61 10.28 -0.67
C CYS O 114 -41.51 10.71 -1.62
N ALA O 115 -40.88 11.85 -1.38
CA ALA O 115 -39.80 12.31 -2.25
C ALA O 115 -38.56 11.44 -2.09
N ILE O 116 -38.19 11.13 -0.85
CA ILE O 116 -37.09 10.22 -0.60
C ILE O 116 -37.46 8.79 -0.99
N HIS O 117 -38.75 8.45 -0.91
CA HIS O 117 -39.23 7.15 -1.39
C HIS O 117 -39.10 7.04 -2.91
N ALA O 118 -39.18 8.16 -3.63
CA ALA O 118 -39.05 8.18 -5.08
C ALA O 118 -37.64 8.50 -5.56
N LYS O 119 -36.63 8.12 -4.77
CA LYS O 119 -35.20 8.26 -5.10
C LYS O 119 -34.79 9.71 -5.35
N ARG O 120 -35.30 10.63 -4.54
CA ARG O 120 -35.01 12.05 -4.69
C ARG O 120 -34.67 12.66 -3.34
N VAL O 121 -34.07 13.84 -3.38
CA VAL O 121 -33.98 14.73 -2.22
C VAL O 121 -34.79 15.99 -2.42
N THR O 122 -35.26 16.26 -3.64
CA THR O 122 -36.09 17.42 -3.93
C THR O 122 -37.55 16.97 -3.96
N ILE O 123 -38.39 17.68 -3.21
CA ILE O 123 -39.80 17.33 -3.16
C ILE O 123 -40.53 17.87 -4.38
N MET O 124 -41.69 17.30 -4.65
CA MET O 124 -42.48 17.60 -5.84
C MET O 124 -43.95 17.52 -5.47
N PRO O 125 -44.83 18.23 -6.21
CA PRO O 125 -46.26 18.19 -5.87
C PRO O 125 -46.92 16.83 -6.07
N LYS O 126 -46.30 15.90 -6.80
CA LYS O 126 -46.80 14.52 -6.84
C LYS O 126 -46.70 13.86 -5.48
N ASP O 127 -45.68 14.21 -4.68
CA ASP O 127 -45.60 13.70 -3.31
C ASP O 127 -46.73 14.24 -2.45
N ILE O 128 -47.11 15.50 -2.66
CA ILE O 128 -48.25 16.09 -1.94
C ILE O 128 -49.54 15.42 -2.37
N GLN O 129 -49.67 15.11 -3.67
CA GLN O 129 -50.86 14.42 -4.17
C GLN O 129 -50.97 13.01 -3.60
N LEU O 130 -49.85 12.30 -3.50
CA LEU O 130 -49.84 10.97 -2.89
C LEU O 130 -50.14 11.04 -1.39
N ALA O 131 -49.60 12.06 -0.71
CA ALA O 131 -49.82 12.20 0.72
C ALA O 131 -51.25 12.59 1.04
N ARG O 132 -51.91 13.32 0.13
CA ARG O 132 -53.31 13.65 0.34
C ARG O 132 -54.23 12.53 -0.14
N ARG O 133 -53.78 11.68 -1.07
CA ARG O 133 -54.59 10.57 -1.55
C ARG O 133 -54.60 9.43 -0.53
N ILE O 134 -53.44 9.10 0.03
CA ILE O 134 -53.34 7.97 0.94
C ILE O 134 -53.97 8.31 2.30
N ARG O 135 -53.89 9.59 2.72
CA ARG O 135 -54.51 10.02 3.96
C ARG O 135 -56.03 9.97 3.91
N GLY O 136 -56.64 10.02 2.73
CA GLY O 136 -58.07 10.04 2.60
C GLY O 136 -58.70 11.41 2.51
N GLU O 137 -57.89 12.47 2.60
CA GLU O 137 -58.42 13.83 2.46
C GLU O 137 -58.76 14.13 1.01
N ARG O 138 -57.86 13.77 0.08
CA ARG O 138 -58.15 13.90 -1.34
C ARG O 138 -58.76 12.61 -1.86
N ALA O 139 -59.86 12.73 -2.60
CA ALA O 139 -60.54 11.57 -3.15
C ALA O 139 -59.76 10.96 -4.31
N ASN P 29 -53.77 38.22 2.90
CA ASN P 29 -54.72 37.43 2.12
C ASN P 29 -54.07 36.12 1.66
N ILE P 30 -54.44 35.67 0.46
CA ILE P 30 -53.86 34.44 -0.08
C ILE P 30 -52.43 34.68 -0.58
N GLN P 31 -52.07 35.92 -0.90
CA GLN P 31 -50.70 36.26 -1.20
C GLN P 31 -49.89 36.63 0.05
N GLY P 32 -50.56 36.69 1.21
CA GLY P 32 -49.86 36.91 2.46
C GLY P 32 -49.08 35.70 2.94
N ILE P 33 -49.40 34.51 2.42
CA ILE P 33 -48.59 33.32 2.70
C ILE P 33 -47.37 33.41 1.81
N THR P 34 -46.28 33.95 2.34
CA THR P 34 -45.14 34.33 1.54
C THR P 34 -44.26 33.11 1.21
N LYS P 35 -43.35 33.31 0.27
CA LYS P 35 -42.39 32.27 -0.08
C LYS P 35 -41.44 31.88 1.06
N PRO P 36 -40.86 32.77 1.88
CA PRO P 36 -40.11 32.28 3.04
C PRO P 36 -40.99 31.64 4.11
N ALA P 37 -42.29 31.93 4.14
CA ALA P 37 -43.18 31.27 5.10
C ALA P 37 -43.36 29.80 4.76
N ILE P 38 -43.66 29.49 3.49
CA ILE P 38 -43.77 28.11 3.06
C ILE P 38 -42.40 27.44 3.03
N ARG P 39 -41.33 28.23 2.84
CA ARG P 39 -39.98 27.69 2.95
C ARG P 39 -39.67 27.23 4.37
N ARG P 40 -40.06 28.04 5.37
CA ARG P 40 -39.89 27.65 6.75
C ARG P 40 -40.80 26.49 7.13
N LEU P 41 -42.00 26.42 6.52
CA LEU P 41 -42.88 25.27 6.74
C LEU P 41 -42.28 23.99 6.14
N ALA P 42 -41.55 24.11 5.03
CA ALA P 42 -40.87 22.95 4.46
C ALA P 42 -39.66 22.55 5.31
N ARG P 43 -38.93 23.55 5.84
CA ARG P 43 -37.79 23.25 6.70
C ARG P 43 -38.23 22.62 8.01
N ARG P 44 -39.41 23.01 8.51
CA ARG P 44 -39.98 22.33 9.68
C ARG P 44 -40.49 20.94 9.31
N GLY P 45 -40.86 20.74 8.04
CA GLY P 45 -41.24 19.43 7.54
C GLY P 45 -40.10 18.54 7.13
N GLY P 46 -38.85 19.01 7.29
CA GLY P 46 -37.70 18.20 6.94
C GLY P 46 -37.37 18.16 5.47
N VAL P 47 -37.68 19.22 4.73
CA VAL P 47 -37.45 19.26 3.28
C VAL P 47 -36.13 19.97 3.02
N LYS P 48 -35.21 19.30 2.34
CA LYS P 48 -33.93 19.91 1.99
C LYS P 48 -34.07 20.80 0.76
N ARG P 49 -34.57 20.25 -0.33
CA ARG P 49 -34.70 20.97 -1.60
C ARG P 49 -36.17 21.14 -1.94
N ILE P 50 -36.57 22.38 -2.20
CA ILE P 50 -37.97 22.74 -2.42
C ILE P 50 -38.16 23.11 -3.90
N SER P 51 -39.22 22.58 -4.50
CA SER P 51 -39.52 22.92 -5.88
C SER P 51 -40.36 24.20 -5.94
N GLY P 52 -40.65 24.64 -7.16
CA GLY P 52 -41.33 25.90 -7.38
C GLY P 52 -42.83 25.87 -7.20
N LEU P 53 -43.48 24.81 -7.70
CA LEU P 53 -44.93 24.68 -7.59
C LEU P 53 -45.36 24.15 -6.22
N ILE P 54 -44.38 23.76 -5.39
CA ILE P 54 -44.62 23.32 -4.03
C ILE P 54 -45.33 24.38 -3.21
N TYR P 55 -44.92 25.65 -3.38
CA TYR P 55 -45.52 26.74 -2.64
C TYR P 55 -46.99 26.96 -3.01
N GLU P 56 -47.30 26.86 -4.31
CA GLU P 56 -48.68 27.05 -4.75
C GLU P 56 -49.56 25.86 -4.37
N GLU P 57 -49.01 24.64 -4.41
CA GLU P 57 -49.76 23.47 -3.98
C GLU P 57 -50.02 23.50 -2.48
N THR P 58 -49.03 23.95 -1.70
CA THR P 58 -49.19 24.08 -0.26
C THR P 58 -50.20 25.17 0.07
N ARG P 59 -50.20 26.27 -0.72
CA ARG P 59 -51.20 27.31 -0.54
C ARG P 59 -52.60 26.80 -0.89
N GLY P 60 -52.71 25.93 -1.90
CA GLY P 60 -54.01 25.38 -2.24
C GLY P 60 -54.57 24.44 -1.20
N VAL P 61 -53.71 23.56 -0.66
CA VAL P 61 -54.14 22.66 0.42
C VAL P 61 -54.46 23.45 1.69
N LEU P 62 -53.67 24.51 1.95
CA LEU P 62 -53.94 25.42 3.05
C LEU P 62 -55.28 26.12 2.90
N LYS P 63 -55.60 26.58 1.68
CA LYS P 63 -56.87 27.25 1.45
C LYS P 63 -58.05 26.29 1.54
N VAL P 64 -57.87 25.03 1.12
CA VAL P 64 -58.93 24.04 1.24
C VAL P 64 -59.23 23.73 2.71
N PHE P 65 -58.17 23.50 3.50
CA PHE P 65 -58.33 23.22 4.92
C PHE P 65 -58.89 24.42 5.68
N LEU P 66 -58.43 25.63 5.32
CA LEU P 66 -58.94 26.85 5.94
C LEU P 66 -60.39 27.09 5.59
N GLU P 67 -60.78 26.82 4.34
CA GLU P 67 -62.17 26.96 3.93
C GLU P 67 -63.08 25.98 4.66
N ASN P 68 -62.61 24.73 4.84
CA ASN P 68 -63.40 23.73 5.56
C ASN P 68 -63.60 24.10 7.03
N VAL P 69 -62.50 24.45 7.72
CA VAL P 69 -62.59 24.76 9.15
C VAL P 69 -63.32 26.07 9.38
N ILE P 70 -63.13 27.05 8.50
CA ILE P 70 -63.78 28.35 8.66
C ILE P 70 -65.27 28.23 8.35
N ARG P 71 -65.66 27.39 7.37
CA ARG P 71 -67.07 27.17 7.07
C ARG P 71 -67.76 26.43 8.22
N ASP P 72 -67.07 25.46 8.82
CA ASP P 72 -67.64 24.77 9.97
C ASP P 72 -67.79 25.70 11.18
N ALA P 73 -66.80 26.59 11.39
CA ALA P 73 -66.91 27.57 12.48
C ALA P 73 -67.99 28.60 12.20
N VAL P 74 -68.20 28.97 10.93
CA VAL P 74 -69.27 29.88 10.56
C VAL P 74 -70.63 29.24 10.82
N THR P 75 -70.77 27.95 10.52
CA THR P 75 -72.01 27.24 10.82
C THR P 75 -72.23 27.12 12.33
N TYR P 76 -71.16 26.89 13.08
CA TYR P 76 -71.24 26.82 14.55
C TYR P 76 -71.63 28.17 15.14
N THR P 77 -71.14 29.27 14.57
CA THR P 77 -71.50 30.59 15.07
C THR P 77 -72.92 30.97 14.64
N GLU P 78 -73.34 30.53 13.46
CA GLU P 78 -74.69 30.83 12.99
C GLU P 78 -75.74 30.06 13.77
N HIS P 79 -75.40 28.87 14.25
CA HIS P 79 -76.32 28.18 15.16
C HIS P 79 -76.37 28.84 16.53
N ALA P 80 -75.28 29.46 16.95
CA ALA P 80 -75.16 30.02 18.30
C ALA P 80 -75.86 31.36 18.46
N LYS P 81 -76.53 31.86 17.43
CA LYS P 81 -77.20 33.18 17.40
C LYS P 81 -76.21 34.30 17.72
N ARG P 82 -74.99 34.18 17.19
CA ARG P 82 -73.92 35.12 17.45
C ARG P 82 -73.34 35.60 16.13
N LYS P 83 -72.81 36.83 16.14
CA LYS P 83 -72.16 37.41 14.99
C LYS P 83 -70.64 37.47 15.13
N THR P 84 -70.11 37.02 16.27
CA THR P 84 -68.67 36.97 16.51
C THR P 84 -68.24 35.51 16.55
N VAL P 85 -67.43 35.11 15.58
CA VAL P 85 -66.90 33.75 15.56
C VAL P 85 -65.82 33.66 16.64
N THR P 86 -66.15 33.04 17.77
CA THR P 86 -65.24 32.97 18.89
C THR P 86 -64.24 31.84 18.69
N ALA P 87 -63.31 31.71 19.64
CA ALA P 87 -62.36 30.61 19.61
C ALA P 87 -63.01 29.27 19.91
N MET P 88 -64.14 29.28 20.62
CA MET P 88 -64.87 28.04 20.90
C MET P 88 -65.41 27.41 19.63
N ASP P 89 -65.92 28.25 18.71
CA ASP P 89 -66.40 27.74 17.43
C ASP P 89 -65.27 27.19 16.57
N VAL P 90 -64.08 27.79 16.67
CA VAL P 90 -62.91 27.28 15.95
C VAL P 90 -62.47 25.94 16.52
N VAL P 91 -62.54 25.80 17.86
CA VAL P 91 -62.21 24.52 18.50
C VAL P 91 -63.22 23.44 18.12
N TYR P 92 -64.50 23.80 18.04
CA TYR P 92 -65.52 22.82 17.63
C TYR P 92 -65.40 22.47 16.15
N ALA P 93 -64.99 23.43 15.32
CA ALA P 93 -64.78 23.16 13.90
C ALA P 93 -63.58 22.26 13.69
N LEU P 94 -62.52 22.44 14.50
CA LEU P 94 -61.37 21.54 14.43
C LEU P 94 -61.71 20.18 15.03
N LYS P 95 -62.67 20.13 15.95
CA LYS P 95 -63.15 18.86 16.47
C LYS P 95 -63.93 18.08 15.42
N ARG P 96 -64.75 18.79 14.62
CA ARG P 96 -65.52 18.12 13.58
C ARG P 96 -64.62 17.65 12.44
N GLN P 97 -63.56 18.41 12.15
CA GLN P 97 -62.66 18.08 11.05
C GLN P 97 -61.59 17.06 11.45
N GLY P 98 -61.51 16.66 12.71
CA GLY P 98 -60.53 15.69 13.14
C GLY P 98 -59.15 16.24 13.38
N ARG P 99 -59.03 17.55 13.62
CA ARG P 99 -57.76 18.22 13.88
C ARG P 99 -57.85 19.03 15.16
N THR P 100 -58.31 18.38 16.23
CA THR P 100 -58.64 19.03 17.50
C THR P 100 -57.41 19.66 18.14
N LEU P 101 -57.51 20.96 18.44
CA LEU P 101 -56.42 21.74 18.99
C LEU P 101 -56.67 22.03 20.47
N TYR P 102 -55.63 21.87 21.28
CA TYR P 102 -55.69 22.14 22.71
C TYR P 102 -55.28 23.58 23.01
N GLY P 103 -55.73 24.08 24.14
CA GLY P 103 -55.30 25.38 24.64
C GLY P 103 -56.21 26.55 24.34
N PHE P 104 -57.39 26.31 23.78
CA PHE P 104 -58.31 27.40 23.44
C PHE P 104 -59.73 27.04 23.87
N GLY P 105 -59.86 26.41 25.04
CA GLY P 105 -61.16 26.01 25.54
C GLY P 105 -61.70 24.75 24.89
N GLY P 106 -60.96 23.66 25.02
CA GLY P 106 -61.38 22.39 24.46
C GLY P 106 -62.32 21.62 25.36
N ALA Q 18 -105.22 11.51 9.63
CA ALA Q 18 -103.82 11.22 9.91
C ALA Q 18 -103.65 10.66 11.31
N LYS Q 19 -103.59 9.33 11.42
CA LYS Q 19 -103.43 8.67 12.70
C LYS Q 19 -101.97 8.63 13.13
N THR Q 20 -101.10 8.06 12.29
CA THR Q 20 -99.68 8.04 12.59
C THR Q 20 -99.06 9.41 12.31
N ARG Q 21 -97.92 9.68 12.96
CA ARG Q 21 -97.21 10.92 12.71
C ARG Q 21 -96.45 10.91 11.38
N SER Q 22 -96.29 9.73 10.76
CA SER Q 22 -95.78 9.68 9.39
C SER Q 22 -96.78 10.28 8.42
N SER Q 23 -98.08 10.13 8.70
CA SER Q 23 -99.11 10.81 7.94
C SER Q 23 -99.27 12.27 8.35
N ARG Q 24 -98.91 12.61 9.59
CA ARG Q 24 -98.91 14.01 10.02
C ARG Q 24 -97.78 14.80 9.37
N ALA Q 25 -96.67 14.13 9.08
CA ALA Q 25 -95.50 14.76 8.48
C ALA Q 25 -95.44 14.59 6.97
N GLY Q 26 -96.20 13.66 6.40
CA GLY Q 26 -96.12 13.38 4.98
C GLY Q 26 -94.84 12.66 4.59
N LEU Q 27 -94.34 11.79 5.45
CA LEU Q 27 -93.10 11.06 5.20
C LEU Q 27 -93.35 9.57 5.31
N GLN Q 28 -92.54 8.79 4.60
CA GLN Q 28 -92.64 7.34 4.67
C GLN Q 28 -91.87 6.77 5.86
N PHE Q 29 -90.88 7.49 6.37
CA PHE Q 29 -90.13 7.04 7.53
C PHE Q 29 -90.96 7.26 8.79
N PRO Q 30 -90.85 6.36 9.79
CA PRO Q 30 -91.68 6.51 11.00
C PRO Q 30 -91.23 7.66 11.88
N VAL Q 31 -92.08 8.68 12.00
CA VAL Q 31 -91.75 9.86 12.79
C VAL Q 31 -91.77 9.55 14.28
N GLY Q 32 -92.74 8.75 14.73
CA GLY Q 32 -92.82 8.43 16.15
C GLY Q 32 -91.71 7.50 16.62
N ARG Q 33 -91.14 6.71 15.70
CA ARG Q 33 -89.99 5.89 16.04
C ARG Q 33 -88.77 6.75 16.32
N VAL Q 34 -88.52 7.76 15.46
CA VAL Q 34 -87.44 8.70 15.70
C VAL Q 34 -87.71 9.54 16.93
N HIS Q 35 -88.98 9.84 17.23
CA HIS Q 35 -89.32 10.58 18.43
C HIS Q 35 -89.06 9.76 19.70
N ARG Q 36 -89.43 8.47 19.69
CA ARG Q 36 -89.16 7.62 20.83
C ARG Q 36 -87.68 7.35 20.99
N LEU Q 37 -86.93 7.26 19.89
CA LEU Q 37 -85.49 7.09 19.98
C LEU Q 37 -84.79 8.34 20.50
N LEU Q 38 -85.25 9.52 20.10
CA LEU Q 38 -84.69 10.77 20.61
C LEU Q 38 -85.08 11.00 22.06
N ARG Q 39 -86.24 10.48 22.49
CA ARG Q 39 -86.62 10.59 23.89
C ARG Q 39 -85.83 9.61 24.75
N LYS Q 40 -85.99 8.31 24.51
CA LYS Q 40 -85.25 7.29 25.25
C LYS Q 40 -83.98 6.87 24.51
N GLY Q 41 -83.17 7.85 24.10
CA GLY Q 41 -81.87 7.57 23.54
C GLY Q 41 -80.79 8.41 24.19
N ASN Q 42 -81.20 9.20 25.19
CA ASN Q 42 -80.32 10.04 26.01
C ASN Q 42 -79.56 11.06 25.16
N TYR Q 43 -80.31 11.86 24.41
CA TYR Q 43 -79.74 12.92 23.58
C TYR Q 43 -79.89 14.29 24.20
N SER Q 44 -81.04 14.59 24.79
CA SER Q 44 -81.28 15.86 25.47
C SER Q 44 -82.38 15.65 26.51
N GLU Q 45 -82.65 16.72 27.26
CA GLU Q 45 -83.75 16.68 28.22
C GLU Q 45 -85.10 16.69 27.52
N ARG Q 46 -85.28 17.61 26.59
CA ARG Q 46 -86.50 17.70 25.79
C ARG Q 46 -86.15 17.53 24.31
N VAL Q 47 -87.12 17.07 23.54
CA VAL Q 47 -86.98 16.89 22.10
C VAL Q 47 -88.12 17.65 21.43
N GLY Q 48 -87.77 18.59 20.56
CA GLY Q 48 -88.76 19.43 19.91
C GLY Q 48 -89.65 18.66 18.94
N ALA Q 49 -90.71 19.34 18.51
CA ALA Q 49 -91.72 18.71 17.68
C ALA Q 49 -91.24 18.46 16.26
N GLY Q 50 -90.30 19.27 15.76
CA GLY Q 50 -89.87 19.14 14.38
C GLY Q 50 -88.56 18.41 14.19
N ALA Q 51 -87.84 18.15 15.29
CA ALA Q 51 -86.57 17.44 15.21
C ALA Q 51 -86.69 15.99 14.73
N PRO Q 52 -87.60 15.13 15.24
CA PRO Q 52 -87.70 13.79 14.62
C PRO Q 52 -88.32 13.83 13.24
N VAL Q 53 -89.16 14.84 12.96
CA VAL Q 53 -89.65 15.06 11.60
C VAL Q 53 -88.49 15.41 10.67
N TYR Q 54 -87.54 16.22 11.15
CA TYR Q 54 -86.38 16.60 10.36
C TYR Q 54 -85.48 15.40 10.10
N LEU Q 55 -85.26 14.57 11.13
CA LEU Q 55 -84.45 13.36 10.95
C LEU Q 55 -85.11 12.36 10.02
N ALA Q 56 -86.44 12.21 10.11
CA ALA Q 56 -87.15 11.33 9.20
C ALA Q 56 -87.11 11.83 7.76
N ALA Q 57 -87.21 13.15 7.56
CA ALA Q 57 -87.11 13.71 6.21
C ALA Q 57 -85.71 13.55 5.63
N VAL Q 58 -84.68 13.77 6.45
CA VAL Q 58 -83.30 13.62 5.98
C VAL Q 58 -82.99 12.16 5.67
N LEU Q 59 -83.49 11.24 6.51
CA LEU Q 59 -83.30 9.81 6.27
C LEU Q 59 -84.03 9.35 5.02
N GLU Q 60 -85.25 9.85 4.80
CA GLU Q 60 -86.00 9.49 3.60
C GLU Q 60 -85.34 10.04 2.34
N TYR Q 61 -84.81 11.26 2.40
CA TYR Q 61 -84.12 11.85 1.26
C TYR Q 61 -82.82 11.11 0.95
N LEU Q 62 -82.08 10.72 1.99
CA LEU Q 62 -80.82 10.00 1.78
C LEU Q 62 -81.06 8.60 1.25
N THR Q 63 -82.10 7.92 1.76
CA THR Q 63 -82.43 6.59 1.24
C THR Q 63 -82.96 6.65 -0.19
N ALA Q 64 -83.70 7.70 -0.54
CA ALA Q 64 -84.13 7.86 -1.92
C ALA Q 64 -82.96 8.16 -2.85
N GLU Q 65 -82.01 8.98 -2.38
CA GLU Q 65 -80.85 9.34 -3.18
C GLU Q 65 -79.93 8.13 -3.38
N ILE Q 66 -79.86 7.23 -2.40
CA ILE Q 66 -79.07 6.02 -2.59
C ILE Q 66 -79.81 5.02 -3.48
N LEU Q 67 -81.10 4.80 -3.22
CA LEU Q 67 -81.85 3.78 -3.94
C LEU Q 67 -82.13 4.15 -5.38
N GLU Q 68 -82.11 5.44 -5.74
CA GLU Q 68 -82.22 5.82 -7.14
C GLU Q 68 -81.01 5.33 -7.95
N LEU Q 69 -79.80 5.63 -7.47
CA LEU Q 69 -78.60 5.10 -8.12
C LEU Q 69 -78.46 3.60 -7.94
N ALA Q 70 -79.06 3.02 -6.89
CA ALA Q 70 -79.06 1.57 -6.75
C ALA Q 70 -79.92 0.91 -7.81
N GLY Q 71 -81.10 1.47 -8.10
CA GLY Q 71 -81.90 0.99 -9.20
C GLY Q 71 -81.24 1.23 -10.54
N ASN Q 72 -80.51 2.33 -10.68
CA ASN Q 72 -79.74 2.58 -11.91
C ASN Q 72 -78.62 1.56 -12.10
N ALA Q 73 -77.95 1.19 -11.01
CA ALA Q 73 -76.88 0.18 -11.11
C ALA Q 73 -77.46 -1.22 -11.31
N ALA Q 74 -78.65 -1.49 -10.78
CA ALA Q 74 -79.32 -2.75 -11.06
C ALA Q 74 -79.77 -2.84 -12.51
N ARG Q 75 -80.20 -1.72 -13.08
CA ARG Q 75 -80.50 -1.67 -14.51
C ARG Q 75 -79.23 -1.81 -15.35
N ASP Q 76 -78.10 -1.27 -14.87
CA ASP Q 76 -76.84 -1.41 -15.60
C ASP Q 76 -76.30 -2.83 -15.53
N ASN Q 77 -76.56 -3.54 -14.43
CA ASN Q 77 -76.09 -4.91 -14.26
C ASN Q 77 -77.12 -5.93 -14.72
N LYS Q 78 -78.22 -5.48 -15.34
CA LYS Q 78 -79.31 -6.32 -15.87
C LYS Q 78 -79.90 -7.22 -14.78
N LYS Q 79 -80.29 -6.59 -13.68
CA LYS Q 79 -80.78 -7.32 -12.51
C LYS Q 79 -81.97 -6.58 -11.90
N THR Q 80 -82.94 -7.36 -11.42
CA THR Q 80 -84.11 -6.77 -10.77
C THR Q 80 -83.85 -6.56 -9.29
N ARG Q 81 -83.38 -7.58 -8.60
CA ARG Q 81 -83.11 -7.48 -7.17
C ARG Q 81 -81.81 -6.72 -6.92
N ILE Q 82 -81.82 -5.89 -5.87
CA ILE Q 82 -80.63 -5.12 -5.52
C ILE Q 82 -79.64 -6.04 -4.81
N ILE Q 83 -78.48 -6.23 -5.41
CA ILE Q 83 -77.37 -6.94 -4.77
C ILE Q 83 -76.51 -5.87 -4.12
N PRO Q 84 -75.62 -6.21 -3.17
CA PRO Q 84 -74.75 -5.17 -2.58
C PRO Q 84 -73.77 -4.52 -3.55
N ARG Q 85 -73.51 -5.12 -4.71
CA ARG Q 85 -72.73 -4.46 -5.75
C ARG Q 85 -73.47 -3.22 -6.27
N HIS Q 86 -74.80 -3.31 -6.37
CA HIS Q 86 -75.60 -2.16 -6.80
C HIS Q 86 -75.56 -1.04 -5.78
N LEU Q 87 -75.60 -1.38 -4.48
CA LEU Q 87 -75.51 -0.36 -3.46
C LEU Q 87 -74.11 0.23 -3.36
N GLN Q 88 -73.08 -0.58 -3.62
CA GLN Q 88 -71.71 -0.06 -3.66
C GLN Q 88 -71.52 0.90 -4.83
N LEU Q 89 -72.10 0.57 -5.99
CA LEU Q 89 -72.06 1.48 -7.12
C LEU Q 89 -72.87 2.74 -6.86
N ALA Q 90 -73.98 2.61 -6.11
CA ALA Q 90 -74.79 3.78 -5.77
C ALA Q 90 -74.06 4.71 -4.81
N ILE Q 91 -73.30 4.15 -3.88
CA ILE Q 91 -72.55 4.97 -2.93
C ILE Q 91 -71.34 5.60 -3.60
N ARG Q 92 -70.56 4.80 -4.34
CA ARG Q 92 -69.31 5.28 -4.91
C ARG Q 92 -69.50 6.12 -6.17
N ASN Q 93 -70.64 6.01 -6.86
CA ASN Q 93 -70.86 6.78 -8.07
C ASN Q 93 -71.21 8.24 -7.79
N ASP Q 94 -71.78 8.53 -6.62
CA ASP Q 94 -72.07 9.90 -6.21
C ASP Q 94 -70.90 10.41 -5.39
N GLU Q 95 -70.46 11.64 -5.69
CA GLU Q 95 -69.31 12.20 -4.98
C GLU Q 95 -69.69 12.60 -3.56
N GLU Q 96 -70.90 13.12 -3.37
CA GLU Q 96 -71.33 13.54 -2.04
C GLU Q 96 -71.67 12.34 -1.16
N LEU Q 97 -72.23 11.29 -1.74
CA LEU Q 97 -72.45 10.06 -0.98
C LEU Q 97 -71.15 9.35 -0.66
N ASN Q 98 -70.12 9.54 -1.50
CA ASN Q 98 -68.80 9.02 -1.18
C ASN Q 98 -68.13 9.86 -0.10
N LYS Q 99 -68.39 11.17 -0.08
CA LYS Q 99 -67.84 12.02 0.97
C LYS Q 99 -68.52 11.75 2.31
N LEU Q 100 -69.82 11.41 2.29
CA LEU Q 100 -70.51 11.04 3.53
C LEU Q 100 -70.05 9.68 4.03
N LEU Q 101 -69.74 8.76 3.11
CA LEU Q 101 -69.39 7.39 3.45
C LEU Q 101 -67.96 7.06 3.03
N GLY Q 102 -67.03 7.96 3.35
CA GLY Q 102 -65.64 7.74 2.99
C GLY Q 102 -64.97 6.65 3.79
N ARG Q 103 -65.30 6.53 5.07
CA ARG Q 103 -64.78 5.49 5.95
C ARG Q 103 -65.83 4.43 6.23
N VAL Q 104 -66.70 4.18 5.26
CA VAL Q 104 -67.79 3.22 5.39
C VAL Q 104 -67.64 2.18 4.27
N THR Q 105 -67.54 0.91 4.65
CA THR Q 105 -67.40 -0.19 3.70
C THR Q 105 -68.71 -0.94 3.58
N ILE Q 106 -69.12 -1.24 2.35
CA ILE Q 106 -70.30 -2.04 2.09
C ILE Q 106 -69.87 -3.50 1.93
N ALA Q 107 -70.44 -4.38 2.73
CA ALA Q 107 -70.11 -5.80 2.66
C ALA Q 107 -70.68 -6.41 1.38
N GLN Q 108 -69.86 -7.25 0.73
CA GLN Q 108 -70.15 -7.92 -0.54
C GLN Q 108 -70.49 -6.95 -1.68
N GLY Q 109 -69.94 -5.74 -1.62
CA GLY Q 109 -70.20 -4.75 -2.65
C GLY Q 109 -69.11 -4.72 -3.70
N GLY Q 110 -67.87 -4.94 -3.28
CA GLY Q 110 -66.76 -4.99 -4.20
C GLY Q 110 -66.08 -3.65 -4.37
N VAL Q 111 -65.09 -3.64 -5.24
CA VAL Q 111 -64.31 -2.46 -5.57
C VAL Q 111 -64.68 -2.03 -6.99
N LEU Q 112 -64.59 -0.73 -7.26
CA LEU Q 112 -64.86 -0.23 -8.59
C LEU Q 112 -63.77 -0.72 -9.56
N PRO Q 113 -64.12 -0.99 -10.82
CA PRO Q 113 -63.11 -1.45 -11.78
C PRO Q 113 -62.16 -0.34 -12.19
N ASN Q 114 -60.90 -0.45 -11.76
CA ASN Q 114 -59.88 0.53 -12.12
C ASN Q 114 -58.56 -0.17 -12.40
N ILE Q 115 -57.90 0.22 -13.49
CA ILE Q 115 -56.61 -0.31 -13.87
C ILE Q 115 -55.64 0.86 -13.96
N GLN Q 116 -54.48 0.72 -13.31
CA GLN Q 116 -53.47 1.77 -13.31
C GLN Q 116 -52.87 1.94 -14.71
N ALA Q 117 -52.31 3.12 -14.96
CA ALA Q 117 -51.96 3.52 -16.32
C ALA Q 117 -50.67 2.87 -16.79
N VAL Q 118 -49.65 2.80 -15.93
CA VAL Q 118 -48.34 2.32 -16.38
C VAL Q 118 -48.31 0.80 -16.51
N LEU Q 119 -49.26 0.10 -15.88
CA LEU Q 119 -49.29 -1.36 -15.89
C LEU Q 119 -49.84 -1.95 -17.18
N LEU Q 120 -50.23 -1.13 -18.15
CA LEU Q 120 -50.69 -1.67 -19.43
C LEU Q 120 -49.49 -2.13 -20.26
N PRO Q 121 -49.60 -3.26 -20.95
CA PRO Q 121 -48.51 -3.69 -21.83
C PRO Q 121 -48.49 -2.90 -23.12
N LYS Q 122 -47.30 -2.80 -23.70
CA LYS Q 122 -47.11 -2.07 -24.94
C LYS Q 122 -46.79 -3.02 -26.09
N SER R 36 -89.57 -12.65 19.17
CA SER R 36 -89.13 -11.35 19.64
C SER R 36 -89.26 -10.29 18.54
N ARG R 37 -89.90 -9.18 18.87
CA ARG R 37 -90.11 -8.10 17.92
C ARG R 37 -88.84 -7.28 17.79
N LYS R 38 -88.16 -7.40 16.65
CA LYS R 38 -86.98 -6.59 16.34
C LYS R 38 -87.45 -5.41 15.50
N GLU R 39 -87.49 -4.24 16.12
CA GLU R 39 -87.95 -3.04 15.42
C GLU R 39 -86.89 -2.56 14.44
N SER R 40 -87.24 -2.57 13.16
CA SER R 40 -86.30 -2.21 12.10
C SER R 40 -87.01 -1.29 11.11
N TYR R 41 -86.35 -1.04 9.98
CA TYR R 41 -86.88 -0.16 8.94
C TYR R 41 -87.23 -0.93 7.67
N SER R 42 -87.83 -2.12 7.81
CA SER R 42 -87.99 -3.04 6.68
C SER R 42 -89.00 -2.51 5.66
N ILE R 43 -90.26 -2.34 6.09
CA ILE R 43 -91.29 -1.93 5.14
C ILE R 43 -91.19 -0.46 4.79
N TYR R 44 -90.49 0.35 5.60
CA TYR R 44 -90.25 1.74 5.22
C TYR R 44 -89.26 1.83 4.07
N VAL R 45 -88.18 1.04 4.12
CA VAL R 45 -87.25 0.97 3.00
C VAL R 45 -87.91 0.31 1.80
N TYR R 46 -88.83 -0.64 2.03
CA TYR R 46 -89.63 -1.22 0.95
C TYR R 46 -90.49 -0.17 0.26
N LYS R 47 -91.14 0.70 1.05
CA LYS R 47 -92.00 1.74 0.48
C LYS R 47 -91.17 2.82 -0.21
N VAL R 48 -89.99 3.13 0.32
CA VAL R 48 -89.10 4.10 -0.32
C VAL R 48 -88.60 3.57 -1.66
N LEU R 49 -88.23 2.28 -1.71
CA LEU R 49 -87.78 1.68 -2.96
C LEU R 49 -88.92 1.57 -3.97
N LYS R 50 -90.13 1.24 -3.51
CA LYS R 50 -91.27 1.21 -4.41
C LYS R 50 -91.68 2.60 -4.86
N GLN R 51 -91.35 3.64 -4.09
CA GLN R 51 -91.56 5.01 -4.54
C GLN R 51 -90.54 5.40 -5.61
N VAL R 52 -89.29 4.96 -5.46
CA VAL R 52 -88.27 5.36 -6.41
C VAL R 52 -88.04 4.36 -7.55
N HIS R 53 -88.43 3.08 -7.37
CA HIS R 53 -88.24 2.05 -8.39
C HIS R 53 -89.28 0.95 -8.20
N PRO R 54 -90.40 1.01 -8.92
CA PRO R 54 -91.46 0.01 -8.70
C PRO R 54 -91.15 -1.37 -9.27
N ASP R 55 -90.19 -1.46 -10.20
CA ASP R 55 -89.80 -2.73 -10.81
C ASP R 55 -88.46 -3.24 -10.32
N THR R 56 -88.16 -3.06 -9.03
CA THR R 56 -86.86 -3.40 -8.48
C THR R 56 -87.02 -3.97 -7.09
N GLY R 57 -86.49 -5.18 -6.87
CA GLY R 57 -86.50 -5.79 -5.56
C GLY R 57 -85.25 -5.47 -4.76
N ILE R 58 -85.28 -5.84 -3.48
CA ILE R 58 -84.17 -5.60 -2.57
C ILE R 58 -83.89 -6.89 -1.81
N SER R 59 -82.63 -7.30 -1.77
CA SER R 59 -82.23 -8.50 -1.05
C SER R 59 -82.14 -8.20 0.45
N SER R 60 -81.97 -9.27 1.23
CA SER R 60 -81.86 -9.11 2.68
C SER R 60 -80.53 -8.49 3.08
N LYS R 61 -79.46 -8.78 2.33
CA LYS R 61 -78.18 -8.12 2.56
C LYS R 61 -78.26 -6.64 2.25
N ALA R 62 -78.89 -6.29 1.13
CA ALA R 62 -79.13 -4.89 0.79
C ALA R 62 -80.06 -4.21 1.79
N MET R 63 -81.02 -4.96 2.33
CA MET R 63 -81.88 -4.44 3.38
C MET R 63 -81.09 -4.12 4.65
N GLY R 64 -80.15 -5.00 5.01
CA GLY R 64 -79.32 -4.73 6.18
C GLY R 64 -78.38 -3.56 5.95
N ILE R 65 -77.88 -3.38 4.71
CA ILE R 65 -77.05 -2.23 4.38
C ILE R 65 -77.86 -0.94 4.51
N MET R 66 -79.10 -0.94 3.98
CA MET R 66 -79.93 0.26 4.05
C MET R 66 -80.35 0.59 5.48
N ASN R 67 -80.67 -0.43 6.28
CA ASN R 67 -81.03 -0.20 7.67
C ASN R 67 -79.85 0.27 8.51
N SER R 68 -78.65 -0.26 8.23
CA SER R 68 -77.45 0.21 8.90
C SER R 68 -77.12 1.64 8.50
N PHE R 69 -77.38 2.01 7.24
CA PHE R 69 -77.19 3.39 6.81
C PHE R 69 -78.16 4.32 7.51
N VAL R 70 -79.42 3.88 7.68
CA VAL R 70 -80.44 4.66 8.38
C VAL R 70 -80.02 4.88 9.84
N ASN R 71 -79.66 3.81 10.53
CA ASN R 71 -79.28 3.91 11.94
C ASN R 71 -78.00 4.71 12.13
N ASP R 72 -77.01 4.55 11.25
CA ASP R 72 -75.75 5.26 11.37
C ASP R 72 -75.93 6.75 11.11
N ILE R 73 -76.70 7.11 10.07
CA ILE R 73 -76.92 8.52 9.76
C ILE R 73 -77.77 9.19 10.84
N PHE R 74 -78.78 8.47 11.34
CA PHE R 74 -79.62 9.01 12.42
C PHE R 74 -78.82 9.23 13.69
N GLU R 75 -77.96 8.27 14.05
CA GLU R 75 -77.14 8.41 15.25
C GLU R 75 -76.10 9.50 15.11
N ARG R 76 -75.50 9.63 13.91
CA ARG R 76 -74.48 10.66 13.69
C ARG R 76 -75.08 12.06 13.74
N ILE R 77 -76.20 12.28 13.04
CA ILE R 77 -76.81 13.60 13.03
C ILE R 77 -77.44 13.93 14.38
N ALA R 78 -77.98 12.92 15.09
CA ALA R 78 -78.54 13.16 16.41
C ALA R 78 -77.47 13.49 17.43
N GLY R 79 -76.31 12.81 17.37
CA GLY R 79 -75.22 13.13 18.28
C GLY R 79 -74.59 14.47 17.98
N GLU R 80 -74.47 14.82 16.69
CA GLU R 80 -73.96 16.13 16.31
C GLU R 80 -74.89 17.24 16.77
N ALA R 81 -76.21 17.04 16.62
CA ALA R 81 -77.16 18.05 17.06
C ALA R 81 -77.25 18.12 18.57
N SER R 82 -77.02 17.00 19.27
CA SER R 82 -76.97 17.02 20.73
C SER R 82 -75.75 17.79 21.21
N ARG R 83 -74.61 17.62 20.53
CA ARG R 83 -73.42 18.42 20.85
C ARG R 83 -73.64 19.89 20.56
N LEU R 84 -74.30 20.19 19.43
CA LEU R 84 -74.60 21.57 19.05
C LEU R 84 -75.56 22.23 20.03
N ALA R 85 -76.49 21.46 20.59
CA ALA R 85 -77.39 22.00 21.60
C ALA R 85 -76.70 22.16 22.95
N HIS R 86 -75.78 21.24 23.29
CA HIS R 86 -75.06 21.35 24.55
C HIS R 86 -74.04 22.48 24.51
N TYR R 87 -73.57 22.85 23.32
CA TYR R 87 -72.59 23.94 23.22
C TYR R 87 -73.21 25.32 23.41
N ASN R 88 -74.53 25.44 23.26
CA ASN R 88 -75.20 26.73 23.36
C ASN R 88 -76.11 26.83 24.57
N LYS R 89 -75.85 26.04 25.62
CA LYS R 89 -76.63 26.01 26.87
C LYS R 89 -78.10 25.72 26.63
N ARG R 90 -78.35 24.72 25.78
CA ARG R 90 -79.71 24.38 25.34
C ARG R 90 -79.94 22.90 25.59
N SER R 91 -80.78 22.59 26.58
CA SER R 91 -81.08 21.20 26.92
C SER R 91 -82.24 20.63 26.10
N THR R 92 -82.72 21.36 25.11
CA THR R 92 -83.71 20.85 24.17
C THR R 92 -83.11 20.84 22.77
N ILE R 93 -83.73 20.05 21.90
CA ILE R 93 -83.30 19.91 20.51
C ILE R 93 -84.50 20.20 19.63
N THR R 94 -84.48 21.36 18.97
CA THR R 94 -85.51 21.75 18.02
C THR R 94 -85.04 21.40 16.60
N SER R 95 -85.77 21.90 15.60
CA SER R 95 -85.41 21.65 14.21
C SER R 95 -84.13 22.35 13.81
N ARG R 96 -83.79 23.45 14.48
CA ARG R 96 -82.58 24.21 14.13
C ARG R 96 -81.31 23.42 14.45
N GLU R 97 -81.34 22.62 15.51
CA GLU R 97 -80.17 21.83 15.90
C GLU R 97 -79.90 20.72 14.88
N ILE R 98 -80.95 20.00 14.47
CA ILE R 98 -80.79 18.99 13.44
C ILE R 98 -80.45 19.65 12.10
N GLN R 99 -80.94 20.88 11.87
CA GLN R 99 -80.66 21.60 10.64
C GLN R 99 -79.17 21.95 10.52
N THR R 100 -78.60 22.51 11.59
CA THR R 100 -77.16 22.82 11.54
C THR R 100 -76.30 21.56 11.66
N ALA R 101 -76.82 20.47 12.24
CA ALA R 101 -76.09 19.21 12.21
C ALA R 101 -76.04 18.64 10.79
N VAL R 102 -77.12 18.79 10.03
CA VAL R 102 -77.14 18.38 8.64
C VAL R 102 -76.22 19.28 7.80
N ARG R 103 -76.24 20.59 8.08
CA ARG R 103 -75.37 21.52 7.36
C ARG R 103 -73.90 21.31 7.68
N LEU R 104 -73.59 20.78 8.87
CA LEU R 104 -72.21 20.51 9.24
C LEU R 104 -71.73 19.17 8.70
N LEU R 105 -72.56 18.13 8.82
CA LEU R 105 -72.12 16.78 8.46
C LEU R 105 -72.18 16.55 6.96
N LEU R 106 -73.32 16.83 6.33
CA LEU R 106 -73.50 16.54 4.92
C LEU R 106 -72.79 17.60 4.07
N PRO R 107 -72.23 17.18 2.92
CA PRO R 107 -71.63 18.16 2.00
C PRO R 107 -72.69 18.99 1.30
N GLY R 108 -72.22 20.05 0.64
CA GLY R 108 -72.99 21.19 0.15
C GLY R 108 -74.34 20.99 -0.52
N GLU R 109 -74.39 20.28 -1.65
CA GLU R 109 -75.66 20.07 -2.34
C GLU R 109 -76.54 19.10 -1.57
N LEU R 110 -75.94 18.06 -0.99
CA LEU R 110 -76.68 17.11 -0.15
C LEU R 110 -77.24 17.80 1.09
N ALA R 111 -76.43 18.64 1.75
CA ALA R 111 -76.90 19.38 2.91
C ALA R 111 -77.98 20.37 2.55
N LYS R 112 -77.87 21.03 1.39
CA LYS R 112 -78.87 22.00 0.98
C LYS R 112 -80.20 21.34 0.63
N HIS R 113 -80.15 20.20 -0.06
CA HIS R 113 -81.38 19.48 -0.39
C HIS R 113 -82.02 18.89 0.86
N ALA R 114 -81.21 18.38 1.79
CA ALA R 114 -81.75 17.88 3.05
C ALA R 114 -82.29 19.01 3.93
N VAL R 115 -81.70 20.20 3.84
CA VAL R 115 -82.22 21.36 4.56
C VAL R 115 -83.58 21.77 4.02
N SER R 116 -83.73 21.78 2.68
CA SER R 116 -85.02 22.15 2.09
C SER R 116 -86.09 21.11 2.40
N GLU R 117 -85.75 19.82 2.29
CA GLU R 117 -86.72 18.75 2.57
C GLU R 117 -87.08 18.71 4.05
N GLY R 118 -86.10 18.91 4.94
CA GLY R 118 -86.37 18.89 6.36
C GLY R 118 -87.17 20.10 6.82
N THR R 119 -86.90 21.27 6.26
CA THR R 119 -87.69 22.46 6.61
C THR R 119 -89.11 22.35 6.07
N LYS R 120 -89.27 21.74 4.89
CA LYS R 120 -90.61 21.48 4.36
C LYS R 120 -91.39 20.53 5.27
N ALA R 121 -90.73 19.47 5.74
CA ALA R 121 -91.40 18.53 6.64
C ALA R 121 -91.68 19.14 8.02
N VAL R 122 -90.79 20.02 8.50
CA VAL R 122 -91.01 20.70 9.77
C VAL R 122 -92.20 21.65 9.68
N THR R 123 -92.31 22.39 8.57
CA THR R 123 -93.46 23.28 8.38
C THR R 123 -94.75 22.48 8.18
N LYS R 124 -94.66 21.30 7.55
CA LYS R 124 -95.83 20.45 7.40
C LYS R 124 -96.28 19.85 8.74
N TYR R 125 -95.34 19.52 9.62
CA TYR R 125 -95.72 19.00 10.93
C TYR R 125 -96.21 20.10 11.86
N THR R 126 -95.67 21.32 11.71
CA THR R 126 -96.10 22.43 12.56
C THR R 126 -97.48 22.93 12.13
N SER R 127 -97.75 22.95 10.82
CA SER R 127 -99.05 23.37 10.34
C SER R 127 -100.11 22.30 10.62
N ALA R 128 -99.70 21.04 10.70
CA ALA R 128 -100.63 19.95 10.99
C ALA R 128 -100.23 19.22 12.28
N PRO S 42 1.81 -32.97 12.22
CA PRO S 42 0.45 -33.28 12.65
C PRO S 42 -0.42 -32.02 12.77
N HIS S 43 -1.17 -31.92 13.86
CA HIS S 43 -2.05 -30.78 14.10
C HIS S 43 -2.01 -30.42 15.58
N ARG S 44 -1.58 -29.21 15.89
CA ARG S 44 -1.44 -28.76 17.27
C ARG S 44 -1.93 -27.32 17.38
N TYR S 45 -2.87 -27.09 18.29
CA TYR S 45 -3.38 -25.75 18.50
C TYR S 45 -2.38 -24.89 19.28
N ARG S 46 -2.62 -23.58 19.25
CA ARG S 46 -1.84 -22.67 20.06
C ARG S 46 -2.21 -22.83 21.53
N PRO S 47 -1.29 -22.48 22.46
CA PRO S 47 -1.63 -22.55 23.89
C PRO S 47 -2.67 -21.51 24.29
N GLY S 48 -3.89 -21.98 24.56
CA GLY S 48 -4.98 -21.09 24.91
C GLY S 48 -6.21 -21.27 24.05
N THR S 49 -6.22 -22.33 23.23
CA THR S 49 -7.33 -22.62 22.33
C THR S 49 -8.24 -23.72 22.85
N VAL S 50 -7.69 -24.88 23.19
CA VAL S 50 -8.47 -25.96 23.75
C VAL S 50 -8.81 -25.68 25.22
N ALA S 51 -8.12 -24.73 25.86
CA ALA S 51 -8.48 -24.34 27.22
C ALA S 51 -9.81 -23.61 27.25
N LEU S 52 -10.04 -22.71 26.28
CA LEU S 52 -11.35 -22.05 26.18
C LEU S 52 -12.43 -23.03 25.73
N ARG S 53 -12.07 -24.01 24.90
CA ARG S 53 -13.01 -25.07 24.52
C ARG S 53 -13.39 -25.91 25.73
N GLU S 54 -12.43 -26.18 26.62
CA GLU S 54 -12.73 -26.88 27.85
C GLU S 54 -13.54 -26.03 28.82
N ILE S 55 -13.32 -24.71 28.80
CA ILE S 55 -14.16 -23.78 29.58
C ILE S 55 -15.60 -23.88 29.13
N ARG S 56 -15.84 -23.82 27.81
CA ARG S 56 -17.19 -23.92 27.29
C ARG S 56 -17.79 -25.30 27.50
N ARG S 57 -16.98 -26.35 27.43
CA ARG S 57 -17.48 -27.72 27.59
C ARG S 57 -17.87 -28.00 29.04
N TYR S 58 -16.99 -27.68 29.98
CA TYR S 58 -17.26 -27.93 31.39
C TYR S 58 -18.09 -26.83 32.05
N GLN S 59 -18.45 -25.78 31.31
CA GLN S 59 -19.47 -24.85 31.76
C GLN S 59 -20.84 -25.16 31.17
N LYS S 60 -20.89 -25.75 29.97
CA LYS S 60 -22.17 -26.19 29.41
C LYS S 60 -22.63 -27.51 30.01
N SER S 61 -21.73 -28.25 30.66
CA SER S 61 -22.04 -29.55 31.21
C SER S 61 -22.76 -29.43 32.55
N THR S 62 -23.19 -30.59 33.06
CA THR S 62 -23.94 -30.65 34.31
C THR S 62 -23.32 -31.66 35.28
N GLU S 63 -22.75 -32.75 34.77
CA GLU S 63 -22.29 -33.88 35.58
C GLU S 63 -21.08 -33.49 36.43
N LEU S 64 -20.78 -34.37 37.39
CA LEU S 64 -19.79 -34.05 38.42
C LEU S 64 -18.38 -34.16 37.87
N LEU S 65 -17.61 -33.07 38.00
CA LEU S 65 -16.22 -33.07 37.58
C LEU S 65 -15.36 -33.90 38.53
N ILE S 66 -15.65 -33.82 39.83
CA ILE S 66 -14.97 -34.66 40.82
C ILE S 66 -15.55 -36.07 40.74
N ARG S 67 -14.67 -37.07 40.71
CA ARG S 67 -15.08 -38.46 40.60
C ARG S 67 -15.76 -38.91 41.89
N LYS S 68 -16.61 -39.95 41.75
CA LYS S 68 -17.54 -40.31 42.82
C LYS S 68 -16.83 -41.05 43.95
N LEU S 69 -16.21 -42.19 43.64
CA LEU S 69 -15.60 -43.05 44.65
C LEU S 69 -14.36 -42.48 45.35
N PRO S 70 -13.44 -41.74 44.67
CA PRO S 70 -12.40 -41.04 45.46
C PRO S 70 -12.94 -39.99 46.41
N PHE S 71 -13.97 -39.25 46.02
CA PHE S 71 -14.56 -38.27 46.93
C PHE S 71 -15.32 -38.97 48.06
N GLN S 72 -15.92 -40.13 47.79
CA GLN S 72 -16.58 -40.89 48.84
C GLN S 72 -15.58 -41.43 49.85
N ARG S 73 -14.44 -41.93 49.37
CA ARG S 73 -13.37 -42.38 50.27
C ARG S 73 -12.76 -41.21 51.03
N LEU S 74 -12.67 -40.03 50.41
CA LEU S 74 -12.18 -38.84 51.10
C LEU S 74 -13.14 -38.39 52.20
N VAL S 75 -14.45 -38.45 51.92
CA VAL S 75 -15.46 -38.09 52.92
C VAL S 75 -15.43 -39.09 54.08
N ARG S 76 -15.29 -40.38 53.79
CA ARG S 76 -15.20 -41.38 54.84
C ARG S 76 -13.92 -41.23 55.67
N GLU S 77 -12.80 -40.88 55.02
CA GLU S 77 -11.54 -40.71 55.73
C GLU S 77 -11.58 -39.46 56.62
N ILE S 78 -12.20 -38.38 56.14
CA ILE S 78 -12.29 -37.17 56.94
C ILE S 78 -13.27 -37.36 58.10
N ALA S 79 -14.39 -38.03 57.85
CA ALA S 79 -15.36 -38.30 58.92
C ALA S 79 -14.83 -39.33 59.92
N GLN S 80 -13.90 -40.19 59.51
CA GLN S 80 -13.33 -41.16 60.45
C GLN S 80 -12.42 -40.50 61.48
N ASP S 81 -11.83 -39.35 61.13
CA ASP S 81 -11.01 -38.60 62.08
C ASP S 81 -11.85 -37.91 63.16
N PHE S 82 -13.15 -37.76 62.94
CA PHE S 82 -14.06 -37.20 63.94
C PHE S 82 -14.87 -38.26 64.65
N LYS S 83 -15.32 -39.30 63.95
CA LYS S 83 -16.10 -40.37 64.58
C LYS S 83 -15.89 -41.65 63.81
N THR S 84 -15.48 -42.71 64.50
CA THR S 84 -15.19 -43.99 63.87
C THR S 84 -16.49 -44.74 63.60
N ASP S 85 -16.47 -45.60 62.57
CA ASP S 85 -17.58 -46.46 62.16
C ASP S 85 -18.83 -45.66 61.80
N LEU S 86 -18.70 -44.90 60.72
CA LEU S 86 -19.80 -44.10 60.18
C LEU S 86 -20.14 -44.59 58.78
N ARG S 87 -21.41 -44.90 58.55
CA ARG S 87 -21.89 -45.25 57.23
C ARG S 87 -22.41 -44.00 56.53
N PHE S 88 -22.35 -44.00 55.20
CA PHE S 88 -22.69 -42.84 54.39
C PHE S 88 -23.65 -43.25 53.29
N GLN S 89 -24.82 -42.62 53.25
CA GLN S 89 -25.72 -42.80 52.13
C GLN S 89 -25.14 -42.14 50.89
N SER S 90 -25.53 -42.66 49.71
CA SER S 90 -25.00 -42.13 48.46
C SER S 90 -25.51 -40.73 48.17
N SER S 91 -26.71 -40.41 48.65
CA SER S 91 -27.26 -39.06 48.48
C SER S 91 -26.46 -38.03 49.27
N ALA S 92 -25.97 -38.43 50.45
CA ALA S 92 -25.13 -37.54 51.25
C ALA S 92 -23.78 -37.29 50.56
N VAL S 93 -23.22 -38.33 49.93
CA VAL S 93 -21.95 -38.18 49.22
C VAL S 93 -22.13 -37.30 47.98
N MET S 94 -23.25 -37.48 47.27
CA MET S 94 -23.53 -36.62 46.12
C MET S 94 -23.80 -35.17 46.54
N ALA S 95 -24.41 -34.97 47.71
CA ALA S 95 -24.64 -33.62 48.22
C ALA S 95 -23.33 -32.95 48.59
N LEU S 96 -22.44 -33.68 49.28
CA LEU S 96 -21.12 -33.14 49.61
C LEU S 96 -20.30 -32.86 48.36
N GLN S 97 -20.42 -33.71 47.34
CA GLN S 97 -19.72 -33.52 46.08
C GLN S 97 -20.21 -32.29 45.35
N GLU S 98 -21.53 -32.09 45.30
CA GLU S 98 -22.09 -30.92 44.62
C GLU S 98 -21.74 -29.63 45.35
N ALA S 99 -21.80 -29.64 46.69
CA ALA S 99 -21.45 -28.45 47.46
C ALA S 99 -19.98 -28.11 47.33
N CYS S 100 -19.10 -29.12 47.38
CA CYS S 100 -17.67 -28.90 47.23
C CYS S 100 -17.33 -28.42 45.82
N GLU S 101 -18.01 -28.96 44.80
CA GLU S 101 -17.76 -28.54 43.44
C GLU S 101 -18.21 -27.11 43.21
N ALA S 102 -19.38 -26.71 43.72
CA ALA S 102 -19.85 -25.33 43.57
C ALA S 102 -18.96 -24.36 44.32
N TYR S 103 -18.49 -24.75 45.51
CA TYR S 103 -17.58 -23.91 46.28
C TYR S 103 -16.23 -23.74 45.58
N LEU S 104 -15.70 -24.81 45.01
CA LEU S 104 -14.42 -24.69 44.31
C LEU S 104 -14.55 -23.95 42.98
N VAL S 105 -15.72 -24.04 42.32
CA VAL S 105 -15.94 -23.26 41.10
C VAL S 105 -16.04 -21.77 41.41
N GLY S 106 -16.72 -21.42 42.53
CA GLY S 106 -16.76 -20.02 42.94
C GLY S 106 -15.38 -19.52 43.38
N LEU S 107 -14.61 -20.39 44.03
CA LEU S 107 -13.23 -20.05 44.41
C LEU S 107 -12.36 -19.84 43.17
N PHE S 108 -12.56 -20.65 42.13
CA PHE S 108 -11.80 -20.48 40.89
C PHE S 108 -12.24 -19.24 40.13
N GLU S 109 -13.51 -18.85 40.25
CA GLU S 109 -13.98 -17.61 39.65
C GLU S 109 -13.32 -16.41 40.31
N ASP S 110 -13.28 -16.39 41.64
CA ASP S 110 -12.59 -15.32 42.36
C ASP S 110 -11.08 -15.37 42.12
N THR S 111 -10.53 -16.57 41.92
CA THR S 111 -9.12 -16.73 41.61
C THR S 111 -8.76 -16.11 40.26
N ASN S 112 -9.56 -16.39 39.23
CA ASN S 112 -9.31 -15.80 37.92
C ASN S 112 -9.60 -14.30 37.91
N LEU S 113 -10.56 -13.84 38.73
CA LEU S 113 -10.80 -12.41 38.85
C LEU S 113 -9.61 -11.70 39.48
N CYS S 114 -9.01 -12.31 40.50
CA CYS S 114 -7.81 -11.75 41.10
C CYS S 114 -6.61 -11.83 40.15
N ALA S 115 -6.58 -12.85 39.29
CA ALA S 115 -5.52 -12.95 38.30
C ALA S 115 -5.65 -11.86 37.23
N ILE S 116 -6.88 -11.55 36.83
CA ILE S 116 -7.12 -10.44 35.90
C ILE S 116 -6.77 -9.11 36.57
N HIS S 117 -7.08 -8.97 37.85
CA HIS S 117 -6.82 -7.73 38.58
C HIS S 117 -5.33 -7.45 38.73
N ALA S 118 -4.49 -8.49 38.74
CA ALA S 118 -3.05 -8.32 38.84
C ALA S 118 -2.37 -8.26 37.48
N LYS S 119 -3.11 -7.89 36.43
CA LYS S 119 -2.61 -7.74 35.05
C LYS S 119 -2.02 -9.04 34.52
N ARG S 120 -2.66 -10.16 34.85
CA ARG S 120 -2.22 -11.48 34.41
C ARG S 120 -3.37 -12.22 33.75
N VAL S 121 -3.02 -13.30 33.05
CA VAL S 121 -3.97 -14.32 32.65
C VAL S 121 -3.71 -15.65 33.36
N THR S 122 -2.51 -15.84 33.92
CA THR S 122 -2.18 -17.02 34.68
C THR S 122 -2.63 -16.83 36.13
N ILE S 123 -3.39 -17.78 36.65
CA ILE S 123 -3.80 -17.70 38.04
C ILE S 123 -2.65 -18.12 38.94
N MET S 124 -2.68 -17.64 40.17
CA MET S 124 -1.63 -17.83 41.16
C MET S 124 -2.25 -18.27 42.48
N PRO S 125 -1.47 -18.89 43.36
CA PRO S 125 -2.00 -19.20 44.71
C PRO S 125 -2.30 -17.96 45.54
N LYS S 126 -1.65 -16.83 45.26
CA LYS S 126 -1.97 -15.59 45.96
C LYS S 126 -3.35 -15.07 45.58
N ASP S 127 -3.87 -15.43 44.41
CA ASP S 127 -5.26 -15.14 44.06
C ASP S 127 -6.22 -15.86 45.02
N ILE S 128 -5.96 -17.14 45.27
CA ILE S 128 -6.79 -17.92 46.20
C ILE S 128 -6.61 -17.40 47.63
N GLN S 129 -5.40 -16.95 47.96
CA GLN S 129 -5.16 -16.39 49.30
C GLN S 129 -5.91 -15.07 49.50
N LEU S 130 -5.94 -14.22 48.47
CA LEU S 130 -6.69 -12.97 48.56
C LEU S 130 -8.19 -13.23 48.58
N ALA S 131 -8.65 -14.25 47.85
CA ALA S 131 -10.06 -14.61 47.86
C ALA S 131 -10.50 -15.13 49.22
N ARG S 132 -9.65 -15.94 49.87
CA ARG S 132 -9.97 -16.43 51.20
C ARG S 132 -9.82 -15.35 52.26
N ARG S 133 -8.95 -14.37 52.03
CA ARG S 133 -8.82 -13.26 52.98
C ARG S 133 -10.00 -12.30 52.89
N ILE S 134 -10.51 -12.08 51.68
CA ILE S 134 -11.67 -11.21 51.51
C ILE S 134 -12.94 -11.92 51.97
N ARG S 135 -13.06 -13.21 51.67
CA ARG S 135 -14.23 -13.98 52.10
C ARG S 135 -14.26 -14.21 53.60
N GLY S 136 -13.13 -14.13 54.28
CA GLY S 136 -13.09 -14.33 55.71
C GLY S 136 -13.17 -15.78 56.13
N GLU S 137 -12.74 -16.70 55.27
CA GLU S 137 -12.79 -18.12 55.57
C GLU S 137 -11.51 -18.56 56.25
N ARG S 138 -11.65 -19.25 57.38
CA ARG S 138 -10.50 -19.71 58.15
C ARG S 138 -10.47 -21.23 58.21
N LYS T 24 -11.34 -51.89 56.00
CA LYS T 24 -10.42 -51.29 55.06
C LYS T 24 -9.95 -49.92 55.54
N VAL T 25 -8.64 -49.73 55.62
CA VAL T 25 -8.09 -48.44 56.02
C VAL T 25 -8.23 -47.45 54.86
N LEU T 26 -8.37 -46.17 55.21
CA LEU T 26 -8.56 -45.11 54.23
C LEU T 26 -7.39 -44.14 54.32
N ARG T 27 -6.61 -44.07 53.25
CA ARG T 27 -5.43 -43.21 53.20
C ARG T 27 -5.26 -42.68 51.79
N ASP T 28 -4.58 -41.53 51.71
CA ASP T 28 -4.27 -40.74 50.48
C ASP T 28 -5.48 -40.58 49.55
N ASN T 29 -6.67 -40.43 50.13
CA ASN T 29 -7.88 -40.23 49.33
C ASN T 29 -8.05 -38.77 48.91
N ILE T 30 -7.28 -37.86 49.50
CA ILE T 30 -7.25 -36.48 49.00
C ILE T 30 -6.51 -36.43 47.67
N GLN T 31 -5.58 -37.36 47.43
CA GLN T 31 -4.93 -37.51 46.14
C GLN T 31 -5.82 -38.18 45.10
N GLY T 32 -6.94 -38.76 45.52
CA GLY T 32 -7.93 -39.25 44.57
C GLY T 32 -8.64 -38.15 43.81
N ILE T 33 -8.66 -36.93 44.35
CA ILE T 33 -9.12 -35.76 43.62
C ILE T 33 -8.00 -35.39 42.65
N THR T 34 -8.13 -35.81 41.39
CA THR T 34 -7.03 -35.74 40.46
C THR T 34 -6.81 -34.31 39.95
N LYS T 35 -5.65 -34.10 39.34
CA LYS T 35 -5.32 -32.79 38.81
C LYS T 35 -6.18 -32.34 37.62
N PRO T 36 -6.53 -33.19 36.63
CA PRO T 36 -7.53 -32.71 35.64
C PRO T 36 -8.93 -32.54 36.19
N ALA T 37 -9.27 -33.12 37.34
CA ALA T 37 -10.56 -32.81 37.96
C ALA T 37 -10.59 -31.38 38.48
N ILE T 38 -9.50 -30.94 39.12
CA ILE T 38 -9.37 -29.56 39.55
C ILE T 38 -9.22 -28.64 38.33
N ARG T 39 -8.63 -29.14 37.24
CA ARG T 39 -8.61 -28.38 36.00
C ARG T 39 -10.01 -28.21 35.43
N ARG T 40 -10.85 -29.24 35.54
CA ARG T 40 -12.25 -29.13 35.13
C ARG T 40 -13.00 -28.12 36.01
N LEU T 41 -12.70 -28.12 37.31
CA LEU T 41 -13.28 -27.12 38.21
C LEU T 41 -12.80 -25.71 37.87
N ALA T 42 -11.59 -25.58 37.34
CA ALA T 42 -11.10 -24.27 36.90
C ALA T 42 -11.74 -23.85 35.58
N ARG T 43 -11.95 -24.79 34.66
CA ARG T 43 -12.63 -24.48 33.40
C ARG T 43 -14.09 -24.11 33.64
N ARG T 44 -14.71 -24.74 34.64
CA ARG T 44 -16.05 -24.34 35.03
C ARG T 44 -16.03 -22.99 35.73
N GLY T 45 -14.94 -22.67 36.44
CA GLY T 45 -14.75 -21.38 37.06
C GLY T 45 -14.19 -20.31 36.15
N GLY T 46 -14.05 -20.59 34.86
CA GLY T 46 -13.58 -19.59 33.91
C GLY T 46 -12.10 -19.30 34.00
N VAL T 47 -11.26 -20.32 33.94
CA VAL T 47 -9.81 -20.16 34.01
C VAL T 47 -9.21 -20.76 32.75
N LYS T 48 -8.36 -19.98 32.07
CA LYS T 48 -7.70 -20.47 30.87
C LYS T 48 -6.35 -21.09 31.21
N ARG T 49 -5.51 -20.37 31.94
CA ARG T 49 -4.12 -20.76 32.19
C ARG T 49 -3.94 -21.01 33.68
N ILE T 50 -3.56 -22.23 34.04
CA ILE T 50 -3.54 -22.70 35.42
C ILE T 50 -2.09 -22.97 35.81
N SER T 51 -1.65 -22.40 36.94
CA SER T 51 -0.32 -22.67 37.45
C SER T 51 -0.23 -24.07 38.04
N GLY T 52 1.01 -24.52 38.23
CA GLY T 52 1.25 -25.83 38.82
C GLY T 52 0.99 -25.91 40.31
N LEU T 53 1.09 -24.78 41.01
CA LEU T 53 0.84 -24.74 42.45
C LEU T 53 -0.61 -24.40 42.79
N ILE T 54 -1.53 -24.64 41.86
CA ILE T 54 -2.94 -24.29 42.07
C ILE T 54 -3.72 -25.47 42.62
N TYR T 55 -3.44 -26.68 42.11
CA TYR T 55 -4.24 -27.85 42.42
C TYR T 55 -4.11 -28.30 43.86
N GLU T 56 -2.90 -28.23 44.43
CA GLU T 56 -2.70 -28.60 45.83
C GLU T 56 -3.34 -27.58 46.77
N GLU T 57 -3.29 -26.29 46.39
CA GLU T 57 -3.94 -25.25 47.18
C GLU T 57 -5.45 -25.41 47.15
N THR T 58 -6.00 -25.78 45.98
CA THR T 58 -7.43 -26.01 45.86
C THR T 58 -7.86 -27.25 46.64
N ARG T 59 -7.01 -28.28 46.66
CA ARG T 59 -7.26 -29.44 47.51
C ARG T 59 -7.20 -29.08 48.98
N GLY T 60 -6.33 -28.14 49.35
CA GLY T 60 -6.28 -27.67 50.73
C GLY T 60 -7.53 -26.90 51.14
N VAL T 61 -8.02 -26.04 50.25
CA VAL T 61 -9.26 -25.31 50.51
C VAL T 61 -10.45 -26.27 50.56
N LEU T 62 -10.43 -27.32 49.72
CA LEU T 62 -11.45 -28.35 49.78
C LEU T 62 -11.40 -29.12 51.09
N LYS T 63 -10.20 -29.40 51.60
CA LYS T 63 -10.07 -30.10 52.88
C LYS T 63 -10.50 -29.22 54.04
N VAL T 64 -10.23 -27.91 53.97
CA VAL T 64 -10.73 -26.97 54.99
C VAL T 64 -12.25 -26.90 54.97
N PHE T 65 -12.86 -26.90 53.77
CA PHE T 65 -14.32 -26.90 53.66
C PHE T 65 -14.93 -28.19 54.20
N LEU T 66 -14.30 -29.33 53.90
CA LEU T 66 -14.83 -30.61 54.34
C LEU T 66 -14.64 -30.81 55.84
N GLU T 67 -13.53 -30.29 56.40
CA GLU T 67 -13.33 -30.36 57.85
C GLU T 67 -14.28 -29.44 58.60
N ASN T 68 -14.84 -28.44 57.94
CA ASN T 68 -15.87 -27.61 58.57
C ASN T 68 -17.26 -28.18 58.39
N VAL T 69 -17.50 -28.92 57.32
CA VAL T 69 -18.85 -29.42 57.04
C VAL T 69 -19.08 -30.78 57.69
N ILE T 70 -18.21 -31.75 57.42
CA ILE T 70 -18.46 -33.12 57.87
C ILE T 70 -18.27 -33.26 59.38
N ARG T 71 -17.49 -32.36 60.00
CA ARG T 71 -17.42 -32.35 61.47
C ARG T 71 -18.74 -31.90 62.09
N ASP T 72 -19.38 -30.89 61.49
CA ASP T 72 -20.70 -30.47 61.93
C ASP T 72 -21.74 -31.53 61.64
N ALA T 73 -21.55 -32.30 60.57
CA ALA T 73 -22.44 -33.43 60.28
C ALA T 73 -22.27 -34.54 61.31
N VAL T 74 -21.04 -34.76 61.77
CA VAL T 74 -20.77 -35.71 62.86
C VAL T 74 -21.43 -35.24 64.14
N THR T 75 -21.36 -33.92 64.41
CA THR T 75 -22.02 -33.35 65.58
C THR T 75 -23.55 -33.46 65.49
N TYR T 76 -24.10 -33.35 64.27
CA TYR T 76 -25.53 -33.53 64.08
C TYR T 76 -25.94 -35.00 64.27
N THR T 77 -25.09 -35.92 63.82
CA THR T 77 -25.44 -37.35 63.87
C THR T 77 -25.25 -37.91 65.27
N GLU T 78 -24.32 -37.36 66.05
CA GLU T 78 -24.06 -37.87 67.40
C GLU T 78 -25.22 -37.60 68.35
N HIS T 79 -25.89 -36.47 68.19
CA HIS T 79 -27.04 -36.14 69.03
C HIS T 79 -28.29 -36.93 68.68
N ALA T 80 -28.44 -37.34 67.43
CA ALA T 80 -29.63 -38.05 66.98
C ALA T 80 -29.63 -39.53 67.33
N LYS T 81 -28.61 -39.99 68.07
CA LYS T 81 -28.42 -41.40 68.46
C LYS T 81 -28.39 -42.32 67.24
N ARG T 82 -27.66 -41.88 66.22
CA ARG T 82 -27.57 -42.59 64.95
C ARG T 82 -26.11 -42.79 64.58
N LYS T 83 -25.82 -43.92 63.95
CA LYS T 83 -24.46 -44.27 63.54
C LYS T 83 -24.24 -44.13 62.04
N THR T 84 -25.25 -43.76 61.27
CA THR T 84 -25.13 -43.55 59.84
C THR T 84 -25.44 -42.08 59.56
N VAL T 85 -24.44 -41.35 59.08
CA VAL T 85 -24.64 -39.94 58.73
C VAL T 85 -25.41 -39.89 57.42
N THR T 86 -26.70 -39.58 57.50
CA THR T 86 -27.56 -39.54 56.33
C THR T 86 -27.40 -38.21 55.59
N ALA T 87 -28.23 -38.01 54.57
CA ALA T 87 -28.21 -36.76 53.82
C ALA T 87 -28.79 -35.60 54.61
N MET T 88 -29.64 -35.88 55.60
CA MET T 88 -30.26 -34.83 56.39
C MET T 88 -29.23 -34.08 57.23
N ASP T 89 -28.33 -34.82 57.89
CA ASP T 89 -27.28 -34.19 58.69
C ASP T 89 -26.28 -33.43 57.82
N VAL T 90 -26.04 -33.92 56.61
CA VAL T 90 -25.16 -33.22 55.67
C VAL T 90 -25.81 -31.91 55.22
N VAL T 91 -27.13 -31.92 54.99
CA VAL T 91 -27.84 -30.71 54.61
C VAL T 91 -27.87 -29.71 55.77
N TYR T 92 -28.05 -30.20 57.00
CA TYR T 92 -28.05 -29.30 58.16
C TYR T 92 -26.66 -28.73 58.44
N ALA T 93 -25.61 -29.52 58.18
CA ALA T 93 -24.24 -29.04 58.36
C ALA T 93 -23.87 -28.04 57.28
N LEU T 94 -24.38 -28.21 56.06
CA LEU T 94 -24.21 -27.18 55.04
C LEU T 94 -25.03 -25.94 55.35
N LYS T 95 -26.15 -26.11 56.06
CA LYS T 95 -26.94 -24.98 56.52
C LYS T 95 -26.18 -24.17 57.55
N ARG T 96 -25.45 -24.84 58.46
CA ARG T 96 -24.71 -24.13 59.49
C ARG T 96 -23.54 -23.36 58.89
N GLN T 97 -22.96 -23.88 57.81
CA GLN T 97 -21.81 -23.24 57.17
C GLN T 97 -22.20 -22.14 56.19
N GLY T 98 -23.49 -21.84 56.05
CA GLY T 98 -23.93 -20.80 55.14
C GLY T 98 -23.93 -21.22 53.69
N ARG T 99 -24.04 -22.51 53.41
CA ARG T 99 -23.99 -23.08 52.07
C ARG T 99 -25.12 -24.08 51.88
N THR T 100 -26.34 -23.66 52.20
CA THR T 100 -27.51 -24.52 52.18
C THR T 100 -27.80 -25.02 50.77
N LEU T 101 -27.86 -26.35 50.63
CA LEU T 101 -28.02 -27.01 49.34
C LEU T 101 -29.39 -27.65 49.25
N TYR T 102 -30.06 -27.45 48.12
CA TYR T 102 -31.39 -27.99 47.87
C TYR T 102 -31.30 -29.39 47.26
N GLY T 103 -32.39 -30.13 47.35
CA GLY T 103 -32.52 -31.41 46.67
C GLY T 103 -32.29 -32.63 47.53
N PHE T 104 -31.92 -32.48 48.79
CA PHE T 104 -31.65 -33.61 49.67
C PHE T 104 -32.29 -33.43 51.03
N GLY T 105 -33.43 -32.75 51.09
CA GLY T 105 -34.16 -32.55 52.33
C GLY T 105 -34.00 -31.12 52.85
N GLY T 106 -34.72 -30.86 53.93
CA GLY T 106 -34.70 -29.55 54.57
C GLY T 106 -35.83 -28.65 54.11
N THR U 20 -31.89 -19.36 96.08
CA THR U 20 -32.28 -19.52 94.68
C THR U 20 -31.58 -20.71 94.05
N ARG U 21 -31.93 -21.00 92.79
CA ARG U 21 -31.28 -22.04 92.02
C ARG U 21 -29.96 -21.58 91.40
N SER U 22 -29.63 -20.30 91.53
CA SER U 22 -28.32 -19.83 91.10
C SER U 22 -27.21 -20.37 91.99
N SER U 23 -27.49 -20.49 93.29
CA SER U 23 -26.55 -21.11 94.22
C SER U 23 -26.62 -22.63 94.16
N ARG U 24 -27.68 -23.19 93.60
CA ARG U 24 -27.81 -24.64 93.44
C ARG U 24 -27.06 -25.17 92.23
N ALA U 25 -26.42 -24.30 91.44
CA ALA U 25 -25.70 -24.73 90.25
C ALA U 25 -24.24 -24.31 90.25
N GLY U 26 -23.80 -23.52 91.23
CA GLY U 26 -22.42 -23.07 91.26
C GLY U 26 -22.07 -22.05 90.20
N LEU U 27 -23.06 -21.29 89.73
CA LEU U 27 -22.87 -20.31 88.67
C LEU U 27 -23.33 -18.94 89.15
N GLN U 28 -22.60 -17.91 88.73
CA GLN U 28 -23.03 -16.54 89.04
C GLN U 28 -24.18 -16.12 88.15
N PHE U 29 -24.22 -16.65 86.92
CA PHE U 29 -25.35 -16.38 86.04
C PHE U 29 -26.59 -17.13 86.52
N PRO U 30 -27.78 -16.55 86.37
CA PRO U 30 -28.96 -17.14 87.00
C PRO U 30 -29.49 -18.33 86.22
N VAL U 31 -29.97 -19.34 86.95
CA VAL U 31 -30.67 -20.46 86.32
C VAL U 31 -32.10 -20.04 85.97
N GLY U 32 -32.73 -19.24 86.83
CA GLY U 32 -34.16 -18.99 86.68
C GLY U 32 -34.49 -18.01 85.57
N ARG U 33 -33.62 -17.02 85.34
CA ARG U 33 -33.88 -16.07 84.25
C ARG U 33 -33.75 -16.73 82.89
N VAL U 34 -32.73 -17.57 82.71
CA VAL U 34 -32.58 -18.32 81.47
C VAL U 34 -33.67 -19.37 81.35
N HIS U 35 -34.14 -19.92 82.47
CA HIS U 35 -35.25 -20.86 82.45
C HIS U 35 -36.56 -20.19 82.04
N ARG U 36 -36.80 -18.97 82.51
CA ARG U 36 -37.98 -18.22 82.10
C ARG U 36 -37.89 -17.81 80.63
N LEU U 37 -36.69 -17.42 80.18
CA LEU U 37 -36.50 -17.08 78.78
C LEU U 37 -36.59 -18.29 77.87
N LEU U 38 -36.33 -19.50 78.38
CA LEU U 38 -36.50 -20.71 77.59
C LEU U 38 -37.94 -21.19 77.61
N ARG U 39 -38.65 -20.99 78.71
CA ARG U 39 -40.04 -21.43 78.82
C ARG U 39 -40.99 -20.50 78.07
N LYS U 40 -40.73 -19.19 78.11
CA LYS U 40 -41.61 -18.20 77.49
C LYS U 40 -41.11 -17.73 76.13
N GLY U 41 -39.90 -18.11 75.74
CA GLY U 41 -39.34 -17.69 74.47
C GLY U 41 -39.77 -18.50 73.26
N ASN U 42 -40.69 -19.45 73.45
CA ASN U 42 -41.25 -20.31 72.40
C ASN U 42 -40.15 -21.10 71.68
N TYR U 43 -39.31 -21.77 72.47
CA TYR U 43 -38.25 -22.59 71.92
C TYR U 43 -38.70 -24.01 71.66
N SER U 44 -39.42 -24.62 72.61
CA SER U 44 -40.02 -25.93 72.42
C SER U 44 -41.21 -26.05 73.36
N GLU U 45 -41.83 -27.23 73.34
CA GLU U 45 -42.91 -27.53 74.28
C GLU U 45 -42.36 -27.65 75.70
N ARG U 46 -41.24 -28.34 75.86
CA ARG U 46 -40.61 -28.52 77.16
C ARG U 46 -39.10 -28.37 77.03
N VAL U 47 -38.52 -27.54 77.89
CA VAL U 47 -37.09 -27.29 77.93
C VAL U 47 -36.58 -27.78 79.28
N GLY U 48 -35.57 -28.64 79.28
CA GLY U 48 -35.15 -29.33 80.48
C GLY U 48 -34.55 -28.41 81.52
N ALA U 49 -34.54 -28.91 82.76
CA ALA U 49 -34.10 -28.12 83.90
C ALA U 49 -32.60 -27.83 83.89
N GLY U 50 -31.81 -28.67 83.22
CA GLY U 50 -30.39 -28.42 83.08
C GLY U 50 -30.00 -27.57 81.90
N ALA U 51 -30.95 -27.28 81.01
CA ALA U 51 -30.64 -26.43 79.86
C ALA U 51 -30.38 -24.96 80.20
N PRO U 52 -31.12 -24.29 81.12
CA PRO U 52 -30.64 -22.96 81.54
C PRO U 52 -29.37 -23.02 82.36
N VAL U 53 -29.14 -24.12 83.08
CA VAL U 53 -27.88 -24.31 83.79
C VAL U 53 -26.72 -24.42 82.80
N TYR U 54 -26.91 -25.21 81.74
CA TYR U 54 -25.87 -25.38 80.73
C TYR U 54 -25.63 -24.07 79.99
N LEU U 55 -26.71 -23.32 79.70
CA LEU U 55 -26.59 -22.04 79.01
C LEU U 55 -25.87 -21.02 79.88
N ALA U 56 -26.20 -20.97 81.18
CA ALA U 56 -25.56 -20.05 82.10
C ALA U 56 -24.09 -20.41 82.33
N ALA U 57 -23.76 -21.70 82.29
CA ALA U 57 -22.38 -22.12 82.47
C ALA U 57 -21.53 -21.78 81.24
N VAL U 58 -22.06 -22.03 80.04
CA VAL U 58 -21.33 -21.69 78.82
C VAL U 58 -21.20 -20.19 78.66
N LEU U 59 -22.24 -19.45 79.06
CA LEU U 59 -22.20 -18.00 79.06
C LEU U 59 -21.16 -17.47 80.04
N GLU U 60 -21.07 -18.09 81.23
CA GLU U 60 -20.12 -17.66 82.25
C GLU U 60 -18.69 -17.95 81.81
N TYR U 61 -18.46 -19.10 81.16
CA TYR U 61 -17.13 -19.42 80.66
C TYR U 61 -16.71 -18.48 79.54
N LEU U 62 -17.63 -18.17 78.62
CA LEU U 62 -17.30 -17.28 77.51
C LEU U 62 -17.06 -15.85 77.97
N THR U 63 -17.90 -15.36 78.89
CA THR U 63 -17.66 -14.02 79.42
C THR U 63 -16.46 -13.98 80.35
N ALA U 64 -16.07 -15.12 80.96
CA ALA U 64 -14.86 -15.14 81.76
C ALA U 64 -13.62 -15.08 80.88
N GLU U 65 -13.64 -15.79 79.75
CA GLU U 65 -12.52 -15.71 78.80
C GLU U 65 -12.41 -14.32 78.18
N ILE U 66 -13.57 -13.73 77.82
CA ILE U 66 -13.57 -12.41 77.20
C ILE U 66 -13.11 -11.34 78.21
N LEU U 67 -13.57 -11.42 79.46
CA LEU U 67 -13.14 -10.47 80.47
C LEU U 67 -11.71 -10.71 80.91
N GLU U 68 -11.21 -11.95 80.82
CA GLU U 68 -9.81 -12.23 81.12
C GLU U 68 -8.89 -11.60 80.08
N LEU U 69 -9.20 -11.79 78.80
CA LEU U 69 -8.41 -11.14 77.77
C LEU U 69 -8.62 -9.63 77.75
N ALA U 70 -9.78 -9.14 78.20
CA ALA U 70 -10.00 -7.70 78.30
C ALA U 70 -9.19 -7.09 79.44
N GLY U 71 -9.07 -7.80 80.56
CA GLY U 71 -8.20 -7.36 81.63
C GLY U 71 -6.73 -7.42 81.25
N ASN U 72 -6.35 -8.41 80.44
CA ASN U 72 -4.99 -8.47 79.92
C ASN U 72 -4.72 -7.30 78.98
N ALA U 73 -5.69 -6.93 78.13
CA ALA U 73 -5.52 -5.79 77.25
C ALA U 73 -5.56 -4.48 78.01
N ALA U 74 -6.28 -4.42 79.13
CA ALA U 74 -6.29 -3.23 79.97
C ALA U 74 -4.96 -3.05 80.69
N ARG U 75 -4.38 -4.14 81.17
CA ARG U 75 -3.04 -4.10 81.76
C ARG U 75 -1.97 -3.82 80.71
N ASP U 76 -2.23 -4.17 79.44
CA ASP U 76 -1.32 -3.78 78.37
C ASP U 76 -1.41 -2.31 78.05
N ASN U 77 -2.59 -1.70 78.21
CA ASN U 77 -2.80 -0.30 77.90
C ASN U 77 -2.71 0.60 79.13
N LYS U 78 -2.24 0.05 80.27
CA LYS U 78 -2.03 0.76 81.54
C LYS U 78 -3.31 1.41 82.05
N LYS U 79 -4.43 0.71 81.90
CA LYS U 79 -5.72 1.15 82.41
C LYS U 79 -6.30 0.06 83.31
N THR U 80 -7.15 0.48 84.25
CA THR U 80 -7.86 -0.45 85.11
C THR U 80 -9.34 -0.55 84.80
N ARG U 81 -9.93 0.46 84.17
CA ARG U 81 -11.32 0.38 83.72
C ARG U 81 -11.35 -0.16 82.30
N ILE U 82 -12.20 -1.16 82.06
CA ILE U 82 -12.26 -1.79 80.75
C ILE U 82 -12.95 -0.84 79.77
N ILE U 83 -12.19 -0.36 78.78
CA ILE U 83 -12.73 0.46 77.70
C ILE U 83 -13.03 -0.50 76.56
N PRO U 84 -13.85 -0.11 75.55
CA PRO U 84 -14.13 -1.04 74.44
C PRO U 84 -12.93 -1.37 73.56
N ARG U 85 -11.83 -0.60 73.64
CA ARG U 85 -10.60 -1.00 72.95
C ARG U 85 -10.02 -2.27 73.55
N HIS U 86 -10.11 -2.41 74.89
CA HIS U 86 -9.68 -3.64 75.56
C HIS U 86 -10.56 -4.82 75.16
N LEU U 87 -11.86 -4.60 74.99
CA LEU U 87 -12.74 -5.70 74.57
C LEU U 87 -12.53 -6.06 73.12
N GLN U 88 -12.19 -5.07 72.28
CA GLN U 88 -11.84 -5.34 70.88
C GLN U 88 -10.56 -6.16 70.78
N LEU U 89 -9.55 -5.80 71.59
CA LEU U 89 -8.33 -6.60 71.66
C LEU U 89 -8.60 -7.99 72.25
N ALA U 90 -9.55 -8.09 73.18
CA ALA U 90 -9.92 -9.38 73.76
C ALA U 90 -10.57 -10.29 72.72
N ILE U 91 -11.42 -9.74 71.87
CA ILE U 91 -12.09 -10.54 70.86
C ILE U 91 -11.13 -10.90 69.73
N ARG U 92 -10.38 -9.91 69.22
CA ARG U 92 -9.55 -10.14 68.05
C ARG U 92 -8.19 -10.77 68.36
N ASN U 93 -7.81 -10.87 69.64
CA ASN U 93 -6.51 -11.46 69.97
C ASN U 93 -6.57 -12.98 69.94
N ASP U 94 -7.65 -13.57 70.45
CA ASP U 94 -7.79 -15.01 70.44
C ASP U 94 -8.26 -15.50 69.07
N GLU U 95 -7.90 -16.74 68.74
CA GLU U 95 -8.29 -17.30 67.45
C GLU U 95 -9.73 -17.79 67.47
N GLU U 96 -10.09 -18.57 68.50
CA GLU U 96 -11.44 -19.13 68.58
C GLU U 96 -12.48 -18.08 68.93
N LEU U 97 -12.12 -17.07 69.71
CA LEU U 97 -13.05 -15.99 70.01
C LEU U 97 -13.27 -15.09 68.81
N ASN U 98 -12.27 -14.98 67.92
CA ASN U 98 -12.47 -14.28 66.67
C ASN U 98 -13.26 -15.14 65.68
N LYS U 99 -13.10 -16.47 65.75
CA LYS U 99 -13.86 -17.36 64.88
C LYS U 99 -15.34 -17.39 65.28
N LEU U 100 -15.62 -17.25 66.57
CA LEU U 100 -17.01 -17.14 67.02
C LEU U 100 -17.58 -15.78 66.64
N LEU U 101 -16.90 -14.70 67.03
CA LEU U 101 -17.35 -13.34 66.73
C LEU U 101 -16.67 -12.83 65.46
N GLY U 102 -16.93 -13.53 64.36
CA GLY U 102 -16.37 -13.16 63.08
C GLY U 102 -17.10 -12.00 62.43
N ARG U 103 -18.42 -12.09 62.36
CA ARG U 103 -19.26 -11.04 61.81
C ARG U 103 -19.87 -10.16 62.90
N VAL U 104 -19.16 -10.00 64.02
CA VAL U 104 -19.64 -9.24 65.17
C VAL U 104 -18.71 -8.05 65.37
N THR U 105 -19.31 -6.86 65.45
CA THR U 105 -18.55 -5.63 65.57
C THR U 105 -18.72 -5.05 66.97
N ILE U 106 -17.60 -4.60 67.55
CA ILE U 106 -17.59 -3.93 68.85
C ILE U 106 -17.54 -2.43 68.59
N ALA U 107 -18.50 -1.70 69.14
CA ALA U 107 -18.51 -0.25 69.01
C ALA U 107 -17.44 0.36 69.89
N GLN U 108 -16.81 1.43 69.37
CA GLN U 108 -15.74 2.18 70.03
C GLN U 108 -14.53 1.31 70.39
N GLY U 109 -14.29 0.26 69.62
CA GLY U 109 -13.20 -0.65 69.91
C GLY U 109 -11.98 -0.42 69.04
N GLY U 110 -12.20 0.12 67.85
CA GLY U 110 -11.10 0.41 66.96
C GLY U 110 -10.61 -0.80 66.19
N VAL U 111 -9.51 -0.60 65.47
CA VAL U 111 -8.90 -1.63 64.64
C VAL U 111 -7.57 -2.01 65.29
N LEU U 112 -7.14 -3.26 65.07
CA LEU U 112 -5.84 -3.70 65.53
C LEU U 112 -4.73 -2.96 64.80
N PRO U 113 -3.58 -2.74 65.46
CA PRO U 113 -2.45 -2.12 64.76
C PRO U 113 -1.84 -3.05 63.72
N ASN U 114 -2.07 -2.73 62.45
CA ASN U 114 -1.62 -3.59 61.35
C ASN U 114 -1.20 -2.70 60.20
N ILE U 115 0.10 -2.71 59.88
CA ILE U 115 0.67 -1.91 58.80
C ILE U 115 1.17 -2.87 57.74
N GLN U 116 0.79 -2.62 56.48
CA GLN U 116 1.16 -3.49 55.38
C GLN U 116 2.66 -3.42 55.11
N ALA U 117 3.18 -4.45 54.44
CA ALA U 117 4.63 -4.61 54.31
C ALA U 117 5.20 -3.71 53.21
N VAL U 118 4.50 -3.58 52.09
CA VAL U 118 5.06 -2.87 50.95
C VAL U 118 5.00 -1.35 51.15
N LEU U 119 4.13 -0.86 52.03
CA LEU U 119 3.96 0.57 52.23
C LEU U 119 5.04 1.19 53.10
N LEU U 120 5.99 0.41 53.60
CA LEU U 120 7.10 0.97 54.37
C LEU U 120 8.08 1.66 53.43
N PRO U 121 8.63 2.81 53.81
CA PRO U 121 9.57 3.51 52.93
C PRO U 121 10.95 2.86 52.94
N LYS U 122 11.73 3.21 51.93
CA LYS U 122 13.09 2.67 51.79
C LYS U 122 14.11 3.58 52.46
N ARG V 35 -41.38 3.93 85.40
CA ARG V 35 -39.97 3.62 85.20
C ARG V 35 -39.79 2.15 84.85
N SER V 36 -39.02 1.88 83.80
CA SER V 36 -38.81 0.53 83.32
C SER V 36 -37.70 -0.16 84.09
N ARG V 37 -38.03 -1.27 84.75
CA ARG V 37 -37.04 -2.10 85.44
C ARG V 37 -36.70 -3.28 84.54
N LYS V 38 -35.91 -2.98 83.51
CA LYS V 38 -35.54 -4.01 82.54
C LYS V 38 -34.48 -4.94 83.10
N GLU V 39 -34.64 -6.23 82.87
CA GLU V 39 -33.68 -7.23 83.31
C GLU V 39 -32.51 -7.28 82.34
N SER V 40 -31.32 -7.43 82.91
CA SER V 40 -30.08 -7.35 82.13
C SER V 40 -29.04 -8.26 82.80
N TYR V 41 -27.78 -8.05 82.47
CA TYR V 41 -26.67 -8.74 83.11
C TYR V 41 -25.59 -7.75 83.52
N SER V 42 -26.00 -6.64 84.15
CA SER V 42 -25.06 -5.63 84.61
C SER V 42 -24.26 -6.15 85.80
N ILE V 43 -24.95 -6.41 86.92
CA ILE V 43 -24.24 -6.88 88.11
C ILE V 43 -23.84 -8.35 87.98
N TYR V 44 -24.45 -9.09 87.04
CA TYR V 44 -24.07 -10.48 86.80
C TYR V 44 -22.67 -10.57 86.20
N VAL V 45 -22.48 -9.95 85.02
CA VAL V 45 -21.17 -9.92 84.39
C VAL V 45 -20.20 -9.05 85.20
N TYR V 46 -20.70 -8.09 85.98
CA TYR V 46 -19.82 -7.35 86.88
C TYR V 46 -19.27 -8.25 88.00
N LYS V 47 -20.11 -9.13 88.55
CA LYS V 47 -19.63 -10.07 89.56
C LYS V 47 -18.72 -11.14 88.97
N VAL V 48 -18.98 -11.54 87.71
CA VAL V 48 -18.06 -12.46 87.03
C VAL V 48 -16.71 -11.80 86.78
N LEU V 49 -16.72 -10.51 86.42
CA LEU V 49 -15.49 -9.76 86.22
C LEU V 49 -14.72 -9.60 87.53
N LYS V 50 -15.44 -9.32 88.62
CA LYS V 50 -14.79 -9.25 89.93
C LYS V 50 -14.33 -10.61 90.43
N GLN V 51 -14.95 -11.69 89.95
CA GLN V 51 -14.47 -13.03 90.27
C GLN V 51 -13.18 -13.35 89.50
N VAL V 52 -13.07 -12.90 88.26
CA VAL V 52 -11.87 -13.17 87.48
C VAL V 52 -10.81 -12.07 87.59
N HIS V 53 -11.20 -10.87 88.03
CA HIS V 53 -10.26 -9.75 88.15
C HIS V 53 -10.76 -8.83 89.25
N PRO V 54 -10.13 -8.86 90.43
CA PRO V 54 -10.56 -7.98 91.54
C PRO V 54 -10.29 -6.51 91.27
N ASP V 55 -9.07 -6.17 90.89
CA ASP V 55 -8.68 -4.78 90.64
C ASP V 55 -8.78 -4.49 89.14
N THR V 56 -10.02 -4.44 88.66
CA THR V 56 -10.30 -4.10 87.28
C THR V 56 -11.69 -3.50 87.20
N GLY V 57 -11.78 -2.26 86.69
CA GLY V 57 -13.05 -1.62 86.49
C GLY V 57 -13.67 -1.97 85.15
N ILE V 58 -14.82 -1.36 84.87
CA ILE V 58 -15.52 -1.55 83.62
C ILE V 58 -16.23 -0.24 83.27
N SER V 59 -16.56 -0.10 81.99
CA SER V 59 -17.30 1.07 81.54
C SER V 59 -18.76 0.71 81.27
N SER V 60 -19.60 1.73 81.20
CA SER V 60 -21.02 1.51 80.89
C SER V 60 -21.21 1.07 79.45
N LYS V 61 -20.42 1.63 78.52
CA LYS V 61 -20.40 1.12 77.16
C LYS V 61 -19.87 -0.30 77.11
N ALA V 62 -18.83 -0.58 77.91
CA ALA V 62 -18.34 -1.95 78.06
C ALA V 62 -19.37 -2.85 78.72
N MET V 63 -20.18 -2.30 79.63
CA MET V 63 -21.24 -3.09 80.26
C MET V 63 -22.33 -3.45 79.25
N GLY V 64 -22.67 -2.51 78.36
CA GLY V 64 -23.64 -2.82 77.32
C GLY V 64 -23.07 -3.80 76.30
N ILE V 65 -21.75 -3.73 76.05
CA ILE V 65 -21.08 -4.71 75.19
C ILE V 65 -21.16 -6.11 75.82
N MET V 66 -20.93 -6.20 77.14
CA MET V 66 -20.99 -7.48 77.82
C MET V 66 -22.41 -8.04 77.86
N ASN V 67 -23.41 -7.17 78.08
CA ASN V 67 -24.80 -7.62 78.09
C ASN V 67 -25.25 -8.06 76.71
N SER V 68 -24.82 -7.34 75.67
CA SER V 68 -25.14 -7.73 74.30
C SER V 68 -24.45 -9.03 73.90
N PHE V 69 -23.21 -9.24 74.38
CA PHE V 69 -22.50 -10.48 74.14
C PHE V 69 -23.20 -11.67 74.80
N VAL V 70 -23.62 -11.49 76.05
CA VAL V 70 -24.33 -12.54 76.79
C VAL V 70 -25.66 -12.86 76.11
N ASN V 71 -26.42 -11.84 75.72
CA ASN V 71 -27.73 -12.07 75.10
C ASN V 71 -27.59 -12.68 73.71
N ASP V 72 -26.56 -12.28 72.95
CA ASP V 72 -26.36 -12.81 71.61
C ASP V 72 -25.92 -14.26 71.63
N ILE V 73 -24.97 -14.61 72.53
CA ILE V 73 -24.52 -16.00 72.63
C ILE V 73 -25.65 -16.89 73.15
N PHE V 74 -26.43 -16.38 74.12
CA PHE V 74 -27.56 -17.14 74.65
C PHE V 74 -28.61 -17.40 73.57
N GLU V 75 -28.96 -16.37 72.79
CA GLU V 75 -29.96 -16.52 71.74
C GLU V 75 -29.48 -17.44 70.63
N ARG V 76 -28.18 -17.35 70.27
CA ARG V 76 -27.62 -18.20 69.21
C ARG V 76 -27.61 -19.66 69.62
N ILE V 77 -27.10 -19.97 70.81
CA ILE V 77 -27.02 -21.37 71.23
C ILE V 77 -28.41 -21.92 71.53
N ALA V 78 -29.33 -21.07 72.02
CA ALA V 78 -30.69 -21.54 72.30
C ALA V 78 -31.45 -21.85 71.02
N GLY V 79 -31.33 -21.01 70.00
CA GLY V 79 -31.95 -21.30 68.72
C GLY V 79 -31.33 -22.47 68.01
N GLU V 80 -30.00 -22.64 68.14
CA GLU V 80 -29.32 -23.80 67.56
C GLU V 80 -29.79 -25.09 68.21
N ALA V 81 -29.92 -25.11 69.54
CA ALA V 81 -30.40 -26.29 70.23
C ALA V 81 -31.88 -26.55 69.97
N SER V 82 -32.66 -25.49 69.78
CA SER V 82 -34.08 -25.66 69.47
C SER V 82 -34.27 -26.26 68.08
N ARG V 83 -33.44 -25.83 67.12
CA ARG V 83 -33.51 -26.42 65.78
C ARG V 83 -32.95 -27.84 65.78
N LEU V 84 -31.96 -28.12 66.64
CA LEU V 84 -31.46 -29.48 66.84
C LEU V 84 -32.53 -30.39 67.40
N ALA V 85 -33.32 -29.88 68.35
CA ALA V 85 -34.41 -30.67 68.90
C ALA V 85 -35.53 -30.85 67.88
N HIS V 86 -35.82 -29.82 67.09
CA HIS V 86 -36.86 -29.91 66.08
C HIS V 86 -36.48 -30.83 64.93
N TYR V 87 -35.17 -30.96 64.66
CA TYR V 87 -34.70 -31.82 63.57
C TYR V 87 -34.79 -33.30 63.90
N ASN V 88 -34.70 -33.67 65.18
CA ASN V 88 -34.71 -35.07 65.58
C ASN V 88 -36.07 -35.52 66.11
N LYS V 89 -37.14 -34.78 65.77
CA LYS V 89 -38.52 -35.07 66.19
C LYS V 89 -38.66 -35.14 67.71
N ARG V 90 -38.01 -34.21 68.40
CA ARG V 90 -38.00 -34.17 69.85
C ARG V 90 -38.54 -32.83 70.34
N SER V 91 -39.48 -32.87 71.28
CA SER V 91 -40.02 -31.67 71.88
C SER V 91 -39.35 -31.33 73.20
N THR V 92 -38.38 -32.15 73.64
CA THR V 92 -37.73 -32.00 74.94
C THR V 92 -36.32 -31.50 74.73
N ILE V 93 -36.05 -30.25 75.13
CA ILE V 93 -34.71 -29.68 75.05
C ILE V 93 -34.02 -29.93 76.39
N THR V 94 -33.19 -30.97 76.45
CA THR V 94 -32.40 -31.29 77.64
C THR V 94 -31.06 -30.57 77.58
N SER V 95 -30.12 -30.98 78.45
CA SER V 95 -28.78 -30.44 78.39
C SER V 95 -28.00 -30.96 77.19
N ARG V 96 -28.40 -32.11 76.66
CA ARG V 96 -27.71 -32.68 75.49
C ARG V 96 -27.92 -31.82 74.25
N GLU V 97 -29.09 -31.18 74.14
CA GLU V 97 -29.38 -30.32 73.00
C GLU V 97 -28.50 -29.07 73.01
N ILE V 98 -28.41 -28.41 74.17
CA ILE V 98 -27.53 -27.25 74.32
C ILE V 98 -26.07 -27.68 74.19
N GLN V 99 -25.76 -28.92 74.59
CA GLN V 99 -24.40 -29.44 74.51
C GLN V 99 -23.96 -29.60 73.06
N THR V 100 -24.79 -30.22 72.23
CA THR V 100 -24.44 -30.37 70.83
C THR V 100 -24.59 -29.05 70.08
N ALA V 101 -25.40 -28.11 70.60
CA ALA V 101 -25.38 -26.76 70.03
C ALA V 101 -24.08 -26.03 70.34
N VAL V 102 -23.50 -26.29 71.52
CA VAL V 102 -22.20 -25.71 71.85
C VAL V 102 -21.10 -26.36 71.01
N ARG V 103 -21.18 -27.68 70.81
CA ARG V 103 -20.21 -28.37 69.97
C ARG V 103 -20.36 -27.99 68.49
N LEU V 104 -21.54 -27.56 68.08
CA LEU V 104 -21.75 -27.08 66.72
C LEU V 104 -21.21 -25.65 66.56
N LEU V 105 -21.64 -24.73 67.42
CA LEU V 105 -21.38 -23.31 67.19
C LEU V 105 -19.95 -22.93 67.56
N LEU V 106 -19.51 -23.29 68.77
CA LEU V 106 -18.21 -22.86 69.25
C LEU V 106 -17.09 -23.69 68.61
N PRO V 107 -15.92 -23.08 68.37
CA PRO V 107 -14.79 -23.84 67.84
C PRO V 107 -14.24 -24.82 68.88
N GLY V 108 -13.50 -25.82 68.36
CA GLY V 108 -13.11 -27.05 69.03
C GLY V 108 -12.65 -27.02 70.49
N GLU V 109 -11.59 -26.28 70.79
CA GLU V 109 -11.12 -26.19 72.17
C GLU V 109 -12.08 -25.37 73.03
N LEU V 110 -12.62 -24.28 72.46
CA LEU V 110 -13.62 -23.49 73.16
C LEU V 110 -14.89 -24.29 73.41
N ALA V 111 -15.32 -25.06 72.41
CA ALA V 111 -16.51 -25.90 72.56
C ALA V 111 -16.27 -27.02 73.56
N LYS V 112 -15.05 -27.57 73.61
CA LYS V 112 -14.74 -28.63 74.56
C LYS V 112 -14.71 -28.10 75.99
N HIS V 113 -14.13 -26.91 76.19
CA HIS V 113 -14.10 -26.32 77.52
C HIS V 113 -15.49 -25.92 78.00
N ALA V 114 -16.33 -25.39 77.09
CA ALA V 114 -17.70 -25.08 77.45
C ALA V 114 -18.51 -26.36 77.69
N VAL V 115 -18.19 -27.45 77.00
CA VAL V 115 -18.85 -28.74 77.25
C VAL V 115 -18.52 -29.25 78.64
N SER V 116 -17.24 -29.16 79.05
CA SER V 116 -16.86 -29.64 80.37
C SER V 116 -17.45 -28.76 81.48
N GLU V 117 -17.44 -27.44 81.28
CA GLU V 117 -18.00 -26.53 82.27
C GLU V 117 -19.51 -26.69 82.39
N GLY V 118 -20.20 -26.81 81.26
CA GLY V 118 -21.64 -26.97 81.30
C GLY V 118 -22.07 -28.31 81.85
N THR V 119 -21.30 -29.37 81.57
CA THR V 119 -21.62 -30.69 82.12
C THR V 119 -21.37 -30.72 83.63
N LYS V 120 -20.33 -30.02 84.09
CA LYS V 120 -20.09 -29.87 85.53
C LYS V 120 -21.24 -29.15 86.22
N ALA V 121 -21.73 -28.07 85.59
CA ALA V 121 -22.85 -27.33 86.18
C ALA V 121 -24.16 -28.12 86.11
N VAL V 122 -24.36 -28.90 85.05
CA VAL V 122 -25.57 -29.70 84.93
C VAL V 122 -25.59 -30.82 85.98
N THR V 123 -24.43 -31.44 86.23
CA THR V 123 -24.35 -32.45 87.29
C THR V 123 -24.51 -31.83 88.66
N LYS V 124 -23.97 -30.61 88.86
CA LYS V 124 -24.14 -29.92 90.14
C LYS V 124 -25.59 -29.50 90.38
N TYR V 125 -26.33 -29.19 89.32
CA TYR V 125 -27.73 -28.82 89.49
C TYR V 125 -28.62 -30.05 89.67
N THR V 126 -28.35 -31.12 88.92
CA THR V 126 -29.17 -32.33 89.02
C THR V 126 -28.84 -33.14 90.25
N SER V 127 -27.70 -32.90 90.89
CA SER V 127 -27.45 -33.51 92.20
C SER V 127 -28.38 -32.93 93.26
N ALA V 128 -28.71 -31.65 93.14
CA ALA V 128 -29.67 -31.01 94.04
C ALA V 128 -31.06 -31.03 93.41
N LYS V 129 -32.00 -30.36 94.07
CA LYS V 129 -33.38 -30.30 93.58
C LYS V 129 -34.04 -28.98 93.99
N HIS W 43 12.47 21.99 57.24
CA HIS W 43 12.73 21.12 56.10
C HIS W 43 11.42 20.61 55.50
N ARG W 44 11.52 19.62 54.62
CA ARG W 44 10.37 19.05 53.94
C ARG W 44 10.26 17.57 54.24
N TYR W 45 9.08 17.14 54.68
CA TYR W 45 8.84 15.73 54.94
C TYR W 45 8.67 14.95 53.63
N ARG W 46 9.02 13.67 53.68
CA ARG W 46 8.86 12.83 52.50
C ARG W 46 7.39 12.45 52.30
N PRO W 47 6.93 12.38 51.06
CA PRO W 47 5.54 11.95 50.81
C PRO W 47 5.34 10.47 51.06
N GLY W 48 4.68 10.13 52.16
CA GLY W 48 4.40 8.75 52.48
C GLY W 48 4.58 8.37 53.94
N THR W 49 5.43 9.10 54.65
CA THR W 49 5.71 8.80 56.06
C THR W 49 4.80 9.57 57.02
N VAL W 50 4.28 10.72 56.59
CA VAL W 50 3.26 11.40 57.39
C VAL W 50 1.97 10.61 57.38
N ALA W 51 1.69 9.92 56.27
CA ALA W 51 0.55 9.00 56.21
C ALA W 51 0.74 7.85 57.19
N LEU W 52 1.95 7.31 57.28
CA LEU W 52 2.21 6.22 58.24
C LEU W 52 2.18 6.72 59.68
N ARG W 53 2.57 7.99 59.91
CA ARG W 53 2.47 8.56 61.25
C ARG W 53 1.01 8.77 61.63
N GLU W 54 0.17 9.17 60.67
CA GLU W 54 -1.27 9.26 60.92
C GLU W 54 -1.88 7.88 61.14
N ILE W 55 -1.34 6.86 60.46
CA ILE W 55 -1.77 5.47 60.69
C ILE W 55 -1.46 5.04 62.12
N ARG W 56 -0.23 5.31 62.57
CA ARG W 56 0.18 4.96 63.93
C ARG W 56 -0.55 5.78 64.97
N ARG W 57 -0.99 7.00 64.62
CA ARG W 57 -1.77 7.80 65.56
C ARG W 57 -3.21 7.30 65.67
N TYR W 58 -3.83 7.00 64.53
CA TYR W 58 -5.24 6.62 64.54
C TYR W 58 -5.45 5.16 64.95
N GLN W 59 -4.44 4.31 64.79
CA GLN W 59 -4.57 2.91 65.16
C GLN W 59 -4.51 2.70 66.68
N LYS W 60 -3.88 3.60 67.41
CA LYS W 60 -3.84 3.53 68.86
C LYS W 60 -5.01 4.22 69.52
N SER W 61 -5.80 4.98 68.76
CA SER W 61 -6.96 5.70 69.28
C SER W 61 -8.24 5.02 68.82
N THR W 62 -9.35 5.38 69.47
CA THR W 62 -10.65 4.80 69.18
C THR W 62 -11.71 5.85 68.86
N GLU W 63 -11.32 7.11 68.69
CA GLU W 63 -12.28 8.15 68.36
C GLU W 63 -12.68 8.07 66.88
N LEU W 64 -13.86 8.61 66.59
CA LEU W 64 -14.41 8.56 65.24
C LEU W 64 -13.76 9.61 64.34
N LEU W 65 -14.02 9.49 63.05
CA LEU W 65 -13.42 10.36 62.05
C LEU W 65 -14.41 11.23 61.28
N ILE W 66 -15.70 10.88 61.29
CA ILE W 66 -16.72 11.65 60.58
C ILE W 66 -17.40 12.58 61.59
N ARG W 67 -17.67 13.80 61.16
CA ARG W 67 -18.30 14.80 62.04
C ARG W 67 -19.76 14.47 62.26
N LYS W 68 -20.29 14.90 63.40
CA LYS W 68 -21.59 14.42 63.86
C LYS W 68 -22.75 15.08 63.12
N LEU W 69 -22.71 16.41 62.96
CA LEU W 69 -23.80 17.12 62.29
C LEU W 69 -23.94 16.85 60.79
N PRO W 70 -22.87 16.79 59.97
CA PRO W 70 -23.10 16.42 58.57
C PRO W 70 -23.52 14.97 58.37
N PHE W 71 -23.01 14.03 59.18
CA PHE W 71 -23.48 12.66 59.11
C PHE W 71 -24.93 12.55 59.59
N GLN W 72 -25.31 13.34 60.58
CA GLN W 72 -26.69 13.37 61.06
C GLN W 72 -27.62 13.95 60.00
N ARG W 73 -27.16 14.99 59.30
CA ARG W 73 -27.96 15.55 58.21
C ARG W 73 -28.06 14.61 57.03
N LEU W 74 -27.01 13.83 56.77
CA LEU W 74 -27.07 12.83 55.70
C LEU W 74 -28.03 11.70 56.07
N VAL W 75 -28.00 11.26 57.33
CA VAL W 75 -28.93 10.23 57.81
C VAL W 75 -30.37 10.74 57.76
N ARG W 76 -30.58 12.01 58.13
CA ARG W 76 -31.92 12.60 58.07
C ARG W 76 -32.40 12.77 56.63
N GLU W 77 -31.51 13.12 55.70
CA GLU W 77 -31.89 13.25 54.30
C GLU W 77 -32.23 11.90 53.68
N ILE W 78 -31.45 10.86 54.02
CA ILE W 78 -31.71 9.52 53.52
C ILE W 78 -33.02 8.97 54.11
N ALA W 79 -33.32 9.30 55.37
CA ALA W 79 -34.59 8.91 55.95
C ALA W 79 -35.76 9.69 55.37
N GLN W 80 -35.59 10.98 55.08
CA GLN W 80 -36.63 11.77 54.42
C GLN W 80 -36.87 11.30 52.99
N ASP W 81 -35.88 10.67 52.36
CA ASP W 81 -36.10 9.99 51.09
C ASP W 81 -37.02 8.78 51.24
N PHE W 82 -37.12 8.21 52.46
CA PHE W 82 -37.97 7.07 52.73
C PHE W 82 -39.28 7.47 53.43
N LYS W 83 -39.20 8.21 54.54
CA LYS W 83 -40.40 8.57 55.28
C LYS W 83 -40.20 9.93 55.95
N THR W 84 -41.23 10.77 55.87
CA THR W 84 -41.19 12.10 56.48
C THR W 84 -41.51 12.05 57.96
N ASP W 85 -41.01 13.05 58.69
CA ASP W 85 -41.31 13.34 60.09
C ASP W 85 -40.95 12.17 61.01
N LEU W 86 -39.65 11.88 61.06
CA LEU W 86 -39.10 10.85 61.92
C LEU W 86 -38.13 11.48 62.92
N ARG W 87 -38.31 11.15 64.19
CA ARG W 87 -37.45 11.63 65.26
C ARG W 87 -36.34 10.62 65.51
N PHE W 88 -35.14 11.11 65.81
CA PHE W 88 -33.95 10.28 65.88
C PHE W 88 -33.34 10.37 67.28
N GLN W 89 -33.13 9.22 67.91
CA GLN W 89 -32.29 9.18 69.10
C GLN W 89 -30.83 9.37 68.69
N SER W 90 -30.06 9.99 69.59
CA SER W 90 -28.65 10.23 69.29
C SER W 90 -27.83 8.95 69.28
N SER W 91 -28.25 7.95 70.07
CA SER W 91 -27.57 6.67 70.08
C SER W 91 -27.76 5.92 68.77
N ALA W 92 -28.89 6.15 68.09
CA ALA W 92 -29.11 5.56 66.76
C ALA W 92 -28.13 6.11 65.74
N VAL W 93 -27.92 7.43 65.75
CA VAL W 93 -26.98 8.05 64.82
C VAL W 93 -25.55 7.66 65.15
N MET W 94 -25.24 7.52 66.45
CA MET W 94 -23.90 7.11 66.85
C MET W 94 -23.62 5.66 66.46
N ALA W 95 -24.61 4.78 66.62
CA ALA W 95 -24.42 3.39 66.23
C ALA W 95 -24.34 3.25 64.71
N LEU W 96 -25.13 4.05 63.98
CA LEU W 96 -25.03 4.09 62.52
C LEU W 96 -23.65 4.53 62.07
N GLN W 97 -23.10 5.58 62.69
CA GLN W 97 -21.79 6.09 62.33
C GLN W 97 -20.69 5.09 62.68
N GLU W 98 -20.79 4.43 63.83
CA GLU W 98 -19.79 3.46 64.24
C GLU W 98 -19.80 2.22 63.34
N ALA W 99 -20.98 1.67 63.05
CA ALA W 99 -21.06 0.50 62.19
C ALA W 99 -20.68 0.83 60.75
N CYS W 100 -21.00 2.03 60.29
CA CYS W 100 -20.61 2.42 58.94
C CYS W 100 -19.11 2.66 58.84
N GLU W 101 -18.50 3.19 59.90
CA GLU W 101 -17.05 3.36 59.90
C GLU W 101 -16.34 2.01 59.97
N ALA W 102 -16.94 1.03 60.66
CA ALA W 102 -16.35 -0.31 60.71
C ALA W 102 -16.47 -1.01 59.35
N TYR W 103 -17.62 -0.88 58.70
CA TYR W 103 -17.77 -1.45 57.36
C TYR W 103 -16.86 -0.77 56.35
N LEU W 104 -16.67 0.55 56.50
CA LEU W 104 -15.77 1.28 55.60
C LEU W 104 -14.31 0.92 55.84
N VAL W 105 -13.93 0.69 57.11
CA VAL W 105 -12.53 0.35 57.37
C VAL W 105 -12.25 -1.09 56.95
N GLY W 106 -13.24 -1.98 57.01
CA GLY W 106 -13.07 -3.32 56.46
C GLY W 106 -12.98 -3.29 54.93
N LEU W 107 -13.79 -2.43 54.30
CA LEU W 107 -13.72 -2.27 52.86
C LEU W 107 -12.40 -1.65 52.41
N PHE W 108 -11.85 -0.71 53.19
CA PHE W 108 -10.56 -0.13 52.86
C PHE W 108 -9.42 -1.10 53.10
N GLU W 109 -9.55 -1.99 54.09
CA GLU W 109 -8.56 -3.04 54.30
C GLU W 109 -8.53 -4.01 53.12
N ASP W 110 -9.71 -4.45 52.68
CA ASP W 110 -9.77 -5.33 51.51
C ASP W 110 -9.38 -4.61 50.22
N THR W 111 -9.63 -3.30 50.14
CA THR W 111 -9.23 -2.51 48.98
C THR W 111 -7.72 -2.36 48.91
N ASN W 112 -7.07 -2.11 50.04
CA ASN W 112 -5.60 -2.04 50.07
C ASN W 112 -4.97 -3.40 49.82
N LEU W 113 -5.61 -4.48 50.28
CA LEU W 113 -5.11 -5.83 49.97
C LEU W 113 -5.24 -6.13 48.48
N CYS W 114 -6.32 -5.69 47.86
CA CYS W 114 -6.48 -5.86 46.41
C CYS W 114 -5.48 -5.00 45.63
N ALA W 115 -5.15 -3.81 46.16
CA ALA W 115 -4.20 -2.94 45.49
C ALA W 115 -2.78 -3.50 45.58
N ILE W 116 -2.42 -4.07 46.74
CA ILE W 116 -1.12 -4.75 46.86
C ILE W 116 -1.09 -5.99 45.98
N HIS W 117 -2.24 -6.67 45.85
CA HIS W 117 -2.33 -7.83 44.97
C HIS W 117 -2.19 -7.45 43.50
N ALA W 118 -2.55 -6.21 43.13
CA ALA W 118 -2.55 -5.77 41.74
C ALA W 118 -1.22 -5.16 41.32
N LYS W 119 -0.12 -5.56 41.95
CA LYS W 119 1.23 -5.02 41.73
C LYS W 119 1.29 -3.51 41.90
N ARG W 120 0.54 -2.99 42.87
CA ARG W 120 0.40 -1.56 43.10
C ARG W 120 0.49 -1.26 44.59
N VAL W 121 0.57 0.03 44.90
CA VAL W 121 0.40 0.51 46.27
C VAL W 121 -0.67 1.59 46.37
N THR W 122 -1.06 2.22 45.27
CA THR W 122 -2.16 3.18 45.26
C THR W 122 -3.46 2.42 45.01
N ILE W 123 -4.43 2.63 45.90
CA ILE W 123 -5.71 1.95 45.75
C ILE W 123 -6.52 2.60 44.64
N MET W 124 -7.49 1.86 44.13
CA MET W 124 -8.25 2.26 42.97
C MET W 124 -9.67 1.70 43.10
N PRO W 125 -10.64 2.25 42.37
CA PRO W 125 -12.00 1.68 42.41
C PRO W 125 -12.11 0.25 41.90
N LYS W 126 -11.16 -0.21 41.06
CA LYS W 126 -11.15 -1.61 40.66
C LYS W 126 -10.84 -2.52 41.85
N ASP W 127 -10.05 -2.04 42.81
CA ASP W 127 -9.80 -2.80 44.03
C ASP W 127 -11.06 -2.94 44.87
N ILE W 128 -11.85 -1.87 44.97
CA ILE W 128 -13.12 -1.94 45.70
C ILE W 128 -14.11 -2.84 44.97
N GLN W 129 -14.08 -2.81 43.64
CA GLN W 129 -14.96 -3.67 42.84
C GLN W 129 -14.60 -5.14 43.04
N LEU W 130 -13.30 -5.47 43.05
CA LEU W 130 -12.88 -6.85 43.27
C LEU W 130 -13.20 -7.30 44.70
N ALA W 131 -13.02 -6.41 45.68
CA ALA W 131 -13.29 -6.75 47.08
C ALA W 131 -14.78 -7.00 47.31
N ARG W 132 -15.64 -6.15 46.74
CA ARG W 132 -17.08 -6.37 46.87
C ARG W 132 -17.59 -7.48 45.95
N ARG W 133 -16.82 -7.86 44.93
CA ARG W 133 -17.18 -9.01 44.11
C ARG W 133 -16.91 -10.31 44.85
N ILE W 134 -15.73 -10.42 45.48
CA ILE W 134 -15.41 -11.64 46.23
C ILE W 134 -16.21 -11.69 47.53
N ARG W 135 -16.49 -10.53 48.14
CA ARG W 135 -17.29 -10.51 49.37
C ARG W 135 -18.76 -10.83 49.11
N GLY W 136 -19.22 -10.66 47.87
CA GLY W 136 -20.59 -10.95 47.52
C GLY W 136 -21.54 -9.77 47.61
N GLU W 137 -21.03 -8.57 47.91
CA GLU W 137 -21.89 -7.39 47.97
C GLU W 137 -22.23 -6.90 46.57
N ARG W 138 -21.24 -6.60 45.76
CA ARG W 138 -21.44 -6.22 44.37
C ARG W 138 -21.36 -7.45 43.48
N ALA W 139 -22.32 -7.59 42.58
CA ALA W 139 -22.37 -8.73 41.68
C ALA W 139 -21.31 -8.62 40.59
N ASN X 29 -24.59 16.46 54.61
CA ASN X 29 -25.25 15.58 53.64
C ASN X 29 -24.24 14.67 52.96
N ILE X 30 -24.44 14.42 51.67
CA ILE X 30 -23.50 13.59 50.93
C ILE X 30 -22.21 14.35 50.62
N GLN X 31 -22.28 15.69 50.60
CA GLN X 31 -21.08 16.51 50.52
C GLN X 31 -20.52 16.88 51.88
N GLY X 32 -21.25 16.60 52.96
CA GLY X 32 -20.70 16.72 54.29
C GLY X 32 -19.66 15.67 54.61
N ILE X 33 -19.67 14.55 53.89
CA ILE X 33 -18.60 13.57 53.97
C ILE X 33 -17.46 14.09 53.10
N THR X 34 -16.54 14.82 53.72
CA THR X 34 -15.58 15.60 52.96
C THR X 34 -14.37 14.77 52.57
N LYS X 35 -13.50 15.38 51.76
CA LYS X 35 -12.28 14.70 51.30
C LYS X 35 -11.27 14.41 52.42
N PRO X 36 -10.98 15.29 53.40
CA PRO X 36 -10.13 14.84 54.51
C PRO X 36 -10.79 13.82 55.43
N ALA X 37 -12.11 13.76 55.47
CA ALA X 37 -12.78 12.72 56.26
C ALA X 37 -12.57 11.34 55.64
N ILE X 38 -12.74 11.23 54.32
CA ILE X 38 -12.45 9.97 53.63
C ILE X 38 -10.95 9.69 53.62
N ARG X 39 -10.13 10.75 53.67
CA ARG X 39 -8.69 10.56 53.82
C ARG X 39 -8.34 9.94 55.17
N ARG X 40 -9.00 10.40 56.25
CA ARG X 40 -8.80 9.80 57.57
C ARG X 40 -9.36 8.38 57.64
N LEU X 41 -10.46 8.12 56.92
CA LEU X 41 -10.99 6.76 56.85
C LEU X 41 -10.03 5.82 56.11
N ALA X 42 -9.37 6.33 55.07
CA ALA X 42 -8.37 5.52 54.37
C ALA X 42 -7.10 5.37 55.20
N ARG X 43 -6.78 6.35 56.05
CA ARG X 43 -5.67 6.21 56.98
C ARG X 43 -5.97 5.14 58.02
N ARG X 44 -7.21 5.08 58.50
CA ARG X 44 -7.61 4.00 59.39
C ARG X 44 -7.64 2.66 58.66
N GLY X 45 -7.95 2.68 57.36
CA GLY X 45 -7.94 1.46 56.58
C GLY X 45 -6.55 0.94 56.23
N GLY X 46 -5.54 1.78 56.36
CA GLY X 46 -4.19 1.38 56.01
C GLY X 46 -3.79 1.67 54.58
N VAL X 47 -4.25 2.78 54.02
CA VAL X 47 -3.97 3.14 52.64
C VAL X 47 -2.88 4.20 52.63
N LYS X 48 -1.80 3.96 51.88
CA LYS X 48 -0.72 4.93 51.74
C LYS X 48 -1.06 6.01 50.71
N ARG X 49 -1.44 5.60 49.50
CA ARG X 49 -1.77 6.53 48.43
C ARG X 49 -3.23 6.31 48.02
N ILE X 50 -4.01 7.38 48.09
CA ILE X 50 -5.45 7.35 47.79
C ILE X 50 -5.66 7.94 46.41
N SER X 51 -6.54 7.33 45.62
CA SER X 51 -6.87 7.89 44.32
C SER X 51 -7.99 8.92 44.46
N GLY X 52 -8.23 9.66 43.37
CA GLY X 52 -9.20 10.73 43.41
C GLY X 52 -10.63 10.25 43.34
N LEU X 53 -10.87 9.11 42.70
CA LEU X 53 -12.20 8.52 42.61
C LEU X 53 -12.56 7.71 43.84
N ILE X 54 -11.61 7.50 44.76
CA ILE X 54 -11.86 6.74 45.98
C ILE X 54 -12.84 7.47 46.88
N TYR X 55 -12.75 8.81 46.91
CA TYR X 55 -13.67 9.61 47.73
C TYR X 55 -15.10 9.51 47.23
N GLU X 56 -15.29 9.57 45.90
CA GLU X 56 -16.63 9.46 45.34
C GLU X 56 -17.18 8.04 45.44
N GLU X 57 -16.31 7.03 45.28
CA GLU X 57 -16.75 5.65 45.44
C GLU X 57 -17.13 5.34 46.88
N THR X 58 -16.37 5.89 47.84
CA THR X 58 -16.68 5.73 49.25
C THR X 58 -17.97 6.47 49.61
N ARG X 59 -18.20 7.63 49.00
CA ARG X 59 -19.45 8.35 49.21
C ARG X 59 -20.65 7.57 48.66
N GLY X 60 -20.49 6.93 47.50
CA GLY X 60 -21.58 6.13 46.95
C GLY X 60 -21.85 4.87 47.74
N VAL X 61 -20.79 4.18 48.19
CA VAL X 61 -20.97 2.97 48.99
C VAL X 61 -21.55 3.31 50.35
N LEU X 62 -21.10 4.42 50.95
CA LEU X 62 -21.68 4.93 52.19
C LEU X 62 -23.15 5.30 52.01
N LYS X 63 -23.50 5.91 50.87
CA LYS X 63 -24.88 6.29 50.63
C LYS X 63 -25.80 5.09 50.48
N VAL X 64 -25.37 4.07 49.72
CA VAL X 64 -26.22 2.90 49.55
C VAL X 64 -26.25 2.04 50.82
N PHE X 65 -25.19 2.02 51.62
CA PHE X 65 -25.21 1.26 52.86
C PHE X 65 -26.10 1.94 53.90
N LEU X 66 -25.99 3.26 54.03
CA LEU X 66 -26.90 4.01 54.89
C LEU X 66 -28.34 3.93 54.40
N GLU X 67 -28.54 3.85 53.08
CA GLU X 67 -29.89 3.69 52.55
C GLU X 67 -30.49 2.35 52.95
N ASN X 68 -29.70 1.27 52.85
CA ASN X 68 -30.19 -0.05 53.24
C ASN X 68 -30.48 -0.14 54.73
N VAL X 69 -29.54 0.32 55.57
CA VAL X 69 -29.72 0.20 57.02
C VAL X 69 -30.83 1.14 57.51
N ILE X 70 -30.94 2.33 56.91
CA ILE X 70 -31.95 3.29 57.33
C ILE X 70 -33.33 2.83 56.86
N ARG X 71 -33.42 2.22 55.67
CA ARG X 71 -34.70 1.68 55.21
C ARG X 71 -35.14 0.50 56.08
N ASP X 72 -34.20 -0.34 56.51
CA ASP X 72 -34.52 -1.41 57.44
C ASP X 72 -34.97 -0.87 58.80
N ALA X 73 -34.34 0.21 59.26
CA ALA X 73 -34.73 0.83 60.53
C ALA X 73 -36.10 1.50 60.42
N VAL X 74 -36.43 2.07 59.27
CA VAL X 74 -37.75 2.65 59.05
C VAL X 74 -38.81 1.55 59.04
N THR X 75 -38.49 0.40 58.42
CA THR X 75 -39.43 -0.73 58.44
C THR X 75 -39.62 -1.27 59.86
N TYR X 76 -38.54 -1.33 60.64
CA TYR X 76 -38.64 -1.79 62.02
C TYR X 76 -39.42 -0.81 62.90
N THR X 77 -39.29 0.49 62.62
CA THR X 77 -40.03 1.48 63.39
C THR X 77 -41.51 1.49 63.00
N GLU X 78 -41.81 1.28 61.71
CA GLU X 78 -43.20 1.28 61.27
C GLU X 78 -43.91 -0.01 61.66
N HIS X 79 -43.18 -1.11 61.85
CA HIS X 79 -43.80 -2.30 62.41
C HIS X 79 -44.09 -2.15 63.89
N ALA X 80 -43.33 -1.33 64.61
CA ALA X 80 -43.52 -1.14 66.05
C ALA X 80 -44.52 -0.04 66.37
N LYS X 81 -45.18 0.54 65.35
CA LYS X 81 -46.18 1.60 65.48
C LYS X 81 -45.60 2.83 66.19
N ARG X 82 -44.41 3.23 65.77
CA ARG X 82 -43.72 4.37 66.36
C ARG X 82 -43.31 5.36 65.28
N LYS X 83 -43.29 6.63 65.64
CA LYS X 83 -42.84 7.69 64.76
C LYS X 83 -41.45 8.23 65.14
N THR X 84 -40.89 7.74 66.23
CA THR X 84 -39.53 8.09 66.66
C THR X 84 -38.65 6.87 66.45
N VAL X 85 -37.69 6.99 65.53
CA VAL X 85 -36.80 5.88 65.21
C VAL X 85 -35.77 5.75 66.32
N THR X 86 -35.91 4.71 67.14
CA THR X 86 -34.99 4.47 68.24
C THR X 86 -33.75 3.73 67.75
N ALA X 87 -32.80 3.50 68.66
CA ALA X 87 -31.58 2.80 68.31
C ALA X 87 -31.79 1.30 68.17
N MET X 88 -32.86 0.76 68.76
CA MET X 88 -33.13 -0.68 68.69
C MET X 88 -33.43 -1.12 67.26
N ASP X 89 -34.06 -0.25 66.47
CA ASP X 89 -34.25 -0.54 65.04
C ASP X 89 -32.91 -0.62 64.32
N VAL X 90 -31.94 0.19 64.72
CA VAL X 90 -30.62 0.15 64.10
C VAL X 90 -29.88 -1.12 64.50
N VAL X 91 -30.02 -1.54 65.76
CA VAL X 91 -29.39 -2.79 66.21
C VAL X 91 -30.03 -3.99 65.51
N TYR X 92 -31.35 -3.97 65.32
CA TYR X 92 -32.01 -5.08 64.63
C TYR X 92 -31.68 -5.08 63.14
N ALA X 93 -31.46 -3.90 62.54
CA ALA X 93 -31.03 -3.85 61.15
C ALA X 93 -29.60 -4.33 60.99
N LEU X 94 -28.73 -4.06 61.97
CA LEU X 94 -27.37 -4.59 61.91
C LEU X 94 -27.34 -6.09 62.17
N LYS X 95 -28.27 -6.59 62.99
CA LYS X 95 -28.38 -8.04 63.19
C LYS X 95 -28.93 -8.72 61.94
N ARG X 96 -29.83 -8.04 61.21
CA ARG X 96 -30.37 -8.61 59.97
C ARG X 96 -29.32 -8.64 58.87
N GLN X 97 -28.50 -7.59 58.77
CA GLN X 97 -27.49 -7.48 57.72
C GLN X 97 -26.23 -8.30 58.00
N GLY X 98 -26.13 -8.95 59.16
CA GLY X 98 -24.95 -9.72 59.48
C GLY X 98 -23.77 -8.90 59.94
N ARG X 99 -23.99 -7.64 60.30
CA ARG X 99 -22.96 -6.73 60.79
C ARG X 99 -23.39 -6.13 62.12
N THR X 100 -23.78 -7.00 63.05
CA THR X 100 -24.35 -6.57 64.32
C THR X 100 -23.31 -5.86 65.20
N LEU X 101 -23.80 -5.00 66.08
CA LEU X 101 -22.97 -4.12 66.88
C LEU X 101 -23.17 -4.43 68.36
N TYR X 102 -22.08 -4.44 69.11
CA TYR X 102 -22.13 -4.69 70.54
C TYR X 102 -22.05 -3.36 71.30
N GLY X 103 -22.97 -3.18 72.23
CA GLY X 103 -22.97 -2.01 73.09
C GLY X 103 -24.18 -1.10 73.01
N PHE X 104 -25.28 -1.57 72.42
CA PHE X 104 -26.50 -0.75 72.33
C PHE X 104 -27.72 -1.58 72.68
N GLY X 105 -27.57 -2.47 73.66
CA GLY X 105 -28.68 -3.30 74.11
C GLY X 105 -29.02 -4.43 73.16
N GLY X 106 -28.02 -5.24 72.84
CA GLY X 106 -28.22 -6.38 71.95
C GLY X 106 -28.69 -7.61 72.70
N ALA Y 18 -67.07 -25.40 50.12
CA ALA Y 18 -65.62 -25.29 50.35
C ALA Y 18 -65.19 -26.13 51.54
N LYS Y 19 -64.78 -27.37 51.28
CA LYS Y 19 -64.35 -28.26 52.36
C LYS Y 19 -62.96 -27.89 52.86
N THR Y 20 -61.96 -27.95 51.97
CA THR Y 20 -60.60 -27.63 52.37
C THR Y 20 -60.43 -26.12 52.52
N ARG Y 21 -59.46 -25.73 53.37
CA ARG Y 21 -59.16 -24.33 53.57
C ARG Y 21 -58.40 -23.71 52.40
N SER Y 22 -57.86 -24.53 51.50
CA SER Y 22 -57.29 -24.00 50.26
C SER Y 22 -58.38 -23.41 49.37
N SER Y 23 -59.58 -23.98 49.40
CA SER Y 23 -60.71 -23.38 48.71
C SER Y 23 -61.26 -22.18 49.48
N ARG Y 24 -61.09 -22.17 50.81
CA ARG Y 24 -61.47 -21.00 51.60
C ARG Y 24 -60.56 -19.81 51.33
N ALA Y 25 -59.28 -20.07 51.08
CA ALA Y 25 -58.29 -19.04 50.85
C ALA Y 25 -58.04 -18.78 49.36
N GLY Y 26 -58.55 -19.63 48.48
CA GLY Y 26 -58.36 -19.44 47.05
C GLY Y 26 -56.94 -19.66 46.58
N LEU Y 27 -56.22 -20.58 47.23
CA LEU Y 27 -54.82 -20.84 46.91
C LEU Y 27 -54.63 -22.32 46.60
N GLN Y 28 -53.57 -22.61 45.84
CA GLN Y 28 -53.23 -23.98 45.50
C GLN Y 28 -52.38 -24.67 46.55
N PHE Y 29 -51.91 -23.94 47.56
CA PHE Y 29 -51.12 -24.49 48.65
C PHE Y 29 -52.03 -24.87 49.81
N PRO Y 30 -51.71 -25.95 50.55
CA PRO Y 30 -52.55 -26.35 51.68
C PRO Y 30 -52.46 -25.39 52.86
N VAL Y 31 -53.58 -24.73 53.17
CA VAL Y 31 -53.58 -23.76 54.26
C VAL Y 31 -53.52 -24.47 55.61
N GLY Y 32 -54.16 -25.65 55.71
CA GLY Y 32 -54.11 -26.40 56.96
C GLY Y 32 -52.74 -26.96 57.28
N ARG Y 33 -51.95 -27.26 56.25
CA ARG Y 33 -50.59 -27.75 56.48
C ARG Y 33 -49.70 -26.63 57.03
N VAL Y 34 -49.81 -25.43 56.48
CA VAL Y 34 -49.07 -24.28 56.99
C VAL Y 34 -49.56 -23.90 58.38
N HIS Y 35 -50.87 -24.08 58.63
CA HIS Y 35 -51.43 -23.79 59.95
C HIS Y 35 -50.93 -24.78 61.00
N ARG Y 36 -50.80 -26.05 60.63
CA ARG Y 36 -50.27 -27.05 61.55
C ARG Y 36 -48.76 -26.84 61.75
N LEU Y 37 -48.04 -26.43 60.71
CA LEU Y 37 -46.61 -26.19 60.83
C LEU Y 37 -46.33 -24.94 61.66
N LEU Y 38 -47.24 -23.95 61.62
CA LEU Y 38 -47.08 -22.77 62.47
C LEU Y 38 -47.53 -23.05 63.90
N ARG Y 39 -48.52 -23.93 64.08
CA ARG Y 39 -48.93 -24.30 65.42
C ARG Y 39 -47.94 -25.28 66.06
N LYS Y 40 -47.68 -26.39 65.38
CA LYS Y 40 -46.73 -27.40 65.87
C LYS Y 40 -45.34 -27.17 65.27
N GLY Y 41 -44.83 -25.96 65.46
CA GLY Y 41 -43.49 -25.63 65.03
C GLY Y 41 -42.76 -24.75 66.01
N ASN Y 42 -43.45 -24.40 67.10
CA ASN Y 42 -42.93 -23.59 68.21
C ASN Y 42 -42.41 -22.23 67.73
N TYR Y 43 -43.33 -21.44 67.18
CA TYR Y 43 -43.02 -20.08 66.74
C TYR Y 43 -43.53 -19.04 67.72
N SER Y 44 -44.79 -19.16 68.15
CA SER Y 44 -45.38 -18.27 69.14
C SER Y 44 -46.52 -19.00 69.85
N GLU Y 45 -47.14 -18.30 70.79
CA GLU Y 45 -48.26 -18.89 71.54
C GLU Y 45 -49.51 -18.97 70.67
N ARG Y 46 -49.80 -17.91 69.92
CA ARG Y 46 -50.95 -17.86 69.04
C ARG Y 46 -50.51 -17.56 67.61
N VAL Y 47 -51.26 -18.09 66.65
CA VAL Y 47 -51.02 -17.87 65.24
C VAL Y 47 -52.31 -17.36 64.62
N GLY Y 48 -52.25 -16.19 63.97
CA GLY Y 48 -53.42 -15.60 63.36
C GLY Y 48 -53.95 -16.41 62.20
N ALA Y 49 -55.22 -16.16 61.87
CA ALA Y 49 -55.88 -16.90 60.80
C ALA Y 49 -55.41 -16.48 59.41
N GLY Y 50 -54.80 -15.31 59.28
CA GLY Y 50 -54.35 -14.84 57.98
C GLY Y 50 -52.89 -15.10 57.72
N ALA Y 51 -52.14 -15.51 58.74
CA ALA Y 51 -50.72 -15.77 58.57
C ALA Y 51 -50.39 -17.02 57.77
N PRO Y 52 -51.03 -18.19 57.95
CA PRO Y 52 -50.78 -19.29 56.99
C PRO Y 52 -51.34 -19.01 55.62
N VAL Y 53 -52.42 -18.22 55.52
CA VAL Y 53 -52.93 -17.79 54.23
C VAL Y 53 -51.93 -16.90 53.52
N TYR Y 54 -51.31 -15.96 54.26
CA TYR Y 54 -50.31 -15.08 53.69
C TYR Y 54 -49.07 -15.87 53.27
N LEU Y 55 -48.67 -16.85 54.10
CA LEU Y 55 -47.51 -17.67 53.77
C LEU Y 55 -47.76 -18.56 52.57
N ALA Y 56 -48.97 -19.12 52.47
CA ALA Y 56 -49.33 -19.93 51.30
C ALA Y 56 -49.44 -19.07 50.04
N ALA Y 57 -49.86 -17.82 50.19
CA ALA Y 57 -49.90 -16.90 49.05
C ALA Y 57 -48.50 -16.54 48.57
N VAL Y 58 -47.59 -16.27 49.51
CA VAL Y 58 -46.20 -15.95 49.16
C VAL Y 58 -45.53 -17.16 48.52
N LEU Y 59 -45.79 -18.36 49.06
CA LEU Y 59 -45.24 -19.60 48.49
C LEU Y 59 -45.82 -19.88 47.11
N GLU Y 60 -47.10 -19.59 46.91
CA GLU Y 60 -47.73 -19.80 45.60
C GLU Y 60 -47.20 -18.84 44.56
N TYR Y 61 -47.02 -17.56 44.94
CA TYR Y 61 -46.45 -16.58 44.02
C TYR Y 61 -45.00 -16.90 43.68
N LEU Y 62 -44.23 -17.35 44.68
CA LEU Y 62 -42.83 -17.67 44.42
C LEU Y 62 -42.69 -18.94 43.58
N THR Y 63 -43.55 -19.93 43.80
CA THR Y 63 -43.51 -21.13 42.97
C THR Y 63 -43.98 -20.85 41.54
N ALA Y 64 -44.98 -19.97 41.37
CA ALA Y 64 -45.39 -19.58 40.02
C ALA Y 64 -44.30 -18.78 39.31
N GLU Y 65 -43.62 -17.91 40.05
CA GLU Y 65 -42.55 -17.09 39.47
C GLU Y 65 -41.34 -17.94 39.09
N ILE Y 66 -41.03 -18.96 39.88
CA ILE Y 66 -39.89 -19.81 39.51
C ILE Y 66 -40.29 -20.84 38.44
N LEU Y 67 -41.56 -21.27 38.41
CA LEU Y 67 -41.97 -22.27 37.46
C LEU Y 67 -42.26 -21.70 36.08
N GLU Y 68 -42.61 -20.40 35.99
CA GLU Y 68 -42.70 -19.75 34.69
C GLU Y 68 -41.34 -19.69 34.00
N LEU Y 69 -40.31 -19.28 34.75
CA LEU Y 69 -38.96 -19.25 34.19
C LEU Y 69 -38.40 -20.65 33.97
N ALA Y 70 -38.80 -21.62 34.80
CA ALA Y 70 -38.35 -23.00 34.59
C ALA Y 70 -39.00 -23.62 33.35
N GLY Y 71 -40.27 -23.34 33.12
CA GLY Y 71 -40.91 -23.77 31.89
C GLY Y 71 -40.38 -23.08 30.66
N ASN Y 72 -39.99 -21.80 30.80
CA ASN Y 72 -39.34 -21.10 29.69
C ASN Y 72 -37.97 -21.70 29.38
N ALA Y 73 -37.19 -22.01 30.41
CA ALA Y 73 -35.87 -22.63 30.20
C ALA Y 73 -36.01 -24.05 29.67
N ALA Y 74 -37.08 -24.75 30.02
CA ALA Y 74 -37.34 -26.05 29.40
C ALA Y 74 -37.80 -25.91 27.96
N ARG Y 75 -38.47 -24.80 27.63
CA ARG Y 75 -38.86 -24.54 26.25
C ARG Y 75 -37.67 -24.18 25.39
N ASP Y 76 -36.65 -23.51 25.96
CA ASP Y 76 -35.44 -23.22 25.19
C ASP Y 76 -34.62 -24.47 24.93
N ASN Y 77 -34.71 -25.48 25.81
CA ASN Y 77 -33.99 -26.73 25.64
C ASN Y 77 -34.81 -27.79 24.93
N LYS Y 78 -36.00 -27.43 24.42
CA LYS Y 78 -36.95 -28.32 23.74
C LYS Y 78 -37.30 -29.53 24.62
N LYS Y 79 -37.57 -29.27 25.90
CA LYS Y 79 -37.84 -30.33 26.86
C LYS Y 79 -39.17 -30.06 27.55
N THR Y 80 -39.93 -31.13 27.77
CA THR Y 80 -41.19 -31.03 28.50
C THR Y 80 -40.98 -31.13 30.01
N ARG Y 81 -40.06 -31.98 30.46
CA ARG Y 81 -39.79 -32.18 31.87
C ARG Y 81 -38.70 -31.22 32.33
N ILE Y 82 -38.98 -30.48 33.40
CA ILE Y 82 -38.02 -29.54 33.95
C ILE Y 82 -36.92 -30.32 34.67
N ILE Y 83 -35.69 -30.17 34.20
CA ILE Y 83 -34.52 -30.78 34.82
C ILE Y 83 -33.98 -29.77 35.83
N PRO Y 84 -33.10 -30.16 36.77
CA PRO Y 84 -32.50 -29.16 37.67
C PRO Y 84 -31.64 -28.10 36.97
N ARG Y 85 -31.16 -28.36 35.75
CA ARG Y 85 -30.51 -27.30 34.98
C ARG Y 85 -31.50 -26.21 34.58
N HIS Y 86 -32.75 -26.59 34.31
CA HIS Y 86 -33.79 -25.60 34.00
C HIS Y 86 -34.13 -24.76 35.23
N LEU Y 87 -34.17 -25.39 36.41
CA LEU Y 87 -34.40 -24.63 37.65
C LEU Y 87 -33.21 -23.75 37.99
N GLN Y 88 -32.00 -24.18 37.66
CA GLN Y 88 -30.81 -23.35 37.87
C GLN Y 88 -30.84 -22.13 36.94
N LEU Y 89 -31.24 -22.34 35.67
CA LEU Y 89 -31.41 -21.22 34.76
C LEU Y 89 -32.53 -20.29 35.22
N ALA Y 90 -33.58 -20.87 35.83
CA ALA Y 90 -34.69 -20.07 36.32
C ALA Y 90 -34.30 -19.20 37.51
N ILE Y 91 -33.47 -19.73 38.42
CA ILE Y 91 -33.04 -18.91 39.54
C ILE Y 91 -31.89 -17.99 39.16
N ARG Y 92 -31.20 -18.24 38.05
CA ARG Y 92 -30.10 -17.36 37.67
C ARG Y 92 -30.49 -16.26 36.69
N ASN Y 93 -31.62 -16.39 35.97
CA ASN Y 93 -31.99 -15.30 35.07
C ASN Y 93 -32.62 -14.13 35.81
N ASP Y 94 -33.44 -14.41 36.83
CA ASP Y 94 -34.12 -13.37 37.58
C ASP Y 94 -33.22 -12.88 38.70
N GLU Y 95 -33.02 -11.56 38.78
CA GLU Y 95 -32.16 -10.99 39.81
C GLU Y 95 -32.85 -11.02 41.17
N GLU Y 96 -34.17 -10.81 41.20
CA GLU Y 96 -34.89 -10.82 42.47
C GLU Y 96 -35.03 -12.22 43.04
N LEU Y 97 -35.01 -13.25 42.17
CA LEU Y 97 -34.93 -14.62 42.66
C LEU Y 97 -33.50 -15.01 42.99
N ASN Y 98 -32.52 -14.32 42.40
CA ASN Y 98 -31.12 -14.57 42.74
C ASN Y 98 -30.77 -13.96 44.09
N LYS Y 99 -31.43 -12.87 44.48
CA LYS Y 99 -31.16 -12.26 45.77
C LYS Y 99 -31.68 -13.11 46.91
N LEU Y 100 -32.75 -13.86 46.69
CA LEU Y 100 -33.27 -14.75 47.73
C LEU Y 100 -32.40 -16.00 47.87
N LEU Y 101 -31.79 -16.46 46.78
CA LEU Y 101 -30.99 -17.67 46.81
C LEU Y 101 -29.55 -17.39 46.40
N GLY Y 102 -28.94 -16.35 46.98
CA GLY Y 102 -27.58 -15.99 46.60
C GLY Y 102 -26.55 -16.97 47.13
N ARG Y 103 -26.69 -17.38 48.39
CA ARG Y 103 -25.80 -18.36 49.00
C ARG Y 103 -26.47 -19.72 49.10
N VAL Y 104 -27.33 -20.04 48.15
CA VAL Y 104 -28.07 -21.30 48.12
C VAL Y 104 -27.65 -22.06 46.86
N THR Y 105 -27.13 -23.27 47.05
CA THR Y 105 -26.70 -24.12 45.95
C THR Y 105 -27.85 -25.04 45.55
N ILE Y 106 -28.02 -25.23 44.23
CA ILE Y 106 -28.99 -26.15 43.69
C ILE Y 106 -28.24 -27.37 43.16
N ALA Y 107 -28.63 -28.55 43.64
CA ALA Y 107 -27.97 -29.79 43.25
C ALA Y 107 -28.29 -30.14 41.80
N GLN Y 108 -27.27 -30.63 41.08
CA GLN Y 108 -27.32 -31.00 39.66
C GLN Y 108 -27.77 -29.85 38.75
N GLY Y 109 -27.47 -28.61 39.14
CA GLY Y 109 -27.80 -27.46 38.33
C GLY Y 109 -26.58 -26.79 37.74
N GLY Y 110 -25.48 -26.79 38.49
CA GLY Y 110 -24.25 -26.17 38.02
C GLY Y 110 -24.26 -24.67 38.18
N VAL Y 111 -23.30 -24.04 37.52
CA VAL Y 111 -23.15 -22.60 37.53
C VAL Y 111 -23.36 -22.07 36.12
N LEU Y 112 -23.41 -20.75 36.00
CA LEU Y 112 -23.55 -20.12 34.70
C LEU Y 112 -22.23 -20.17 33.93
N PRO Y 113 -22.29 -20.28 32.60
CA PRO Y 113 -21.05 -20.24 31.80
C PRO Y 113 -20.45 -18.85 31.82
N ASN Y 114 -19.31 -18.71 32.50
CA ASN Y 114 -18.65 -17.42 32.69
C ASN Y 114 -17.26 -17.48 32.07
N ILE Y 115 -17.12 -16.90 30.88
CA ILE Y 115 -15.83 -16.72 30.23
C ILE Y 115 -15.33 -15.33 30.55
N GLN Y 116 -14.12 -15.25 31.10
CA GLN Y 116 -13.60 -13.99 31.62
C GLN Y 116 -13.03 -13.15 30.47
N ALA Y 117 -12.39 -12.03 30.83
CA ALA Y 117 -12.04 -11.01 29.83
C ALA Y 117 -10.76 -11.35 29.07
N VAL Y 118 -9.63 -11.44 29.78
CA VAL Y 118 -8.33 -11.55 29.12
C VAL Y 118 -7.97 -12.98 28.75
N LEU Y 119 -8.88 -13.94 28.90
CA LEU Y 119 -8.58 -15.34 28.59
C LEU Y 119 -8.45 -15.58 27.09
N LEU Y 120 -8.94 -14.67 26.25
CA LEU Y 120 -8.75 -14.80 24.82
C LEU Y 120 -7.31 -14.50 24.45
N PRO Y 121 -6.67 -15.34 23.64
CA PRO Y 121 -5.27 -15.10 23.25
C PRO Y 121 -5.16 -14.02 22.19
N LYS Y 122 -3.98 -13.43 22.11
CA LYS Y 122 -3.71 -12.38 21.15
C LYS Y 122 -3.13 -12.94 19.85
N SER Z 36 -43.96 -44.42 55.89
CA SER Z 36 -45.33 -44.05 56.21
C SER Z 36 -45.76 -42.81 55.42
N ARG Z 37 -46.70 -42.04 55.99
CA ARG Z 37 -47.22 -40.85 55.32
C ARG Z 37 -46.20 -39.72 55.48
N LYS Z 38 -45.46 -39.44 54.41
CA LYS Z 38 -44.50 -38.34 54.36
C LYS Z 38 -45.13 -37.23 53.53
N GLU Z 39 -45.57 -36.17 54.19
CA GLU Z 39 -46.26 -35.08 53.51
C GLU Z 39 -45.26 -34.22 52.74
N SER Z 40 -45.67 -33.81 51.54
CA SER Z 40 -44.82 -32.99 50.68
C SER Z 40 -45.72 -32.07 49.86
N TYR Z 41 -45.08 -31.26 49.02
CA TYR Z 41 -45.77 -30.31 48.15
C TYR Z 41 -45.75 -30.76 46.69
N SER Z 42 -45.89 -32.06 46.43
CA SER Z 42 -45.71 -32.60 45.09
C SER Z 42 -46.86 -32.20 44.16
N ILE Z 43 -48.08 -32.59 44.51
CA ILE Z 43 -49.21 -32.32 43.63
C ILE Z 43 -49.63 -30.86 43.68
N TYR Z 44 -49.27 -30.13 44.74
CA TYR Z 44 -49.52 -28.69 44.77
C TYR Z 44 -48.64 -27.96 43.77
N VAL Z 45 -47.36 -28.33 43.70
CA VAL Z 45 -46.45 -27.79 42.69
C VAL Z 45 -46.87 -28.27 41.30
N TYR Z 46 -47.42 -29.48 41.19
CA TYR Z 46 -47.99 -29.98 39.93
C TYR Z 46 -49.14 -29.09 39.46
N LYS Z 47 -50.04 -28.73 40.38
CA LYS Z 47 -51.18 -27.88 40.05
C LYS Z 47 -50.73 -26.46 39.70
N VAL Z 48 -49.72 -25.95 40.41
CA VAL Z 48 -49.20 -24.61 40.12
C VAL Z 48 -48.52 -24.59 38.74
N LEU Z 49 -47.77 -25.65 38.41
CA LEU Z 49 -47.13 -25.74 37.10
C LEU Z 49 -48.14 -25.91 35.98
N LYS Z 50 -49.19 -26.69 36.21
CA LYS Z 50 -50.25 -26.83 35.21
C LYS Z 50 -51.06 -25.55 35.08
N GLN Z 51 -51.12 -24.74 36.13
CA GLN Z 51 -51.73 -23.43 36.01
C GLN Z 51 -50.87 -22.49 35.19
N VAL Z 52 -49.55 -22.59 35.33
CA VAL Z 52 -48.64 -21.71 34.60
C VAL Z 52 -48.33 -22.26 33.21
N HIS Z 53 -47.78 -23.47 33.12
CA HIS Z 53 -47.43 -24.10 31.85
C HIS Z 53 -48.04 -25.50 31.80
N PRO Z 54 -49.20 -25.65 31.15
CA PRO Z 54 -49.89 -26.95 31.17
C PRO Z 54 -49.20 -28.03 30.34
N ASP Z 55 -48.31 -27.66 29.43
CA ASP Z 55 -47.57 -28.63 28.62
C ASP Z 55 -46.12 -28.77 29.09
N THR Z 56 -45.89 -28.72 30.40
CA THR Z 56 -44.55 -28.78 30.96
C THR Z 56 -44.55 -29.64 32.22
N GLY Z 57 -43.63 -30.60 32.26
CA GLY Z 57 -43.46 -31.44 33.43
C GLY Z 57 -42.26 -31.03 34.27
N ILE Z 58 -42.05 -31.76 35.36
CA ILE Z 58 -41.00 -31.46 36.32
C ILE Z 58 -40.44 -32.76 36.87
N SER Z 59 -39.11 -32.81 37.05
CA SER Z 59 -38.44 -34.02 37.51
C SER Z 59 -38.59 -34.18 39.01
N SER Z 60 -38.29 -35.39 39.49
CA SER Z 60 -38.40 -35.68 40.92
C SER Z 60 -37.26 -35.06 41.71
N LYS Z 61 -36.07 -34.96 41.11
CA LYS Z 61 -34.98 -34.21 41.73
C LYS Z 61 -35.32 -32.72 41.75
N ALA Z 62 -35.90 -32.22 40.66
CA ALA Z 62 -36.42 -30.86 40.65
C ALA Z 62 -37.59 -30.69 41.60
N MET Z 63 -38.37 -31.76 41.82
CA MET Z 63 -39.44 -31.72 42.83
C MET Z 63 -38.85 -31.61 44.24
N GLY Z 64 -37.76 -32.32 44.51
CA GLY Z 64 -37.10 -32.20 45.81
C GLY Z 64 -36.49 -30.81 45.99
N ILE Z 65 -35.95 -30.24 44.91
CA ILE Z 65 -35.42 -28.88 44.94
C ILE Z 65 -36.53 -27.87 45.22
N MET Z 66 -37.69 -28.04 44.58
CA MET Z 66 -38.81 -27.14 44.78
C MET Z 66 -39.39 -27.28 46.19
N ASN Z 67 -39.45 -28.50 46.71
CA ASN Z 67 -39.96 -28.72 48.06
C ASN Z 67 -39.01 -28.15 49.11
N SER Z 68 -37.70 -28.30 48.93
CA SER Z 68 -36.74 -27.68 49.83
C SER Z 68 -36.76 -26.17 49.72
N PHE Z 69 -37.02 -25.63 48.53
CA PHE Z 69 -37.17 -24.18 48.36
C PHE Z 69 -38.40 -23.67 49.11
N VAL Z 70 -39.52 -24.39 49.01
CA VAL Z 70 -40.75 -24.02 49.70
C VAL Z 70 -40.55 -24.07 51.21
N ASN Z 71 -39.92 -25.15 51.70
CA ASN Z 71 -39.68 -25.30 53.13
C ASN Z 71 -38.69 -24.27 53.67
N ASP Z 72 -37.65 -23.94 52.90
CA ASP Z 72 -36.67 -22.96 53.35
C ASP Z 72 -37.26 -21.55 53.36
N ILE Z 73 -38.06 -21.21 52.34
CA ILE Z 73 -38.71 -19.89 52.31
C ILE Z 73 -39.71 -19.75 53.46
N PHE Z 74 -40.50 -20.81 53.70
CA PHE Z 74 -41.49 -20.79 54.78
C PHE Z 74 -40.81 -20.68 56.14
N GLU Z 75 -39.72 -21.45 56.35
CA GLU Z 75 -39.01 -21.40 57.62
C GLU Z 75 -38.32 -20.05 57.84
N ARG Z 76 -37.76 -19.46 56.77
CA ARG Z 76 -37.09 -18.17 56.88
C ARG Z 76 -38.07 -17.05 57.21
N ILE Z 77 -39.20 -16.99 56.49
CA ILE Z 77 -40.17 -15.93 56.76
C ILE Z 77 -40.86 -16.14 58.10
N ALA Z 78 -41.08 -17.41 58.49
CA ALA Z 78 -41.69 -17.69 59.80
C ALA Z 78 -40.74 -17.33 60.95
N GLY Z 79 -39.45 -17.60 60.79
CA GLY Z 79 -38.50 -17.20 61.82
C GLY Z 79 -38.32 -15.70 61.91
N GLU Z 80 -38.34 -15.01 60.76
CA GLU Z 80 -38.26 -13.55 60.76
C GLU Z 80 -39.48 -12.92 61.41
N ALA Z 81 -40.67 -13.47 61.14
CA ALA Z 81 -41.88 -12.94 61.75
C ALA Z 81 -41.97 -13.29 63.24
N SER Z 82 -41.41 -14.45 63.64
CA SER Z 82 -41.36 -14.78 65.06
C SER Z 82 -40.42 -13.86 65.82
N ARG Z 83 -39.28 -13.51 65.20
CA ARG Z 83 -38.37 -12.54 65.80
C ARG Z 83 -38.99 -11.14 65.84
N LEU Z 84 -39.75 -10.78 64.81
CA LEU Z 84 -40.42 -9.48 64.79
C LEU Z 84 -41.54 -9.41 65.82
N ALA Z 85 -42.22 -10.54 66.07
CA ALA Z 85 -43.24 -10.59 67.11
C ALA Z 85 -42.61 -10.55 68.49
N HIS Z 86 -41.45 -11.20 68.66
CA HIS Z 86 -40.74 -11.14 69.94
C HIS Z 86 -40.17 -9.75 70.19
N TYR Z 87 -39.86 -9.00 69.13
CA TYR Z 87 -39.37 -7.64 69.31
C TYR Z 87 -40.51 -6.65 69.59
N ASN Z 88 -41.72 -6.98 69.14
CA ASN Z 88 -42.88 -6.09 69.28
C ASN Z 88 -43.67 -6.34 70.54
N LYS Z 89 -43.18 -7.21 71.44
CA LYS Z 89 -43.84 -7.59 72.70
C LYS Z 89 -45.24 -8.16 72.47
N ARG Z 90 -45.41 -8.89 71.36
CA ARG Z 90 -46.68 -9.49 71.00
C ARG Z 90 -46.47 -10.97 70.75
N SER Z 91 -47.19 -11.82 71.49
CA SER Z 91 -47.03 -13.26 71.40
C SER Z 91 -47.96 -13.90 70.38
N THR Z 92 -48.58 -13.11 69.51
CA THR Z 92 -49.35 -13.64 68.39
C THR Z 92 -48.67 -13.27 67.08
N ILE Z 93 -49.00 -14.01 66.03
CA ILE Z 93 -48.44 -13.79 64.70
C ILE Z 93 -49.62 -13.55 63.75
N THR Z 94 -49.90 -12.28 63.45
CA THR Z 94 -50.96 -11.94 62.53
C THR Z 94 -50.38 -11.82 61.11
N SER Z 95 -51.17 -11.25 60.20
CA SER Z 95 -50.70 -11.06 58.83
C SER Z 95 -49.69 -9.92 58.72
N ARG Z 96 -49.70 -8.98 59.67
CA ARG Z 96 -48.78 -7.84 59.62
C ARG Z 96 -47.34 -8.28 59.84
N GLU Z 97 -47.12 -9.27 60.70
CA GLU Z 97 -45.76 -9.73 60.97
C GLU Z 97 -45.16 -10.46 59.78
N ILE Z 98 -45.93 -11.36 59.17
CA ILE Z 98 -45.48 -12.05 57.96
C ILE Z 98 -45.31 -11.06 56.82
N GLN Z 99 -46.17 -10.04 56.77
CA GLN Z 99 -46.11 -9.02 55.73
C GLN Z 99 -44.84 -8.19 55.83
N THR Z 100 -44.49 -7.72 57.03
CA THR Z 100 -43.27 -6.96 57.16
C THR Z 100 -42.03 -7.85 57.10
N ALA Z 101 -42.15 -9.15 57.41
CA ALA Z 101 -41.05 -10.07 57.17
C ALA Z 101 -40.80 -10.27 55.68
N VAL Z 102 -41.88 -10.28 54.90
CA VAL Z 102 -41.77 -10.36 53.44
C VAL Z 102 -41.18 -9.06 52.88
N ARG Z 103 -41.60 -7.92 53.44
CA ARG Z 103 -41.08 -6.62 53.01
C ARG Z 103 -39.60 -6.45 53.36
N LEU Z 104 -39.15 -7.04 54.46
CA LEU Z 104 -37.74 -6.98 54.83
C LEU Z 104 -36.89 -7.99 54.08
N LEU Z 105 -37.44 -9.17 53.78
CA LEU Z 105 -36.63 -10.22 53.16
C LEU Z 105 -36.55 -10.06 51.64
N LEU Z 106 -37.70 -10.01 50.96
CA LEU Z 106 -37.72 -10.00 49.51
C LEU Z 106 -37.38 -8.61 48.96
N PRO Z 107 -36.70 -8.55 47.82
CA PRO Z 107 -36.41 -7.24 47.20
C PRO Z 107 -37.67 -6.63 46.60
N GLY Z 108 -37.55 -5.33 46.28
CA GLY Z 108 -38.63 -4.39 46.00
C GLY Z 108 -39.83 -4.81 45.16
N GLU Z 109 -39.62 -5.18 43.91
CA GLU Z 109 -40.73 -5.57 43.05
C GLU Z 109 -41.28 -6.94 43.45
N LEU Z 110 -40.40 -7.87 43.82
CA LEU Z 110 -40.83 -9.18 44.30
C LEU Z 110 -41.60 -9.05 45.61
N ALA Z 111 -41.12 -8.19 46.52
CA ALA Z 111 -41.82 -7.96 47.77
C ALA Z 111 -43.15 -7.25 47.54
N LYS Z 112 -43.22 -6.37 46.54
CA LYS Z 112 -44.47 -5.66 46.25
C LYS Z 112 -45.52 -6.61 45.68
N HIS Z 113 -45.12 -7.48 44.76
CA HIS Z 113 -46.05 -8.48 44.23
C HIS Z 113 -46.46 -9.48 45.30
N ALA Z 114 -45.53 -9.80 46.21
CA ALA Z 114 -45.85 -10.72 47.31
C ALA Z 114 -46.81 -10.10 48.31
N VAL Z 115 -46.65 -8.80 48.63
CA VAL Z 115 -47.56 -8.20 49.61
C VAL Z 115 -48.92 -7.97 48.97
N SER Z 116 -48.98 -7.71 47.66
CA SER Z 116 -50.29 -7.56 47.02
C SER Z 116 -51.03 -8.89 46.95
N GLU Z 117 -50.34 -9.98 46.55
CA GLU Z 117 -50.96 -11.29 46.50
C GLU Z 117 -51.36 -11.79 47.88
N GLY Z 118 -50.51 -11.52 48.89
CA GLY Z 118 -50.82 -11.97 50.23
C GLY Z 118 -51.98 -11.22 50.87
N THR Z 119 -52.02 -9.88 50.69
CA THR Z 119 -53.17 -9.13 51.20
C THR Z 119 -54.46 -9.47 50.45
N LYS Z 120 -54.36 -9.78 49.14
CA LYS Z 120 -55.52 -10.29 48.42
C LYS Z 120 -56.00 -11.62 49.00
N ALA Z 121 -55.06 -12.50 49.38
CA ALA Z 121 -55.43 -13.80 49.93
C ALA Z 121 -56.04 -13.68 51.32
N VAL Z 122 -55.52 -12.76 52.15
CA VAL Z 122 -56.10 -12.55 53.47
C VAL Z 122 -57.48 -11.93 53.37
N THR Z 123 -57.67 -10.99 52.42
CA THR Z 123 -58.98 -10.37 52.27
C THR Z 123 -60.00 -11.32 51.64
N LYS Z 124 -59.54 -12.31 50.88
CA LYS Z 124 -60.50 -13.28 50.35
C LYS Z 124 -60.61 -14.54 51.21
N TYR Z 125 -59.79 -14.68 52.25
CA TYR Z 125 -59.98 -15.72 53.24
C TYR Z 125 -60.84 -15.25 54.42
N THR Z 126 -60.64 -14.01 54.88
CA THR Z 126 -61.39 -13.51 56.03
C THR Z 126 -62.85 -13.26 55.68
N SER Z 127 -63.11 -12.80 54.46
CA SER Z 127 -64.49 -12.62 54.01
C SER Z 127 -65.17 -13.95 53.72
N ALA Z 128 -64.40 -14.99 53.43
CA ALA Z 128 -64.95 -16.31 53.14
C ALA Z 128 -64.57 -17.30 54.23
#